data_1DQ8
#
_entry.id   1DQ8
#
_cell.length_a   75.297
_cell.length_b   130.182
_cell.length_c   92.547
_cell.angle_alpha   90.00
_cell.angle_beta   106.48
_cell.angle_gamma   90.00
#
_symmetry.space_group_name_H-M   'P 1 21 1'
#
loop_
_entity.id
_entity.type
_entity.pdbx_description
1 polymer 'PROTEIN (HMG-COA REDUCTASE)'
2 non-polymer 'COENZYME A'
3 non-polymer '3-HYDROXY-3-METHYL-GLUTARIC ACID'
4 non-polymer 2,3-DIHYDROXY-1,4-DITHIOBUTANE
5 water water
#
_entity_poly.entity_id   1
_entity_poly.type   'polypeptide(L)'
_entity_poly.pdbx_seq_one_letter_code
;GAMASSVLVTQEPEIELPREPRPNEECLQILGNAEKGAKFLSDAEIIQLVNAKHIPAYKLETLIETHERGVSIRRQLLSK
KLSEPSSLQYLPYRDYNYSLVMGACCENVIGYMPIPVGVAGPLCLDEKEFQVPMATTEGCLVASTNRGCRAIGLGGGASS
RVLADGMTRGPVVRLPRACDSAEVKAWLETSEGFAVIKEAFDSTSRFARLQKLHTSIAGRNLYIRFQSRSGDAMGMNMIS
KGTEKALSKLHEYFPEMQILAVSGNYCTDKKPAAINWIEGRGKSVVCEAVIPAKVVREVLKTTTEAMIEVNINKNLVGSA
MAGSIGGYNAHAANIVTAIYIACGQDAAQNVGSSNCITLMEASGPTNEDLYISCTMPSIEIGTVGGGTNLLPQQACLQML
GVQGACKDNPGENARQLARIVCGTVMAGELSLMAALAAGHLVKSHMIHNRSKINLQDLQGACTKKTA
;
_entity_poly.pdbx_strand_id   A,B,C,D
#
loop_
_chem_comp.id
_chem_comp.type
_chem_comp.name
_chem_comp.formula
COA non-polymer 'COENZYME A' 'C21 H36 N7 O16 P3 S'
DTT non-polymer 2,3-DIHYDROXY-1,4-DITHIOBUTANE 'C4 H10 O2 S2'
MAH non-polymer '3-HYDROXY-3-METHYL-GLUTARIC ACID' 'C6 H10 O5'
#
# COMPACT_ATOMS: atom_id res chain seq x y z
N PRO A 18 1.01 47.72 -43.89
CA PRO A 18 0.58 47.08 -45.16
C PRO A 18 -0.63 46.18 -44.97
N ARG A 19 -1.52 46.55 -44.05
CA ARG A 19 -2.69 45.73 -43.78
C ARG A 19 -4.08 46.09 -44.26
N GLU A 20 -4.65 45.03 -44.83
CA GLU A 20 -5.95 44.85 -45.44
C GLU A 20 -5.44 43.60 -46.16
N PRO A 21 -5.70 42.41 -45.59
CA PRO A 21 -5.32 41.07 -46.05
C PRO A 21 -5.14 40.79 -47.53
N ARG A 22 -3.91 40.49 -47.92
CA ARG A 22 -3.57 40.15 -49.31
C ARG A 22 -3.90 38.67 -49.55
N PRO A 23 -4.12 38.28 -50.83
CA PRO A 23 -4.44 36.89 -51.18
C PRO A 23 -3.33 35.93 -50.74
N ASN A 24 -3.70 34.70 -50.44
CA ASN A 24 -2.75 33.68 -49.98
C ASN A 24 -1.56 33.46 -50.90
N GLU A 25 -1.79 33.40 -52.20
CA GLU A 25 -0.70 33.18 -53.16
C GLU A 25 0.41 34.23 -53.02
N GLU A 26 0.02 35.50 -52.92
CA GLU A 26 0.99 36.58 -52.77
C GLU A 26 1.62 36.57 -51.39
N CYS A 27 0.85 36.13 -50.40
CA CYS A 27 1.31 36.06 -49.01
C CYS A 27 2.48 35.11 -48.80
N LEU A 28 2.78 34.26 -49.79
CA LEU A 28 3.92 33.34 -49.66
C LEU A 28 5.18 34.17 -49.43
N GLN A 29 5.49 34.26 -48.14
CA GLN A 29 6.59 35.00 -47.54
C GLN A 29 7.98 35.03 -48.16
N ILE A 30 8.87 34.18 -47.64
CA ILE A 30 10.25 34.11 -48.10
C ILE A 30 10.44 33.59 -49.52
N LYS A 39 8.42 40.84 -39.32
CA LYS A 39 8.71 41.62 -40.56
C LYS A 39 7.89 41.12 -41.73
N PHE A 40 8.06 39.83 -42.06
CA PHE A 40 7.31 39.24 -43.15
C PHE A 40 5.82 39.20 -42.81
N LEU A 41 5.02 39.92 -43.62
CA LEU A 41 3.57 39.98 -43.48
C LEU A 41 2.97 40.57 -42.20
N SER A 42 1.65 40.71 -42.18
CA SER A 42 0.95 41.19 -41.00
C SER A 42 0.33 40.00 -40.28
N ASP A 43 -0.07 40.19 -39.03
CA ASP A 43 -0.68 39.13 -38.24
C ASP A 43 -1.89 38.54 -38.94
N ALA A 44 -2.78 39.43 -39.41
CA ALA A 44 -3.99 39.01 -40.11
C ALA A 44 -3.72 38.08 -41.28
N GLU A 45 -2.63 38.34 -42.01
CA GLU A 45 -2.26 37.53 -43.17
C GLU A 45 -1.71 36.16 -42.79
N ILE A 46 -0.90 36.12 -41.72
CA ILE A 46 -0.33 34.87 -41.25
C ILE A 46 -1.48 33.99 -40.75
N ILE A 47 -2.42 34.63 -40.05
CA ILE A 47 -3.60 33.95 -39.52
C ILE A 47 -4.40 33.37 -40.70
N GLN A 48 -4.56 34.18 -41.74
CA GLN A 48 -5.30 33.76 -42.93
C GLN A 48 -4.64 32.55 -43.60
N LEU A 49 -3.31 32.60 -43.73
CA LEU A 49 -2.53 31.50 -44.32
C LEU A 49 -2.69 30.22 -43.50
N VAL A 50 -2.61 30.37 -42.18
CA VAL A 50 -2.74 29.25 -41.25
C VAL A 50 -4.12 28.61 -41.38
N ASN A 51 -5.16 29.43 -41.43
CA ASN A 51 -6.51 28.92 -41.55
C ASN A 51 -6.80 28.30 -42.92
N ALA A 52 -6.39 29.02 -43.97
CA ALA A 52 -6.58 28.58 -45.36
C ALA A 52 -5.92 27.23 -45.59
N LYS A 53 -4.61 27.21 -45.50
CA LYS A 53 -3.87 25.96 -45.64
C LYS A 53 -4.00 25.39 -44.25
N HIS A 54 -3.39 24.24 -43.97
CA HIS A 54 -3.54 23.75 -42.61
C HIS A 54 -2.27 23.59 -41.82
N ILE A 55 -1.72 24.76 -41.47
CA ILE A 55 -0.51 24.87 -40.67
C ILE A 55 -1.01 24.90 -39.23
N PRO A 56 -0.93 23.76 -38.52
CA PRO A 56 -1.41 23.77 -37.14
C PRO A 56 -0.63 24.83 -36.36
N ALA A 57 -1.34 25.46 -35.42
CA ALA A 57 -0.78 26.52 -34.58
C ALA A 57 0.60 26.25 -33.94
N TYR A 58 0.89 24.99 -33.65
CA TYR A 58 2.16 24.65 -33.00
C TYR A 58 3.46 24.84 -33.80
N LYS A 59 3.35 25.07 -35.11
CA LYS A 59 4.53 25.25 -35.95
C LYS A 59 4.91 26.71 -36.20
N LEU A 60 4.15 27.64 -35.61
CA LEU A 60 4.38 29.07 -35.79
C LEU A 60 5.79 29.60 -35.65
N GLU A 61 6.50 29.20 -34.59
CA GLU A 61 7.87 29.67 -34.37
C GLU A 61 8.82 29.35 -35.52
N THR A 62 8.43 28.40 -36.37
CA THR A 62 9.24 28.03 -37.54
C THR A 62 9.28 29.20 -38.53
N LEU A 63 8.10 29.66 -38.93
CA LEU A 63 7.92 30.74 -39.90
C LEU A 63 8.30 32.13 -39.35
N ILE A 64 7.72 32.48 -38.21
CA ILE A 64 7.94 33.78 -37.59
C ILE A 64 9.37 34.13 -37.16
N GLU A 65 9.76 35.35 -37.49
CA GLU A 65 11.07 35.90 -37.18
C GLU A 65 11.39 35.92 -35.68
N THR A 66 10.39 36.12 -34.83
CA THR A 66 10.62 36.12 -33.39
C THR A 66 9.68 35.15 -32.69
N HIS A 67 10.14 34.61 -31.56
CA HIS A 67 9.34 33.68 -30.78
C HIS A 67 8.11 34.35 -30.22
N GLU A 68 8.29 35.59 -29.75
CA GLU A 68 7.20 36.36 -29.17
C GLU A 68 6.04 36.63 -30.12
N ARG A 69 6.33 36.87 -31.39
CA ARG A 69 5.26 37.12 -32.36
C ARG A 69 4.52 35.81 -32.66
N GLY A 70 5.25 34.69 -32.64
CA GLY A 70 4.61 33.40 -32.86
C GLY A 70 3.63 33.15 -31.73
N VAL A 71 4.03 33.53 -30.51
CA VAL A 71 3.19 33.37 -29.33
C VAL A 71 1.97 34.27 -29.46
N SER A 72 2.21 35.52 -29.85
CA SER A 72 1.13 36.50 -30.04
C SER A 72 0.11 36.01 -31.06
N ILE A 73 0.58 35.35 -32.12
CA ILE A 73 -0.32 34.86 -33.14
C ILE A 73 -1.16 33.67 -32.66
N ARG A 74 -0.53 32.72 -31.96
CA ARG A 74 -1.25 31.56 -31.44
C ARG A 74 -2.35 32.05 -30.49
N ARG A 75 -2.02 33.07 -29.69
CA ARG A 75 -2.96 33.66 -28.76
C ARG A 75 -4.14 34.23 -29.53
N GLN A 76 -3.88 34.89 -30.65
CA GLN A 76 -4.94 35.48 -31.45
C GLN A 76 -5.79 34.39 -32.08
N LEU A 77 -5.14 33.33 -32.54
CA LEU A 77 -5.85 32.20 -33.13
C LEU A 77 -6.71 31.54 -32.07
N LEU A 78 -6.18 31.44 -30.85
CA LEU A 78 -6.88 30.79 -29.73
C LEU A 78 -8.14 31.54 -29.30
N SER A 79 -8.01 32.86 -29.14
CA SER A 79 -9.13 33.70 -28.73
C SER A 79 -10.40 33.39 -29.49
N LYS A 80 -10.26 33.26 -30.81
CA LYS A 80 -11.39 32.98 -31.67
C LYS A 80 -12.12 31.66 -31.36
N LYS A 81 -11.44 30.74 -30.67
CA LYS A 81 -12.03 29.45 -30.31
C LYS A 81 -12.58 29.41 -28.87
N LEU A 82 -12.46 30.51 -28.14
CA LEU A 82 -12.95 30.56 -26.76
C LEU A 82 -14.34 31.18 -26.70
N SER A 83 -15.15 30.74 -25.73
CA SER A 83 -16.50 31.27 -25.55
C SER A 83 -16.44 32.68 -24.97
N GLU A 84 -15.32 32.99 -24.29
CA GLU A 84 -15.09 34.33 -23.75
C GLU A 84 -13.74 34.71 -24.35
N PRO A 85 -13.77 35.23 -25.59
CA PRO A 85 -12.59 35.66 -26.38
C PRO A 85 -11.54 36.49 -25.66
N SER A 86 -11.97 37.29 -24.69
CA SER A 86 -11.04 38.14 -23.95
C SER A 86 -10.44 37.48 -22.70
N SER A 87 -10.62 36.16 -22.55
CA SER A 87 -10.09 35.51 -21.36
C SER A 87 -8.58 35.55 -21.23
N LEU A 88 -7.87 35.67 -22.35
CA LEU A 88 -6.42 35.73 -22.32
C LEU A 88 -5.85 37.08 -21.88
N GLN A 89 -6.71 38.09 -21.79
CA GLN A 89 -6.29 39.45 -21.42
C GLN A 89 -5.26 39.55 -20.31
N TYR A 90 -5.50 38.80 -19.23
CA TYR A 90 -4.62 38.85 -18.06
C TYR A 90 -3.54 37.77 -17.98
N LEU A 91 -3.44 36.95 -19.02
CA LEU A 91 -2.42 35.92 -19.08
C LEU A 91 -1.23 36.60 -19.75
N PRO A 92 -0.17 36.91 -18.99
CA PRO A 92 1.04 37.58 -19.51
C PRO A 92 1.77 36.73 -20.56
N TYR A 93 2.52 37.40 -21.44
CA TYR A 93 3.31 36.71 -22.47
C TYR A 93 4.52 37.53 -22.95
N ARG A 94 4.43 38.85 -22.82
CA ARG A 94 5.50 39.74 -23.27
C ARG A 94 6.75 39.80 -22.40
N ASP A 95 7.88 40.09 -23.04
CA ASP A 95 9.18 40.21 -22.37
C ASP A 95 9.60 38.96 -21.61
N TYR A 96 9.66 37.85 -22.34
CA TYR A 96 10.06 36.58 -21.74
C TYR A 96 10.92 35.82 -22.74
N ASN A 97 12.01 35.24 -22.26
CA ASN A 97 12.88 34.51 -23.15
C ASN A 97 12.31 33.17 -23.58
N TYR A 98 11.65 33.17 -24.73
CA TYR A 98 11.05 31.95 -25.26
C TYR A 98 12.04 31.04 -25.97
N SER A 99 13.21 31.57 -26.33
CA SER A 99 14.21 30.77 -27.04
C SER A 99 14.69 29.61 -26.20
N LEU A 100 14.76 29.83 -24.89
CA LEU A 100 15.18 28.80 -23.93
C LEU A 100 14.07 27.78 -23.71
N VAL A 101 12.83 28.21 -23.93
CA VAL A 101 11.67 27.37 -23.75
C VAL A 101 11.41 26.48 -24.95
N MET A 102 11.39 27.07 -26.14
CA MET A 102 11.13 26.34 -27.36
C MET A 102 12.05 25.16 -27.62
N GLY A 103 11.45 24.00 -27.88
CA GLY A 103 12.22 22.81 -28.18
C GLY A 103 12.82 22.10 -26.98
N ALA A 104 12.47 22.54 -25.77
CA ALA A 104 13.04 21.91 -24.59
C ALA A 104 12.12 21.88 -23.38
N CYS A 105 11.26 22.88 -23.25
CA CYS A 105 10.41 22.97 -22.07
C CYS A 105 8.88 23.04 -22.22
N CYS A 106 8.39 23.47 -23.38
CA CYS A 106 6.95 23.59 -23.58
C CYS A 106 6.64 23.81 -25.05
N GLU A 107 5.50 23.30 -25.51
CA GLU A 107 5.07 23.44 -26.90
C GLU A 107 3.76 24.20 -26.92
N ASN A 108 3.41 24.75 -28.09
CA ASN A 108 2.15 25.48 -28.28
C ASN A 108 2.01 26.56 -27.22
N VAL A 109 3.08 27.32 -27.01
CA VAL A 109 3.12 28.34 -25.98
C VAL A 109 2.23 29.55 -26.22
N ILE A 110 1.43 29.88 -25.19
CA ILE A 110 0.53 31.02 -25.26
C ILE A 110 0.86 32.05 -24.19
N GLY A 111 1.97 31.87 -23.49
CA GLY A 111 2.34 32.81 -22.44
C GLY A 111 3.02 32.17 -21.26
N TYR A 112 2.87 32.77 -20.08
CA TYR A 112 3.47 32.24 -18.87
C TYR A 112 2.64 32.53 -17.62
N MET A 113 2.77 31.65 -16.63
CA MET A 113 2.01 31.77 -15.39
C MET A 113 2.91 32.19 -14.24
N PRO A 114 2.73 33.42 -13.71
CA PRO A 114 3.56 33.90 -12.60
C PRO A 114 3.12 33.26 -11.29
N ILE A 115 4.06 32.62 -10.60
CA ILE A 115 3.80 32.02 -9.31
C ILE A 115 4.61 32.81 -8.28
N PRO A 116 3.94 33.40 -7.28
CA PRO A 116 4.61 34.18 -6.24
C PRO A 116 5.72 33.36 -5.58
N VAL A 117 6.87 34.02 -5.36
CA VAL A 117 8.02 33.39 -4.73
C VAL A 117 8.34 34.11 -3.43
N GLY A 118 8.33 33.34 -2.33
CA GLY A 118 8.65 33.89 -1.02
C GLY A 118 9.93 33.22 -0.55
N VAL A 119 10.50 33.71 0.54
CA VAL A 119 11.74 33.14 1.05
C VAL A 119 11.68 32.77 2.54
N ALA A 120 12.22 31.60 2.89
CA ALA A 120 12.24 31.19 4.28
C ALA A 120 13.69 31.01 4.66
N GLY A 121 14.10 31.68 5.72
CA GLY A 121 15.48 31.56 6.15
C GLY A 121 15.83 32.49 7.28
N PRO A 122 17.06 32.39 7.80
CA PRO A 122 18.03 31.42 7.29
C PRO A 122 17.81 30.00 7.80
N LEU A 123 18.06 29.03 6.92
CA LEU A 123 17.96 27.63 7.30
C LEU A 123 19.39 27.25 7.68
N CYS A 124 19.60 26.92 8.96
CA CYS A 124 20.91 26.55 9.44
C CYS A 124 21.11 25.05 9.27
N LEU A 125 21.80 24.70 8.20
CA LEU A 125 22.02 23.31 7.84
C LEU A 125 23.47 22.96 7.62
N ASP A 126 23.94 21.98 8.38
CA ASP A 126 25.31 21.51 8.25
C ASP A 126 26.33 22.65 8.28
N GLU A 127 26.15 23.55 9.23
CA GLU A 127 27.06 24.67 9.44
C GLU A 127 27.01 25.78 8.39
N LYS A 128 26.01 25.71 7.52
CA LYS A 128 25.82 26.72 6.49
C LYS A 128 24.47 27.39 6.70
N GLU A 129 24.21 28.44 5.93
CA GLU A 129 22.95 29.17 6.03
C GLU A 129 22.31 29.38 4.68
N PHE A 130 21.10 28.86 4.51
CA PHE A 130 20.40 28.99 3.25
C PHE A 130 19.15 29.87 3.30
N GLN A 131 18.90 30.57 2.21
CA GLN A 131 17.71 31.42 2.08
C GLN A 131 16.94 30.60 1.05
N VAL A 132 15.92 29.89 1.51
CA VAL A 132 15.15 28.99 0.64
C VAL A 132 13.99 29.63 -0.06
N PRO A 133 14.06 29.69 -1.40
CA PRO A 133 12.99 30.27 -2.20
C PRO A 133 11.85 29.25 -2.34
N MET A 134 10.62 29.72 -2.21
CA MET A 134 9.44 28.85 -2.30
C MET A 134 8.39 29.53 -3.15
N ALA A 135 8.00 28.86 -4.24
CA ALA A 135 7.01 29.38 -5.16
C ALA A 135 5.68 28.77 -4.77
N THR A 136 4.74 29.61 -4.34
CA THR A 136 3.44 29.08 -3.91
C THR A 136 2.30 30.12 -3.98
N THR A 137 1.06 29.63 -3.86
CA THR A 137 -0.11 30.48 -3.81
C THR A 137 -0.88 30.14 -2.52
N GLU A 138 -0.29 29.28 -1.70
CA GLU A 138 -0.92 28.91 -0.43
C GLU A 138 -0.44 29.83 0.70
N GLY A 139 -1.36 30.65 1.22
CA GLY A 139 -1.01 31.55 2.30
C GLY A 139 -0.56 30.85 3.57
N CYS A 140 0.42 31.45 4.23
CA CYS A 140 1.01 30.95 5.47
C CYS A 140 2.07 29.88 5.31
N LEU A 141 2.17 29.27 4.13
CA LEU A 141 3.17 28.23 3.92
C LEU A 141 4.59 28.78 4.14
N VAL A 142 4.90 29.93 3.53
CA VAL A 142 6.22 30.53 3.67
C VAL A 142 6.45 30.99 5.11
N ALA A 143 5.44 31.65 5.67
CA ALA A 143 5.51 32.13 7.05
C ALA A 143 5.78 30.96 8.00
N SER A 144 5.08 29.84 7.79
CA SER A 144 5.24 28.66 8.64
C SER A 144 6.62 28.01 8.46
N THR A 145 7.08 27.88 7.22
CA THR A 145 8.39 27.28 6.99
C THR A 145 9.48 28.20 7.59
N ASN A 146 9.27 29.50 7.48
CA ASN A 146 10.22 30.50 8.00
C ASN A 146 10.24 30.40 9.53
N ARG A 147 9.09 30.09 10.13
CA ARG A 147 9.00 29.96 11.58
C ARG A 147 9.76 28.73 12.06
N GLY A 148 9.62 27.64 11.31
CA GLY A 148 10.32 26.41 11.65
C GLY A 148 11.81 26.66 11.52
N CYS A 149 12.22 27.37 10.47
CA CYS A 149 13.63 27.69 10.29
C CYS A 149 14.17 28.42 11.52
N ARG A 150 13.37 29.35 12.05
CA ARG A 150 13.74 30.14 13.22
C ARG A 150 14.00 29.27 14.44
N ALA A 151 13.14 28.27 14.66
CA ALA A 151 13.29 27.36 15.78
C ALA A 151 14.54 26.51 15.63
N ILE A 152 14.80 26.08 14.40
CA ILE A 152 15.97 25.26 14.11
C ILE A 152 17.24 26.08 14.33
N GLY A 153 17.21 27.34 13.89
CA GLY A 153 18.35 28.23 14.05
C GLY A 153 18.73 28.50 15.51
N LEU A 154 17.73 28.80 16.34
CA LEU A 154 17.95 29.07 17.76
C LEU A 154 18.28 27.80 18.53
N GLY A 155 18.14 26.65 17.86
CA GLY A 155 18.42 25.38 18.48
C GLY A 155 19.82 24.88 18.14
N GLY A 156 20.60 25.71 17.48
CA GLY A 156 21.95 25.28 17.15
C GLY A 156 22.09 24.63 15.79
N GLY A 157 21.08 24.75 14.94
CA GLY A 157 21.15 24.19 13.60
C GLY A 157 20.81 22.72 13.42
N ALA A 158 20.64 22.39 12.15
CA ALA A 158 20.29 21.05 11.74
C ALA A 158 21.44 20.40 10.99
N SER A 159 21.45 19.07 10.97
CA SER A 159 22.47 18.28 10.28
C SER A 159 21.75 17.28 9.37
N SER A 160 22.35 17.01 8.22
CA SER A 160 21.80 16.09 7.24
C SER A 160 22.88 15.20 6.63
N ARG A 161 22.45 14.09 6.01
CA ARG A 161 23.32 13.13 5.33
C ARG A 161 22.54 12.58 4.14
N VAL A 162 23.26 12.34 3.04
CA VAL A 162 22.70 11.75 1.83
C VAL A 162 23.08 10.28 2.01
N LEU A 163 22.05 9.43 2.06
CA LEU A 163 22.23 7.99 2.28
C LEU A 163 22.45 7.18 1.02
N ALA A 164 21.91 7.66 -0.09
CA ALA A 164 22.01 6.98 -1.36
C ALA A 164 21.69 7.96 -2.48
N ASP A 165 22.14 7.63 -3.69
CA ASP A 165 21.93 8.50 -4.83
C ASP A 165 21.90 7.70 -6.12
N GLY A 166 20.73 7.63 -6.73
CA GLY A 166 20.62 6.90 -7.99
C GLY A 166 19.23 6.94 -8.60
N MET A 167 19.16 7.50 -9.81
CA MET A 167 17.91 7.56 -10.52
C MET A 167 17.63 6.17 -11.09
N THR A 168 16.37 5.88 -11.37
CA THR A 168 16.00 4.57 -11.89
C THR A 168 15.05 4.60 -13.06
N ARG A 169 15.02 3.49 -13.77
CA ARG A 169 14.11 3.27 -14.89
C ARG A 169 13.79 1.79 -14.80
N GLY A 170 12.50 1.45 -14.77
CA GLY A 170 12.10 0.07 -14.65
C GLY A 170 11.31 -0.47 -15.83
N PRO A 171 12.00 -0.84 -16.94
CA PRO A 171 11.34 -1.38 -18.13
C PRO A 171 10.70 -2.74 -17.90
N VAL A 172 9.66 -3.05 -18.66
CA VAL A 172 9.05 -4.36 -18.60
C VAL A 172 9.49 -5.04 -19.91
N VAL A 173 9.98 -6.25 -19.74
CA VAL A 173 10.48 -7.05 -20.86
C VAL A 173 9.71 -8.37 -20.81
N ARG A 174 9.64 -9.07 -21.94
CA ARG A 174 8.89 -10.31 -21.98
C ARG A 174 9.55 -11.44 -22.79
N LEU A 175 9.51 -12.66 -22.22
CA LEU A 175 10.05 -13.86 -22.84
C LEU A 175 8.91 -14.83 -23.17
N PRO A 176 9.16 -15.83 -24.03
CA PRO A 176 8.10 -16.78 -24.37
C PRO A 176 7.53 -17.53 -23.19
N ARG A 177 8.37 -17.80 -22.20
CA ARG A 177 7.95 -18.56 -21.01
C ARG A 177 8.60 -18.04 -19.72
N ALA A 178 8.01 -18.37 -18.57
CA ALA A 178 8.55 -17.94 -17.28
C ALA A 178 9.90 -18.62 -17.02
N CYS A 179 10.09 -19.83 -17.54
CA CYS A 179 11.38 -20.50 -17.38
C CYS A 179 12.45 -19.69 -18.12
N ASP A 180 12.06 -19.00 -19.20
CA ASP A 180 13.04 -18.22 -19.97
C ASP A 180 13.35 -16.92 -19.22
N SER A 181 12.33 -16.23 -18.74
CA SER A 181 12.52 -14.99 -17.98
C SER A 181 13.34 -15.27 -16.71
N ALA A 182 13.09 -16.42 -16.08
CA ALA A 182 13.85 -16.78 -14.89
C ALA A 182 15.32 -16.94 -15.32
N GLU A 183 15.53 -17.56 -16.48
CA GLU A 183 16.88 -17.75 -17.01
C GLU A 183 17.57 -16.38 -17.21
N VAL A 184 16.85 -15.40 -17.76
CA VAL A 184 17.41 -14.05 -17.95
C VAL A 184 17.74 -13.40 -16.61
N LYS A 185 16.88 -13.61 -15.61
CA LYS A 185 17.10 -13.04 -14.28
C LYS A 185 18.36 -13.65 -13.66
N ALA A 186 18.51 -14.97 -13.76
CA ALA A 186 19.70 -15.64 -13.21
C ALA A 186 20.96 -15.07 -13.88
N TRP A 187 20.90 -14.94 -15.20
CA TRP A 187 22.01 -14.41 -16.00
C TRP A 187 22.37 -13.00 -15.55
N LEU A 188 21.36 -12.13 -15.42
CA LEU A 188 21.57 -10.74 -15.01
C LEU A 188 22.17 -10.65 -13.60
N GLU A 189 21.97 -11.69 -12.81
CA GLU A 189 22.48 -11.73 -11.46
C GLU A 189 23.91 -12.28 -11.36
N THR A 190 24.47 -12.73 -12.48
CA THR A 190 25.85 -13.22 -12.48
C THR A 190 26.79 -12.04 -12.69
N SER A 191 27.97 -12.08 -12.08
CA SER A 191 28.95 -11.00 -12.22
C SER A 191 29.28 -10.85 -13.71
N GLU A 192 29.25 -11.97 -14.41
CA GLU A 192 29.52 -12.03 -15.84
C GLU A 192 28.48 -11.19 -16.61
N GLY A 193 27.22 -11.54 -16.47
CA GLY A 193 26.14 -10.83 -17.15
C GLY A 193 25.98 -9.38 -16.73
N PHE A 194 26.18 -9.10 -15.45
CA PHE A 194 26.05 -7.73 -14.97
C PHE A 194 27.10 -6.84 -15.66
N ALA A 195 28.34 -7.29 -15.69
CA ALA A 195 29.43 -6.52 -16.30
C ALA A 195 29.16 -6.16 -17.75
N VAL A 196 28.64 -7.11 -18.53
CA VAL A 196 28.36 -6.81 -19.93
C VAL A 196 27.29 -5.73 -20.05
N ILE A 197 26.24 -5.85 -19.22
CA ILE A 197 25.13 -4.90 -19.21
C ILE A 197 25.59 -3.53 -18.75
N LYS A 198 26.39 -3.52 -17.69
CA LYS A 198 26.94 -2.27 -17.16
C LYS A 198 27.72 -1.57 -18.25
N GLU A 199 28.60 -2.32 -18.92
CA GLU A 199 29.41 -1.79 -20.00
C GLU A 199 28.53 -1.04 -21.01
N ALA A 200 27.54 -1.73 -21.57
CA ALA A 200 26.66 -1.11 -22.55
C ALA A 200 25.93 0.11 -22.02
N PHE A 201 25.48 0.02 -20.77
CA PHE A 201 24.75 1.11 -20.12
C PHE A 201 25.61 2.35 -19.98
N ASP A 202 26.76 2.20 -19.35
CA ASP A 202 27.69 3.30 -19.08
C ASP A 202 28.27 3.99 -20.30
N SER A 203 28.26 3.30 -21.45
CA SER A 203 28.80 3.83 -22.71
C SER A 203 27.94 4.96 -23.26
N THR A 204 26.74 5.09 -22.70
CA THR A 204 25.78 6.09 -23.12
C THR A 204 26.23 7.52 -22.78
N SER A 205 27.01 7.67 -21.72
CA SER A 205 27.52 8.98 -21.31
C SER A 205 28.49 8.86 -20.15
N ARG A 206 29.34 9.87 -19.99
CA ARG A 206 30.35 9.88 -18.94
C ARG A 206 29.79 9.82 -17.53
N PHE A 207 28.54 10.23 -17.36
CA PHE A 207 27.89 10.25 -16.05
C PHE A 207 27.05 9.02 -15.71
N ALA A 208 26.75 8.21 -16.73
CA ALA A 208 25.98 7.00 -16.54
C ALA A 208 26.87 5.92 -15.95
N ARG A 209 26.61 5.58 -14.70
CA ARG A 209 27.38 4.55 -14.01
C ARG A 209 26.42 3.61 -13.29
N LEU A 210 26.04 2.54 -13.98
CA LEU A 210 25.11 1.53 -13.47
C LEU A 210 25.57 0.97 -12.12
N GLN A 211 24.84 1.31 -11.07
CA GLN A 211 25.17 0.87 -9.70
C GLN A 211 24.70 -0.54 -9.45
N LYS A 212 23.44 -0.80 -9.77
CA LYS A 212 22.89 -2.12 -9.55
C LYS A 212 21.62 -2.39 -10.33
N LEU A 213 21.14 -3.62 -10.16
CA LEU A 213 19.96 -4.13 -10.83
C LEU A 213 19.02 -4.82 -9.84
N HIS A 214 17.75 -4.46 -9.87
CA HIS A 214 16.78 -5.16 -9.03
C HIS A 214 15.79 -5.72 -10.03
N THR A 215 15.62 -7.03 -10.01
CA THR A 215 14.70 -7.67 -10.93
C THR A 215 13.51 -8.32 -10.24
N SER A 216 12.38 -8.31 -10.94
CA SER A 216 11.17 -8.90 -10.43
C SER A 216 10.52 -9.63 -11.59
N ILE A 217 10.07 -10.85 -11.32
CA ILE A 217 9.41 -11.71 -12.30
C ILE A 217 7.91 -11.76 -12.08
N ALA A 218 7.15 -11.81 -13.16
CA ALA A 218 5.69 -12.00 -13.11
C ALA A 218 5.41 -12.93 -14.30
N GLY A 219 5.52 -14.23 -14.04
CA GLY A 219 5.33 -15.22 -15.08
C GLY A 219 6.42 -15.04 -16.12
N ARG A 220 6.02 -14.82 -17.36
CA ARG A 220 6.97 -14.64 -18.45
C ARG A 220 7.48 -13.22 -18.60
N ASN A 221 6.94 -12.30 -17.79
CA ASN A 221 7.36 -10.88 -17.78
C ASN A 221 8.53 -10.75 -16.83
N LEU A 222 9.40 -9.78 -17.10
CA LEU A 222 10.55 -9.53 -16.25
C LEU A 222 10.67 -8.03 -16.13
N TYR A 223 10.67 -7.53 -14.91
CA TYR A 223 10.79 -6.10 -14.64
C TYR A 223 12.23 -5.88 -14.20
N ILE A 224 12.92 -4.97 -14.87
CA ILE A 224 14.33 -4.71 -14.56
C ILE A 224 14.49 -3.25 -14.17
N ARG A 225 14.92 -3.05 -12.93
CA ARG A 225 15.11 -1.73 -12.39
C ARG A 225 16.57 -1.35 -12.50
N PHE A 226 16.89 -0.47 -13.44
CA PHE A 226 18.27 -0.01 -13.59
C PHE A 226 18.45 1.19 -12.66
N GLN A 227 19.58 1.27 -11.96
CA GLN A 227 19.81 2.42 -11.09
C GLN A 227 21.20 2.99 -11.29
N SER A 228 21.29 4.30 -11.46
CA SER A 228 22.59 4.90 -11.69
C SER A 228 22.69 6.37 -11.31
N ARG A 229 23.93 6.80 -11.00
CA ARG A 229 24.23 8.18 -10.70
C ARG A 229 23.99 8.90 -12.02
N SER A 230 23.85 10.23 -11.96
CA SER A 230 23.58 11.01 -13.15
C SER A 230 24.20 12.40 -13.02
N GLY A 231 25.34 12.48 -12.36
CA GLY A 231 25.98 13.77 -12.18
C GLY A 231 25.04 14.69 -11.43
N ASP A 232 24.86 15.90 -11.92
CA ASP A 232 23.97 16.84 -11.25
C ASP A 232 22.58 16.87 -11.88
N ALA A 233 22.37 16.03 -12.90
CA ALA A 233 21.07 16.00 -13.56
C ALA A 233 20.10 15.11 -12.79
N MET A 234 18.80 15.38 -12.90
CA MET A 234 17.78 14.56 -12.24
C MET A 234 18.01 13.16 -12.82
N GLY A 235 18.45 13.13 -14.09
CA GLY A 235 18.80 11.88 -14.74
C GLY A 235 17.78 11.07 -15.51
N MET A 236 16.52 11.51 -15.52
CA MET A 236 15.48 10.76 -16.23
C MET A 236 15.84 10.40 -17.66
N ASN A 237 16.18 11.40 -18.47
CA ASN A 237 16.54 11.16 -19.86
C ASN A 237 17.83 10.35 -20.02
N MET A 238 18.87 10.70 -19.26
CA MET A 238 20.14 9.98 -19.29
C MET A 238 20.00 8.47 -18.99
N ILE A 239 19.25 8.15 -17.93
CA ILE A 239 19.02 6.77 -17.53
C ILE A 239 18.20 5.98 -18.57
N SER A 240 17.22 6.65 -19.16
CA SER A 240 16.35 6.03 -20.17
C SER A 240 17.18 5.61 -21.37
N LYS A 241 18.05 6.49 -21.83
CA LYS A 241 18.91 6.20 -22.98
C LYS A 241 19.84 5.03 -22.64
N GLY A 242 20.45 5.10 -21.46
CA GLY A 242 21.32 4.02 -21.03
C GLY A 242 20.58 2.70 -20.89
N THR A 243 19.31 2.76 -20.47
CA THR A 243 18.52 1.54 -20.31
C THR A 243 18.22 0.94 -21.67
N GLU A 244 17.94 1.81 -22.64
CA GLU A 244 17.63 1.36 -23.99
C GLU A 244 18.81 0.64 -24.61
N LYS A 245 20.03 1.10 -24.32
CA LYS A 245 21.22 0.45 -24.87
C LYS A 245 21.56 -0.87 -24.18
N ALA A 246 21.30 -0.96 -22.88
CA ALA A 246 21.56 -2.18 -22.13
C ALA A 246 20.60 -3.29 -22.58
N LEU A 247 19.34 -2.92 -22.82
CA LEU A 247 18.34 -3.89 -23.26
C LEU A 247 18.70 -4.37 -24.66
N SER A 248 19.24 -3.46 -25.46
CA SER A 248 19.67 -3.76 -26.83
C SER A 248 20.74 -4.85 -26.74
N LYS A 249 21.67 -4.67 -25.81
CA LYS A 249 22.75 -5.61 -25.59
C LYS A 249 22.22 -6.94 -25.03
N LEU A 250 21.26 -6.85 -24.11
CA LEU A 250 20.69 -8.05 -23.48
C LEU A 250 19.94 -8.86 -24.55
N HIS A 251 19.33 -8.16 -25.49
CA HIS A 251 18.57 -8.78 -26.58
C HIS A 251 19.48 -9.65 -27.47
N GLU A 252 20.76 -9.28 -27.54
CA GLU A 252 21.71 -10.03 -28.35
C GLU A 252 21.85 -11.42 -27.73
N TYR A 253 21.91 -11.47 -26.39
CA TYR A 253 22.04 -12.72 -25.66
C TYR A 253 20.76 -13.54 -25.59
N PHE A 254 19.63 -12.86 -25.66
CA PHE A 254 18.32 -13.51 -25.62
C PHE A 254 17.46 -12.89 -26.72
N PRO A 255 17.67 -13.31 -27.98
CA PRO A 255 16.92 -12.78 -29.12
C PRO A 255 15.41 -13.00 -29.06
N GLU A 256 14.95 -13.92 -28.22
CA GLU A 256 13.52 -14.16 -28.07
C GLU A 256 12.84 -13.13 -27.13
N MET A 257 13.64 -12.34 -26.42
CA MET A 257 13.13 -11.33 -25.49
C MET A 257 12.47 -10.15 -26.21
N GLN A 258 11.26 -9.82 -25.77
CA GLN A 258 10.49 -8.72 -26.34
C GLN A 258 10.50 -7.54 -25.38
N ILE A 259 11.03 -6.41 -25.83
CA ILE A 259 11.05 -5.21 -25.01
C ILE A 259 9.67 -4.59 -25.14
N LEU A 260 8.82 -4.81 -24.14
CA LEU A 260 7.44 -4.31 -24.17
C LEU A 260 7.29 -2.80 -23.95
N ALA A 261 8.09 -2.24 -23.04
CA ALA A 261 8.05 -0.82 -22.75
C ALA A 261 9.26 -0.41 -21.91
N VAL A 262 9.93 0.64 -22.34
CA VAL A 262 11.12 1.13 -21.65
C VAL A 262 10.78 1.50 -20.19
N SER A 263 9.51 1.83 -19.95
CA SER A 263 9.06 2.08 -18.58
C SER A 263 7.83 1.20 -18.35
N GLY A 264 8.00 0.17 -17.52
CA GLY A 264 6.89 -0.70 -17.21
C GLY A 264 6.38 -0.41 -15.81
N ASN A 265 6.49 0.85 -15.39
CA ASN A 265 6.05 1.32 -14.06
C ASN A 265 6.78 0.72 -12.87
N TYR A 266 7.99 0.20 -13.09
CA TYR A 266 8.77 -0.39 -12.02
C TYR A 266 9.91 0.55 -11.55
N CYS A 267 9.94 1.76 -12.10
CA CYS A 267 10.97 2.75 -11.76
C CYS A 267 10.94 3.14 -10.28
N THR A 268 9.83 3.69 -9.76
CA THR A 268 8.58 4.01 -10.47
C THR A 268 8.55 5.53 -10.56
N ASP A 269 8.13 6.05 -11.70
CA ASP A 269 8.10 7.50 -11.87
C ASP A 269 6.72 8.17 -11.82
N LYS A 270 6.57 9.09 -10.88
CA LYS A 270 5.36 9.88 -10.73
C LYS A 270 4.06 9.18 -10.37
N LYS A 271 4.19 8.05 -9.70
CA LYS A 271 3.05 7.27 -9.21
C LYS A 271 3.46 6.74 -7.85
N PRO A 272 2.51 6.69 -6.89
CA PRO A 272 2.89 6.17 -5.58
C PRO A 272 3.33 4.71 -5.73
N ALA A 273 4.44 4.35 -5.09
CA ALA A 273 4.91 2.99 -5.16
C ALA A 273 5.79 2.62 -3.97
N ALA A 274 5.51 1.48 -3.35
CA ALA A 274 6.29 1.02 -2.21
C ALA A 274 7.74 0.82 -2.58
N ILE A 275 7.99 0.52 -3.85
CA ILE A 275 9.37 0.27 -4.25
C ILE A 275 10.31 1.48 -4.05
N ASN A 276 9.80 2.67 -4.32
CA ASN A 276 10.60 3.91 -4.12
C ASN A 276 10.87 4.16 -2.64
N TRP A 277 9.84 3.91 -1.83
CA TRP A 277 9.91 4.07 -0.39
C TRP A 277 10.95 3.12 0.22
N ILE A 278 10.92 1.87 -0.20
CA ILE A 278 11.81 0.84 0.31
C ILE A 278 13.23 0.77 -0.25
N GLU A 279 13.36 0.97 -1.56
CA GLU A 279 14.65 0.90 -2.25
C GLU A 279 15.28 2.28 -2.45
N GLY A 280 14.45 3.31 -2.38
CA GLY A 280 14.90 4.67 -2.61
C GLY A 280 14.88 4.96 -4.12
N ARG A 281 14.90 6.24 -4.49
CA ARG A 281 14.95 6.64 -5.89
C ARG A 281 15.48 8.06 -5.87
N GLY A 282 16.43 8.35 -6.73
CA GLY A 282 17.01 9.69 -6.72
C GLY A 282 17.86 9.74 -5.46
N LYS A 283 17.64 10.75 -4.63
CA LYS A 283 18.40 10.92 -3.39
C LYS A 283 17.66 10.51 -2.14
N SER A 284 18.30 9.69 -1.29
CA SER A 284 17.74 9.32 0.00
C SER A 284 18.52 10.22 0.98
N VAL A 285 17.79 11.00 1.77
CA VAL A 285 18.37 11.94 2.71
C VAL A 285 17.70 11.86 4.09
N VAL A 286 18.49 12.13 5.13
CA VAL A 286 17.96 12.16 6.49
C VAL A 286 18.44 13.49 7.07
N CYS A 287 17.59 14.10 7.90
CA CYS A 287 17.89 15.37 8.53
C CYS A 287 17.50 15.29 10.01
N GLU A 288 18.07 16.14 10.86
CA GLU A 288 17.76 16.15 12.29
C GLU A 288 18.10 17.47 12.97
N ALA A 289 17.51 17.67 14.15
CA ALA A 289 17.73 18.85 14.96
C ALA A 289 17.10 18.63 16.32
N VAL A 290 17.58 19.38 17.30
CA VAL A 290 17.06 19.34 18.65
C VAL A 290 16.64 20.78 18.93
N ILE A 291 15.38 20.95 19.31
CA ILE A 291 14.84 22.27 19.59
C ILE A 291 14.74 22.43 21.10
N PRO A 292 15.45 23.43 21.66
CA PRO A 292 15.40 23.66 23.13
C PRO A 292 13.99 23.88 23.61
N ALA A 293 13.69 23.39 24.79
CA ALA A 293 12.38 23.52 25.40
C ALA A 293 11.88 24.96 25.34
N LYS A 294 12.80 25.90 25.57
CA LYS A 294 12.45 27.32 25.54
C LYS A 294 12.04 27.76 24.15
N VAL A 295 12.81 27.36 23.14
CA VAL A 295 12.48 27.73 21.78
C VAL A 295 11.13 27.13 21.35
N VAL A 296 10.77 25.98 21.88
CA VAL A 296 9.49 25.35 21.55
C VAL A 296 8.34 26.16 22.12
N ARG A 297 8.54 26.68 23.33
CA ARG A 297 7.51 27.49 23.98
C ARG A 297 7.34 28.86 23.33
N GLU A 298 8.46 29.56 23.20
CA GLU A 298 8.47 30.91 22.66
C GLU A 298 8.22 31.09 21.17
N VAL A 299 8.95 30.33 20.36
CA VAL A 299 8.80 30.42 18.91
C VAL A 299 7.62 29.61 18.38
N LEU A 300 7.56 28.34 18.78
CA LEU A 300 6.53 27.42 18.30
C LEU A 300 5.20 27.43 19.05
N LYS A 301 5.14 28.14 20.17
CA LYS A 301 3.92 28.27 20.99
C LYS A 301 3.30 26.98 21.54
N THR A 302 4.13 26.04 21.98
CA THR A 302 3.63 24.78 22.52
C THR A 302 4.67 24.10 23.44
N THR A 303 4.53 22.81 23.69
CA THR A 303 5.48 22.08 24.52
C THR A 303 6.01 20.89 23.74
N THR A 304 7.12 20.34 24.22
CA THR A 304 7.75 19.20 23.61
C THR A 304 6.85 17.97 23.65
N GLU A 305 6.22 17.78 24.81
CA GLU A 305 5.34 16.66 25.04
C GLU A 305 4.13 16.70 24.07
N ALA A 306 3.56 17.89 23.89
CA ALA A 306 2.41 18.04 22.99
C ALA A 306 2.78 17.70 21.54
N MET A 307 3.93 18.20 21.09
CA MET A 307 4.45 17.94 19.74
C MET A 307 4.56 16.43 19.52
N ILE A 308 5.20 15.74 20.47
CA ILE A 308 5.40 14.30 20.39
C ILE A 308 4.08 13.53 20.36
N GLU A 309 3.14 13.94 21.19
CA GLU A 309 1.86 13.28 21.25
C GLU A 309 1.11 13.44 19.91
N VAL A 310 1.18 14.64 19.33
CA VAL A 310 0.55 14.87 18.04
C VAL A 310 1.31 14.12 16.93
N ASN A 311 2.65 14.11 17.00
CA ASN A 311 3.42 13.43 15.95
C ASN A 311 3.12 11.94 15.86
N ILE A 312 3.20 11.25 16.98
CA ILE A 312 2.95 9.82 17.02
C ILE A 312 1.53 9.49 16.54
N ASN A 313 0.55 10.19 17.07
CA ASN A 313 -0.84 9.92 16.75
C ASN A 313 -1.38 10.37 15.42
N LYS A 314 -0.73 11.35 14.81
CA LYS A 314 -1.09 11.84 13.49
C LYS A 314 -0.20 11.19 12.43
N ASN A 315 1.09 11.51 12.46
CA ASN A 315 2.05 11.01 11.48
C ASN A 315 2.35 9.54 11.45
N LEU A 316 2.18 8.87 12.59
CA LEU A 316 2.41 7.44 12.64
C LEU A 316 1.07 6.70 12.65
N VAL A 317 0.29 6.83 13.73
CA VAL A 317 -0.98 6.13 13.84
C VAL A 317 -2.02 6.57 12.81
N GLY A 318 -2.17 7.88 12.61
CA GLY A 318 -3.15 8.37 11.65
C GLY A 318 -2.86 7.85 10.26
N SER A 319 -1.61 8.01 9.82
CA SER A 319 -1.18 7.55 8.51
C SER A 319 -1.36 6.04 8.38
N ALA A 320 -1.12 5.33 9.47
CA ALA A 320 -1.28 3.88 9.43
C ALA A 320 -2.78 3.56 9.23
N MET A 321 -3.65 4.25 9.96
CA MET A 321 -5.10 4.03 9.86
C MET A 321 -5.62 4.37 8.45
N ALA A 322 -4.99 5.35 7.80
CA ALA A 322 -5.39 5.75 6.46
C ALA A 322 -4.84 4.84 5.36
N GLY A 323 -4.00 3.88 5.74
CA GLY A 323 -3.42 2.99 4.74
C GLY A 323 -2.39 3.69 3.86
N SER A 324 -1.49 4.41 4.51
CA SER A 324 -0.45 5.13 3.79
C SER A 324 0.82 4.33 3.60
N ILE A 325 1.43 4.50 2.43
CA ILE A 325 2.73 3.91 2.16
C ILE A 325 3.60 5.13 1.88
N GLY A 326 4.52 5.43 2.79
CA GLY A 326 5.40 6.58 2.64
C GLY A 326 4.91 7.96 3.06
N GLY A 327 3.68 8.05 3.57
CA GLY A 327 3.13 9.35 3.97
C GLY A 327 3.06 9.54 5.47
N TYR A 328 4.18 9.29 6.13
CA TYR A 328 4.26 9.41 7.58
C TYR A 328 4.78 10.79 7.97
N ASN A 329 4.10 11.81 7.45
CA ASN A 329 4.51 13.18 7.70
C ASN A 329 3.28 14.10 7.67
N ALA A 330 3.47 15.38 8.02
CA ALA A 330 2.38 16.35 8.04
C ALA A 330 2.15 17.03 6.71
N HIS A 331 3.19 17.64 6.16
CA HIS A 331 3.05 18.29 4.87
C HIS A 331 4.34 18.45 4.06
N ALA A 332 5.13 17.39 3.98
CA ALA A 332 6.36 17.46 3.17
C ALA A 332 6.07 17.95 1.75
N ALA A 333 5.00 17.44 1.16
CA ALA A 333 4.61 17.81 -0.20
C ALA A 333 4.49 19.32 -0.40
N ASN A 334 4.01 20.06 0.59
CA ASN A 334 3.91 21.51 0.46
C ASN A 334 5.28 22.12 0.23
N ILE A 335 6.25 21.70 1.06
CA ILE A 335 7.62 22.21 0.98
C ILE A 335 8.31 21.78 -0.30
N VAL A 336 8.21 20.49 -0.64
CA VAL A 336 8.82 19.95 -1.86
C VAL A 336 8.29 20.66 -3.10
N THR A 337 6.98 20.80 -3.18
CA THR A 337 6.36 21.44 -4.34
C THR A 337 6.81 22.88 -4.51
N ALA A 338 6.78 23.65 -3.44
CA ALA A 338 7.16 25.06 -3.48
C ALA A 338 8.61 25.27 -3.96
N ILE A 339 9.55 24.49 -3.39
CA ILE A 339 10.96 24.58 -3.80
C ILE A 339 11.14 24.08 -5.25
N TYR A 340 10.44 23.02 -5.61
CA TYR A 340 10.53 22.45 -6.96
C TYR A 340 10.13 23.45 -8.04
N ILE A 341 9.02 24.12 -7.81
CA ILE A 341 8.53 25.10 -8.76
C ILE A 341 9.50 26.29 -8.88
N ALA A 342 10.07 26.70 -7.75
CA ALA A 342 10.99 27.84 -7.72
C ALA A 342 12.34 27.53 -8.34
N CYS A 343 12.80 26.29 -8.17
CA CYS A 343 14.10 25.88 -8.69
C CYS A 343 14.11 25.12 -10.02
N GLY A 344 13.00 25.17 -10.76
CA GLY A 344 12.95 24.50 -12.05
C GLY A 344 12.98 22.98 -12.04
N GLN A 345 12.48 22.38 -10.98
CA GLN A 345 12.41 20.92 -10.86
C GLN A 345 11.12 20.44 -11.51
N ASP A 346 10.90 19.13 -11.52
CA ASP A 346 9.69 18.60 -12.09
C ASP A 346 8.68 18.45 -10.96
N ALA A 347 7.75 19.40 -10.89
CA ALA A 347 6.74 19.41 -9.85
C ALA A 347 5.86 18.14 -9.83
N ALA A 348 5.73 17.46 -10.97
CA ALA A 348 4.93 16.24 -10.98
C ALA A 348 5.61 15.17 -10.13
N GLN A 349 6.91 15.32 -9.91
CA GLN A 349 7.68 14.37 -9.11
C GLN A 349 7.47 14.50 -7.60
N ASN A 350 6.61 15.44 -7.24
CA ASN A 350 6.25 15.63 -5.86
C ASN A 350 5.55 14.35 -5.37
N VAL A 351 4.92 13.61 -6.30
CA VAL A 351 4.24 12.38 -5.93
C VAL A 351 5.19 11.49 -5.08
N GLY A 352 6.32 11.09 -5.64
CA GLY A 352 7.25 10.28 -4.87
C GLY A 352 8.29 11.03 -4.05
N SER A 353 8.69 12.23 -4.51
CA SER A 353 9.67 13.03 -3.80
C SER A 353 9.29 13.41 -2.37
N SER A 354 7.97 13.54 -2.15
CA SER A 354 7.39 13.87 -0.85
C SER A 354 7.43 12.78 0.19
N ASN A 355 7.70 11.54 -0.23
CA ASN A 355 7.77 10.43 0.73
C ASN A 355 8.63 10.91 1.90
N CYS A 356 8.13 10.71 3.11
CA CYS A 356 8.83 11.17 4.29
C CYS A 356 8.24 10.67 5.58
N ILE A 357 9.12 10.29 6.50
CA ILE A 357 8.64 9.90 7.82
C ILE A 357 9.31 10.86 8.81
N THR A 358 8.49 11.57 9.57
CA THR A 358 9.00 12.49 10.57
C THR A 358 8.73 11.97 11.96
N LEU A 359 9.82 11.86 12.71
CA LEU A 359 9.81 11.37 14.06
C LEU A 359 10.22 12.47 15.04
N MET A 360 9.61 12.44 16.22
CA MET A 360 9.91 13.40 17.27
C MET A 360 10.08 12.63 18.59
N GLU A 361 10.97 13.15 19.43
CA GLU A 361 11.29 12.46 20.67
C GLU A 361 11.84 13.44 21.73
N ALA A 362 11.64 13.10 22.99
CA ALA A 362 12.10 13.92 24.12
C ALA A 362 13.61 13.81 24.16
N SER A 363 14.28 14.94 24.39
CA SER A 363 15.73 14.98 24.41
C SER A 363 16.22 15.90 25.52
N GLY A 364 17.52 15.77 25.82
CA GLY A 364 18.13 16.62 26.82
C GLY A 364 18.07 16.18 28.28
N PRO A 365 18.63 17.01 29.19
CA PRO A 365 18.70 16.83 30.65
C PRO A 365 17.38 16.52 31.31
N THR A 366 16.42 17.42 31.15
CA THR A 366 15.09 17.27 31.74
C THR A 366 14.15 16.50 30.82
N ASN A 367 14.65 16.15 29.63
CA ASN A 367 13.87 15.45 28.62
C ASN A 367 12.75 16.39 28.20
N GLU A 368 13.09 17.68 28.11
CA GLU A 368 12.14 18.70 27.75
C GLU A 368 12.45 19.32 26.40
N ASP A 369 13.59 18.92 25.84
CA ASP A 369 13.97 19.41 24.52
C ASP A 369 13.36 18.48 23.49
N LEU A 370 13.21 18.97 22.26
CA LEU A 370 12.57 18.22 21.19
C LEU A 370 13.49 17.73 20.09
N TYR A 371 13.72 16.43 20.06
CA TYR A 371 14.52 15.88 18.98
C TYR A 371 13.54 15.64 17.83
N ILE A 372 13.93 15.98 16.61
CA ILE A 372 13.11 15.75 15.43
C ILE A 372 14.02 15.34 14.28
N SER A 373 13.50 14.46 13.43
CA SER A 373 14.19 13.99 12.25
C SER A 373 13.15 13.73 11.15
N CYS A 374 13.59 13.91 9.91
CA CYS A 374 12.79 13.67 8.73
C CYS A 374 13.69 12.85 7.82
N THR A 375 13.14 11.75 7.31
CA THR A 375 13.87 10.85 6.45
C THR A 375 13.08 10.76 5.15
N MET A 376 13.70 11.19 4.05
CA MET A 376 13.07 11.23 2.73
C MET A 376 13.89 10.34 1.80
N PRO A 377 13.41 9.11 1.56
CA PRO A 377 14.08 8.13 0.71
C PRO A 377 14.10 8.32 -0.79
N SER A 378 13.33 9.27 -1.31
CA SER A 378 13.28 9.39 -2.75
C SER A 378 13.11 10.78 -3.34
N ILE A 379 14.00 11.69 -2.98
CA ILE A 379 13.95 13.05 -3.54
C ILE A 379 14.53 12.98 -4.96
N GLU A 380 13.68 13.22 -5.96
CA GLU A 380 14.09 13.20 -7.36
C GLU A 380 14.38 14.64 -7.71
N ILE A 381 15.66 14.92 -7.95
CA ILE A 381 16.09 16.30 -8.14
C ILE A 381 17.36 16.44 -9.00
N GLY A 382 17.58 17.64 -9.51
CA GLY A 382 18.73 17.92 -10.35
C GLY A 382 18.93 19.41 -10.44
N THR A 383 20.12 19.85 -10.87
CA THR A 383 20.45 21.26 -10.98
C THR A 383 20.89 21.66 -12.40
N VAL A 384 20.75 20.73 -13.35
CA VAL A 384 21.10 20.97 -14.74
C VAL A 384 20.04 20.27 -15.59
N GLY A 385 19.68 20.87 -16.73
CA GLY A 385 18.68 20.26 -17.61
C GLY A 385 17.25 20.68 -17.28
N GLY A 386 16.35 20.50 -18.25
CA GLY A 386 14.95 20.85 -18.05
C GLY A 386 14.69 22.29 -17.65
N GLY A 387 13.80 22.47 -16.67
CA GLY A 387 13.45 23.81 -16.21
C GLY A 387 14.59 24.54 -15.54
N THR A 388 15.66 23.84 -15.15
CA THR A 388 16.78 24.54 -14.54
C THR A 388 17.60 25.30 -15.58
N ASN A 389 17.21 25.25 -16.84
CA ASN A 389 17.93 25.96 -17.90
C ASN A 389 17.35 27.36 -18.10
N LEU A 390 16.17 27.60 -17.54
CA LEU A 390 15.52 28.88 -17.64
C LEU A 390 16.14 29.80 -16.59
N LEU A 391 16.24 31.08 -16.94
CA LEU A 391 16.87 32.11 -16.11
C LEU A 391 16.26 32.36 -14.73
N PRO A 392 14.93 32.56 -14.65
CA PRO A 392 14.37 32.80 -13.32
C PRO A 392 14.66 31.64 -12.38
N GLN A 393 14.47 30.41 -12.86
CA GLN A 393 14.73 29.26 -11.99
C GLN A 393 16.19 29.17 -11.58
N GLN A 394 17.09 29.56 -12.49
CA GLN A 394 18.51 29.54 -12.19
C GLN A 394 18.80 30.54 -11.06
N ALA A 395 18.06 31.64 -11.03
CA ALA A 395 18.25 32.66 -9.99
C ALA A 395 17.92 32.07 -8.63
N CYS A 396 16.89 31.21 -8.58
CA CYS A 396 16.52 30.58 -7.32
C CYS A 396 17.56 29.52 -6.93
N LEU A 397 18.10 28.82 -7.93
CA LEU A 397 19.14 27.81 -7.68
C LEU A 397 20.46 28.48 -7.25
N GLN A 398 20.74 29.67 -7.79
CA GLN A 398 21.97 30.40 -7.44
C GLN A 398 21.86 30.95 -6.03
N MET A 399 20.65 31.34 -5.65
CA MET A 399 20.38 31.86 -4.31
C MET A 399 20.84 30.83 -3.26
N LEU A 400 20.73 29.56 -3.64
CA LEU A 400 21.12 28.43 -2.79
C LEU A 400 22.56 27.96 -3.07
N GLY A 401 23.20 28.53 -4.09
CA GLY A 401 24.55 28.17 -4.45
C GLY A 401 24.69 26.80 -5.08
N VAL A 402 23.62 26.31 -5.70
CA VAL A 402 23.63 24.98 -6.32
C VAL A 402 23.31 24.95 -7.80
N GLN A 403 23.34 26.10 -8.46
CA GLN A 403 23.01 26.14 -9.88
C GLN A 403 24.00 25.41 -10.77
N GLY A 404 23.48 24.73 -11.80
CA GLY A 404 24.32 24.01 -12.74
C GLY A 404 25.17 22.88 -12.18
N ALA A 405 26.05 22.36 -13.03
CA ALA A 405 26.93 21.25 -12.67
C ALA A 405 28.09 21.64 -11.76
N CYS A 406 28.46 20.71 -10.89
CA CYS A 406 29.58 20.93 -10.00
C CYS A 406 30.76 20.20 -10.65
N LYS A 407 31.46 20.90 -11.54
CA LYS A 407 32.58 20.33 -12.28
C LYS A 407 33.63 19.62 -11.44
N ASP A 408 33.89 20.14 -10.25
CA ASP A 408 34.89 19.58 -9.35
C ASP A 408 34.44 18.34 -8.57
N ASN A 409 33.13 18.20 -8.38
CA ASN A 409 32.57 17.06 -7.65
C ASN A 409 31.17 16.82 -8.23
N PRO A 410 31.09 16.21 -9.41
CA PRO A 410 29.82 15.91 -10.10
C PRO A 410 28.74 15.30 -9.20
N GLY A 411 27.58 15.94 -9.17
CA GLY A 411 26.46 15.48 -8.37
C GLY A 411 26.33 16.16 -7.02
N GLU A 412 27.35 16.92 -6.64
CA GLU A 412 27.36 17.59 -5.34
C GLU A 412 26.34 18.72 -5.20
N ASN A 413 26.06 19.42 -6.30
CA ASN A 413 25.08 20.51 -6.27
C ASN A 413 23.67 19.91 -6.08
N ALA A 414 23.41 18.79 -6.74
CA ALA A 414 22.12 18.11 -6.68
C ALA A 414 21.92 17.51 -5.27
N ARG A 415 22.98 16.93 -4.73
CA ARG A 415 22.95 16.35 -3.38
C ARG A 415 22.69 17.45 -2.38
N GLN A 416 23.37 18.58 -2.56
CA GLN A 416 23.22 19.70 -1.67
C GLN A 416 21.77 20.20 -1.67
N LEU A 417 21.17 20.29 -2.87
CA LEU A 417 19.78 20.73 -3.00
C LEU A 417 18.84 19.73 -2.30
N ALA A 418 19.14 18.43 -2.43
CA ALA A 418 18.33 17.39 -1.78
C ALA A 418 18.36 17.57 -0.26
N ARG A 419 19.56 17.86 0.27
CA ARG A 419 19.75 18.09 1.70
C ARG A 419 18.96 19.34 2.11
N ILE A 420 18.99 20.37 1.26
CA ILE A 420 18.24 21.58 1.58
C ILE A 420 16.73 21.29 1.59
N VAL A 421 16.26 20.50 0.61
CA VAL A 421 14.86 20.15 0.55
C VAL A 421 14.48 19.37 1.82
N CYS A 422 15.30 18.41 2.22
CA CYS A 422 14.98 17.63 3.42
C CYS A 422 14.99 18.51 4.67
N GLY A 423 15.94 19.47 4.72
CA GLY A 423 16.03 20.39 5.86
C GLY A 423 14.84 21.34 5.98
N THR A 424 14.43 21.90 4.83
CA THR A 424 13.29 22.81 4.77
C THR A 424 11.98 22.06 5.11
N VAL A 425 11.88 20.79 4.70
CA VAL A 425 10.70 20.00 5.02
C VAL A 425 10.62 19.88 6.54
N MET A 426 11.76 19.60 7.17
CA MET A 426 11.80 19.46 8.64
C MET A 426 11.36 20.74 9.32
N ALA A 427 11.78 21.88 8.77
CA ALA A 427 11.39 23.16 9.32
C ALA A 427 9.85 23.31 9.17
N GLY A 428 9.33 22.87 8.02
CA GLY A 428 7.89 22.96 7.80
C GLY A 428 7.12 22.05 8.73
N GLU A 429 7.62 20.82 8.90
CA GLU A 429 7.00 19.82 9.77
C GLU A 429 6.94 20.34 11.20
N LEU A 430 8.01 20.99 11.63
CA LEU A 430 8.09 21.55 12.98
C LEU A 430 7.02 22.61 13.23
N SER A 431 6.89 23.54 12.31
CA SER A 431 5.91 24.63 12.47
C SER A 431 4.45 24.20 12.37
N LEU A 432 4.11 23.39 11.37
CA LEU A 432 2.72 22.92 11.24
C LEU A 432 2.37 22.05 12.44
N MET A 433 3.27 21.16 12.83
CA MET A 433 2.98 20.30 13.98
C MET A 433 2.78 21.13 15.26
N ALA A 434 3.53 22.23 15.39
CA ALA A 434 3.40 23.10 16.57
C ALA A 434 2.02 23.73 16.55
N ALA A 435 1.60 24.23 15.40
CA ALA A 435 0.29 24.87 15.26
C ALA A 435 -0.84 23.87 15.54
N LEU A 436 -0.65 22.62 15.12
CA LEU A 436 -1.66 21.60 15.35
C LEU A 436 -1.76 21.30 16.83
N ALA A 437 -0.61 21.20 17.49
CA ALA A 437 -0.57 20.92 18.92
C ALA A 437 -1.16 22.06 19.76
N ALA A 438 -0.98 23.29 19.28
CA ALA A 438 -1.48 24.47 19.99
C ALA A 438 -2.90 24.87 19.55
N GLY A 439 -3.39 24.22 18.49
CA GLY A 439 -4.72 24.51 17.97
C GLY A 439 -4.77 25.73 17.06
N HIS A 440 -3.63 26.05 16.43
CA HIS A 440 -3.50 27.22 15.55
C HIS A 440 -3.63 26.97 14.03
N LEU A 441 -4.13 25.80 13.61
CA LEU A 441 -4.27 25.54 12.18
C LEU A 441 -5.34 26.42 11.54
N VAL A 442 -6.55 26.38 12.11
CA VAL A 442 -7.67 27.15 11.59
C VAL A 442 -7.64 28.61 12.08
N PHE B 40 8.47 58.71 3.09
CA PHE B 40 9.52 59.64 2.58
C PHE B 40 10.91 59.33 3.16
N LEU B 41 11.43 58.18 2.78
CA LEU B 41 12.76 57.75 3.20
C LEU B 41 13.41 57.14 1.97
N SER B 42 14.69 56.81 2.09
CA SER B 42 15.41 56.19 0.98
C SER B 42 15.42 54.70 1.22
N ASP B 43 15.55 53.91 0.17
CA ASP B 43 15.60 52.45 0.33
C ASP B 43 16.68 52.10 1.35
N ALA B 44 17.81 52.80 1.28
CA ALA B 44 18.94 52.59 2.18
C ALA B 44 18.60 52.80 3.65
N GLU B 45 17.88 53.88 3.96
CA GLU B 45 17.49 54.17 5.34
C GLU B 45 16.58 53.12 5.95
N ILE B 46 15.61 52.65 5.15
CA ILE B 46 14.68 51.64 5.60
C ILE B 46 15.47 50.37 5.91
N ILE B 47 16.47 50.10 5.07
CA ILE B 47 17.34 48.95 5.25
C ILE B 47 18.11 49.06 6.58
N GLN B 48 18.68 50.24 6.84
CA GLN B 48 19.43 50.48 8.08
C GLN B 48 18.50 50.36 9.29
N LEU B 49 17.24 50.73 9.07
CA LEU B 49 16.22 50.67 10.10
C LEU B 49 15.82 49.23 10.40
N VAL B 50 15.83 48.38 9.37
CA VAL B 50 15.48 46.97 9.52
C VAL B 50 16.62 46.17 10.14
N ASN B 51 17.83 46.36 9.62
CA ASN B 51 19.01 45.66 10.11
C ASN B 51 19.08 45.73 11.63
N ALA B 52 18.79 46.90 12.18
CA ALA B 52 18.74 47.07 13.61
C ALA B 52 17.33 46.58 13.90
N LYS B 53 17.22 45.37 14.43
CA LYS B 53 15.94 44.73 14.76
C LYS B 53 14.81 45.71 15.08
N HIS B 54 14.13 46.19 14.05
CA HIS B 54 13.04 47.15 14.22
C HIS B 54 11.83 46.82 13.36
N ILE B 55 12.07 46.43 12.12
CA ILE B 55 10.98 46.13 11.19
C ILE B 55 10.86 44.71 10.62
N PRO B 56 11.66 43.73 11.12
CA PRO B 56 11.58 42.36 10.59
C PRO B 56 11.08 42.19 9.15
N ALA B 57 12.01 41.84 8.27
CA ALA B 57 11.80 41.64 6.84
C ALA B 57 10.38 41.34 6.32
N TYR B 58 9.70 40.37 6.93
CA TYR B 58 8.35 40.02 6.48
C TYR B 58 7.25 41.04 6.72
N LYS B 59 7.52 42.07 7.53
CA LYS B 59 6.54 43.11 7.83
C LYS B 59 6.68 44.37 6.96
N LEU B 60 7.55 44.32 5.96
CA LEU B 60 7.79 45.47 5.08
C LEU B 60 6.60 46.16 4.41
N GLU B 61 5.72 45.40 3.76
CA GLU B 61 4.55 45.98 3.10
C GLU B 61 3.60 46.66 4.07
N THR B 62 3.68 46.28 5.34
CA THR B 62 2.84 46.85 6.38
C THR B 62 3.18 48.32 6.60
N LEU B 63 4.43 48.68 6.32
CA LEU B 63 4.90 50.05 6.47
C LEU B 63 5.16 50.77 5.15
N ILE B 64 5.83 50.09 4.22
CA ILE B 64 6.13 50.68 2.92
C ILE B 64 4.87 50.88 2.08
N GLU B 65 4.82 52.03 1.42
CA GLU B 65 3.71 52.41 0.55
C GLU B 65 3.45 51.40 -0.57
N THR B 66 4.31 51.42 -1.58
CA THR B 66 4.21 50.55 -2.75
C THR B 66 4.48 49.09 -2.40
N HIS B 67 3.63 48.18 -2.88
CA HIS B 67 3.83 46.76 -2.63
C HIS B 67 5.14 46.37 -3.32
N GLU B 68 5.32 46.87 -4.54
CA GLU B 68 6.52 46.59 -5.32
C GLU B 68 7.78 47.09 -4.63
N ARG B 69 7.70 48.25 -3.96
CA ARG B 69 8.86 48.81 -3.28
C ARG B 69 9.22 47.96 -2.06
N GLY B 70 8.20 47.42 -1.39
CA GLY B 70 8.43 46.56 -0.23
C GLY B 70 9.19 45.33 -0.71
N VAL B 71 8.80 44.84 -1.88
CA VAL B 71 9.46 43.66 -2.47
C VAL B 71 10.87 44.02 -2.88
N SER B 72 11.02 45.23 -3.45
CA SER B 72 12.32 45.73 -3.88
C SER B 72 13.26 45.76 -2.69
N ILE B 73 12.79 46.31 -1.58
CA ILE B 73 13.60 46.40 -0.38
C ILE B 73 13.98 45.03 0.17
N ARG B 74 13.02 44.09 0.23
CA ARG B 74 13.34 42.75 0.75
C ARG B 74 14.42 42.07 -0.11
N ARG B 75 14.34 42.26 -1.42
CA ARG B 75 15.35 41.68 -2.32
C ARG B 75 16.73 42.27 -1.98
N GLN B 76 16.76 43.56 -1.64
CA GLN B 76 18.02 44.22 -1.30
C GLN B 76 18.60 43.66 -0.02
N LEU B 77 17.76 43.39 0.97
CA LEU B 77 18.23 42.80 2.22
C LEU B 77 18.74 41.39 1.91
N LEU B 78 17.97 40.65 1.12
CA LEU B 78 18.31 39.29 0.74
C LEU B 78 19.69 39.24 0.06
N SER B 79 19.94 40.16 -0.87
CA SER B 79 21.22 40.23 -1.59
C SER B 79 22.47 40.10 -0.71
N LYS B 80 22.50 40.86 0.38
CA LYS B 80 23.66 40.84 1.27
C LYS B 80 23.87 39.56 2.07
N LYS B 81 22.90 38.64 2.00
CA LYS B 81 23.00 37.38 2.72
C LYS B 81 23.34 36.24 1.77
N LEU B 82 23.53 36.56 0.49
CA LEU B 82 23.82 35.55 -0.53
C LEU B 82 25.29 35.50 -0.93
N SER B 83 25.79 34.29 -1.15
CA SER B 83 27.17 34.10 -1.57
C SER B 83 27.37 34.75 -2.94
N GLU B 84 26.25 35.02 -3.61
CA GLU B 84 26.26 35.62 -4.94
C GLU B 84 25.14 36.67 -4.98
N PRO B 85 25.38 37.86 -4.39
CA PRO B 85 24.44 38.98 -4.31
C PRO B 85 23.59 39.28 -5.53
N SER B 86 24.14 39.05 -6.71
CA SER B 86 23.42 39.32 -7.94
C SER B 86 22.59 38.12 -8.43
N SER B 87 22.37 37.16 -7.55
CA SER B 87 21.59 35.98 -7.93
C SER B 87 20.10 36.25 -8.08
N LEU B 88 19.64 37.44 -7.69
CA LEU B 88 18.23 37.80 -7.82
C LEU B 88 17.95 38.57 -9.11
N GLN B 89 19.02 38.95 -9.80
CA GLN B 89 18.94 39.72 -11.05
C GLN B 89 17.92 39.18 -12.05
N TYR B 90 17.91 37.88 -12.23
CA TYR B 90 17.01 37.22 -13.16
C TYR B 90 15.65 36.76 -12.64
N LEU B 91 15.39 37.06 -11.36
CA LEU B 91 14.13 36.71 -10.73
C LEU B 91 13.30 37.98 -10.89
N PRO B 92 12.26 37.94 -11.75
CA PRO B 92 11.41 39.11 -11.99
C PRO B 92 10.55 39.44 -10.76
N TYR B 93 10.13 40.69 -10.67
CA TYR B 93 9.29 41.16 -9.58
C TYR B 93 8.50 42.39 -9.99
N ARG B 94 9.05 43.17 -10.92
CA ARG B 94 8.41 44.40 -11.40
C ARG B 94 7.15 44.20 -12.23
N ASP B 95 6.20 45.12 -12.03
CA ASP B 95 4.92 45.12 -12.72
C ASP B 95 4.13 43.82 -12.64
N TYR B 96 3.78 43.47 -11.40
CA TYR B 96 2.98 42.30 -11.09
C TYR B 96 2.05 42.77 -9.99
N ASN B 97 0.78 42.39 -10.07
CA ASN B 97 -0.16 42.83 -9.05
C ASN B 97 -0.04 42.04 -7.75
N TYR B 98 0.69 42.62 -6.81
CA TYR B 98 0.91 42.00 -5.50
C TYR B 98 -0.25 42.19 -4.52
N SER B 99 -1.17 43.10 -4.85
CA SER B 99 -2.30 43.38 -3.97
C SER B 99 -3.16 42.15 -3.66
N LEU B 100 -3.27 41.27 -4.65
CA LEU B 100 -4.04 40.03 -4.52
C LEU B 100 -3.23 38.94 -3.81
N VAL B 101 -1.92 39.14 -3.75
CA VAL B 101 -1.01 38.18 -3.12
C VAL B 101 -0.73 38.46 -1.65
N MET B 102 -0.38 39.71 -1.34
CA MET B 102 -0.06 40.09 0.04
C MET B 102 -1.20 39.83 1.01
N GLY B 103 -0.90 39.10 2.07
CA GLY B 103 -1.89 38.76 3.08
C GLY B 103 -2.84 37.67 2.63
N ALA B 104 -2.52 36.98 1.54
CA ALA B 104 -3.41 35.93 1.04
C ALA B 104 -2.77 34.69 0.41
N CYS B 105 -1.78 34.87 -0.46
CA CYS B 105 -1.17 33.75 -1.16
C CYS B 105 0.30 33.42 -0.93
N CYS B 106 1.07 34.38 -0.40
CA CYS B 106 2.49 34.19 -0.19
C CYS B 106 3.02 35.22 0.81
N GLU B 107 4.07 34.87 1.56
CA GLU B 107 4.66 35.81 2.52
C GLU B 107 6.13 36.00 2.12
N ASN B 108 6.77 37.03 2.68
CA ASN B 108 8.18 37.33 2.39
C ASN B 108 8.43 37.26 0.90
N VAL B 109 7.60 37.96 0.13
CA VAL B 109 7.66 37.96 -1.32
C VAL B 109 8.90 38.61 -1.89
N ILE B 110 9.58 37.93 -2.82
CA ILE B 110 10.78 38.46 -3.44
C ILE B 110 10.66 38.52 -4.94
N GLY B 111 9.48 38.18 -5.47
CA GLY B 111 9.26 38.18 -6.90
C GLY B 111 8.26 37.11 -7.35
N TYR B 112 8.42 36.66 -8.59
CA TYR B 112 7.53 35.63 -9.12
C TYR B 112 8.28 34.75 -10.08
N MET B 113 7.81 33.52 -10.19
CA MET B 113 8.42 32.53 -11.06
C MET B 113 7.53 32.25 -12.24
N PRO B 114 8.00 32.62 -13.46
CA PRO B 114 7.28 32.41 -14.71
C PRO B 114 7.34 30.95 -15.12
N ILE B 115 6.18 30.33 -15.36
CA ILE B 115 6.14 28.94 -15.80
C ILE B 115 5.49 29.00 -17.17
N PRO B 116 6.16 28.47 -18.20
CA PRO B 116 5.59 28.48 -19.55
C PRO B 116 4.24 27.78 -19.54
N VAL B 117 3.31 28.34 -20.30
CA VAL B 117 1.97 27.82 -20.44
C VAL B 117 1.73 27.47 -21.89
N GLY B 118 1.36 26.21 -22.11
CA GLY B 118 1.07 25.76 -23.46
C GLY B 118 -0.39 25.39 -23.51
N VAL B 119 -0.89 25.14 -24.71
CA VAL B 119 -2.29 24.78 -24.86
C VAL B 119 -2.43 23.49 -25.64
N ALA B 120 -3.28 22.61 -25.12
CA ALA B 120 -3.56 21.32 -25.75
C ALA B 120 -5.04 21.35 -26.07
N GLY B 121 -5.39 20.95 -27.28
CA GLY B 121 -6.78 20.97 -27.66
C GLY B 121 -7.01 20.96 -29.16
N PRO B 122 -8.27 20.89 -29.58
CA PRO B 122 -9.38 20.84 -28.63
C PRO B 122 -9.64 19.47 -28.03
N LEU B 123 -10.06 19.47 -26.77
CA LEU B 123 -10.42 18.26 -26.06
C LEU B 123 -11.93 18.12 -26.24
N CYS B 124 -12.35 17.20 -27.11
CA CYS B 124 -13.77 16.98 -27.38
C CYS B 124 -14.30 16.12 -26.26
N LEU B 125 -14.94 16.81 -25.31
CA LEU B 125 -15.47 16.22 -24.08
C LEU B 125 -16.93 16.55 -23.81
N ASP B 126 -17.74 15.51 -23.64
CA ASP B 126 -19.15 15.66 -23.39
C ASP B 126 -19.87 16.63 -24.33
N GLU B 127 -19.63 16.46 -25.63
CA GLU B 127 -20.25 17.28 -26.68
C GLU B 127 -19.80 18.75 -26.70
N LYS B 128 -18.73 19.05 -25.96
CA LYS B 128 -18.15 20.39 -25.89
C LYS B 128 -16.70 20.32 -26.35
N GLU B 129 -16.08 21.47 -26.59
CA GLU B 129 -14.68 21.52 -26.99
C GLU B 129 -13.91 22.47 -26.04
N PHE B 130 -12.83 21.96 -25.46
CA PHE B 130 -12.06 22.75 -24.51
C PHE B 130 -10.62 22.97 -24.98
N GLN B 131 -10.09 24.14 -24.65
CA GLN B 131 -8.71 24.47 -24.96
C GLN B 131 -8.05 24.44 -23.59
N VAL B 132 -7.25 23.39 -23.35
CA VAL B 132 -6.61 23.20 -22.05
C VAL B 132 -5.26 23.84 -21.82
N PRO B 133 -5.20 24.81 -20.89
CA PRO B 133 -3.95 25.50 -20.56
C PRO B 133 -3.12 24.57 -19.66
N MET B 134 -1.82 24.47 -19.95
CA MET B 134 -0.93 23.58 -19.20
C MET B 134 0.39 24.26 -18.87
N ALA B 135 0.63 24.48 -17.58
CA ALA B 135 1.86 25.13 -17.13
C ALA B 135 2.92 24.11 -16.83
N THR B 136 3.99 24.07 -17.63
CA THR B 136 5.04 23.07 -17.44
C THR B 136 6.42 23.49 -17.97
N THR B 137 7.46 22.78 -17.53
CA THR B 137 8.81 22.99 -18.01
C THR B 137 9.32 21.67 -18.58
N GLU B 138 8.42 20.69 -18.74
CA GLU B 138 8.78 19.41 -19.32
C GLU B 138 8.46 19.34 -20.83
N GLY B 139 9.50 19.29 -21.66
CA GLY B 139 9.29 19.21 -23.10
C GLY B 139 8.55 17.94 -23.49
N CYS B 140 7.70 18.08 -24.52
CA CYS B 140 6.88 17.00 -25.07
C CYS B 140 5.54 16.77 -24.37
N LEU B 141 5.40 17.24 -23.14
CA LEU B 141 4.16 17.05 -22.41
C LEU B 141 2.96 17.72 -23.12
N VAL B 142 3.10 18.98 -23.53
CA VAL B 142 1.99 19.64 -24.22
C VAL B 142 1.75 18.98 -25.58
N ALA B 143 2.82 18.72 -26.32
CA ALA B 143 2.70 18.07 -27.62
C ALA B 143 2.03 16.70 -27.49
N SER B 144 2.46 15.93 -26.49
CA SER B 144 1.90 14.60 -26.26
C SER B 144 0.40 14.68 -25.94
N THR B 145 0.04 15.54 -24.99
CA THR B 145 -1.36 15.68 -24.58
C THR B 145 -2.19 16.16 -25.77
N ASN B 146 -1.65 17.11 -26.53
CA ASN B 146 -2.32 17.65 -27.70
C ASN B 146 -2.61 16.53 -28.71
N ARG B 147 -1.65 15.64 -28.89
CA ARG B 147 -1.78 14.50 -29.79
C ARG B 147 -2.86 13.53 -29.30
N GLY B 148 -2.93 13.32 -27.99
CA GLY B 148 -3.94 12.43 -27.44
C GLY B 148 -5.30 13.06 -27.65
N CYS B 149 -5.33 14.39 -27.58
CA CYS B 149 -6.57 15.13 -27.81
C CYS B 149 -7.02 14.89 -29.24
N ARG B 150 -6.06 14.99 -30.17
CA ARG B 150 -6.33 14.79 -31.58
C ARG B 150 -6.96 13.43 -31.86
N ALA B 151 -6.38 12.37 -31.31
CA ALA B 151 -6.92 11.03 -31.49
C ALA B 151 -8.35 10.93 -30.94
N ILE B 152 -8.61 11.62 -29.83
CA ILE B 152 -9.93 11.60 -29.22
C ILE B 152 -10.95 12.33 -30.10
N GLY B 153 -10.56 13.51 -30.60
CA GLY B 153 -11.44 14.30 -31.45
C GLY B 153 -11.85 13.57 -32.72
N LEU B 154 -10.89 12.89 -33.36
CA LEU B 154 -11.16 12.14 -34.58
C LEU B 154 -11.98 10.89 -34.27
N GLY B 155 -12.04 10.52 -33.00
CA GLY B 155 -12.78 9.33 -32.61
C GLY B 155 -14.18 9.58 -32.13
N GLY B 156 -14.68 10.79 -32.33
CA GLY B 156 -16.04 11.10 -31.90
C GLY B 156 -16.15 11.69 -30.51
N GLY B 157 -15.02 11.93 -29.84
CA GLY B 157 -15.03 12.54 -28.51
C GLY B 157 -15.10 11.62 -27.30
N ALA B 158 -14.87 12.21 -26.14
CA ALA B 158 -14.90 11.48 -24.88
C ALA B 158 -16.12 11.86 -24.06
N SER B 159 -16.50 10.95 -23.16
CA SER B 159 -17.63 11.16 -22.26
C SER B 159 -17.14 10.98 -20.84
N SER B 160 -17.60 11.82 -19.92
CA SER B 160 -17.19 11.73 -18.52
C SER B 160 -18.40 11.86 -17.59
N ARG B 161 -18.20 11.45 -16.35
CA ARG B 161 -19.23 11.52 -15.32
C ARG B 161 -18.58 11.78 -13.96
N VAL B 162 -19.24 12.60 -13.14
CA VAL B 162 -18.79 12.87 -11.79
C VAL B 162 -19.55 11.86 -10.92
N LEU B 163 -18.79 11.02 -10.23
CA LEU B 163 -19.33 9.97 -9.38
C LEU B 163 -19.57 10.41 -7.93
N ALA B 164 -18.78 11.36 -7.46
CA ALA B 164 -18.92 11.81 -6.10
C ALA B 164 -18.26 13.16 -5.92
N ASP B 165 -18.71 13.90 -4.92
CA ASP B 165 -18.14 15.21 -4.63
C ASP B 165 -18.14 15.49 -3.13
N GLY B 166 -16.95 15.53 -2.54
CA GLY B 166 -16.85 15.84 -1.14
C GLY B 166 -15.43 15.91 -0.60
N MET B 167 -15.02 17.11 -0.18
CA MET B 167 -13.71 17.33 0.42
C MET B 167 -13.78 16.73 1.82
N THR B 168 -12.64 16.35 2.40
CA THR B 168 -12.65 15.74 3.73
C THR B 168 -11.60 16.32 4.67
N ARG B 169 -11.78 16.04 5.97
CA ARG B 169 -10.86 16.45 7.03
C ARG B 169 -10.98 15.30 8.01
N GLY B 170 -9.83 14.75 8.44
CA GLY B 170 -9.86 13.62 9.35
C GLY B 170 -9.15 13.86 10.66
N PRO B 171 -9.73 14.63 11.60
CA PRO B 171 -9.11 14.91 12.89
C PRO B 171 -8.88 13.65 13.73
N VAL B 172 -7.92 13.75 14.65
CA VAL B 172 -7.67 12.68 15.59
C VAL B 172 -8.14 13.20 16.96
N VAL B 173 -8.97 12.40 17.60
CA VAL B 173 -9.52 12.75 18.89
C VAL B 173 -9.12 11.63 19.86
N ARG B 174 -9.16 11.91 21.16
CA ARG B 174 -8.75 10.90 22.11
C ARG B 174 -9.60 10.89 23.40
N LEU B 175 -10.05 9.70 23.78
CA LEU B 175 -10.85 9.50 24.99
C LEU B 175 -9.97 8.81 26.04
N PRO B 176 -10.43 8.77 27.30
CA PRO B 176 -9.64 8.12 28.36
C PRO B 176 -9.42 6.62 28.13
N ARG B 177 -10.41 5.96 27.53
CA ARG B 177 -10.32 4.52 27.28
C ARG B 177 -10.93 4.16 25.93
N ALA B 178 -10.53 3.00 25.42
CA ALA B 178 -11.04 2.51 24.14
C ALA B 178 -12.55 2.28 24.27
N CYS B 179 -12.99 1.84 25.44
CA CYS B 179 -14.40 1.63 25.65
C CYS B 179 -15.16 2.95 25.48
N ASP B 180 -14.52 4.04 25.84
CA ASP B 180 -15.10 5.37 25.72
C ASP B 180 -15.11 5.81 24.27
N SER B 181 -13.98 5.65 23.58
CA SER B 181 -13.92 6.04 22.17
C SER B 181 -14.92 5.17 21.36
N ALA B 182 -15.10 3.92 21.78
CA ALA B 182 -16.06 3.02 21.13
C ALA B 182 -17.45 3.61 21.24
N GLU B 183 -17.76 4.12 22.42
CA GLU B 183 -19.06 4.74 22.71
C GLU B 183 -19.27 5.99 21.85
N VAL B 184 -18.21 6.75 21.62
CA VAL B 184 -18.34 7.96 20.79
C VAL B 184 -18.58 7.60 19.34
N LYS B 185 -18.01 6.48 18.91
CA LYS B 185 -18.17 6.02 17.52
C LYS B 185 -19.62 5.55 17.30
N ALA B 186 -20.15 4.78 18.24
CA ALA B 186 -21.53 4.29 18.14
C ALA B 186 -22.50 5.49 18.11
N TRP B 187 -22.27 6.46 19.00
CA TRP B 187 -23.09 7.67 19.08
C TRP B 187 -23.07 8.40 17.75
N LEU B 188 -21.87 8.62 17.20
CA LEU B 188 -21.73 9.31 15.93
C LEU B 188 -22.42 8.51 14.84
N GLU B 189 -22.55 7.21 15.04
CA GLU B 189 -23.20 6.37 14.04
C GLU B 189 -24.72 6.32 14.13
N THR B 190 -25.30 6.95 15.15
CA THR B 190 -26.76 6.99 15.27
C THR B 190 -27.28 8.14 14.43
N SER B 191 -28.53 8.04 13.97
CA SER B 191 -29.06 9.15 13.16
C SER B 191 -29.20 10.40 14.04
N GLU B 192 -29.40 10.20 15.33
CA GLU B 192 -29.51 11.31 16.28
C GLU B 192 -28.17 12.04 16.41
N GLY B 193 -27.09 11.27 16.62
CA GLY B 193 -25.77 11.85 16.75
C GLY B 193 -25.31 12.56 15.49
N PHE B 194 -25.57 11.93 14.34
CA PHE B 194 -25.18 12.51 13.06
C PHE B 194 -25.92 13.85 12.82
N ALA B 195 -27.20 13.87 13.19
CA ALA B 195 -28.02 15.08 13.02
C ALA B 195 -27.42 16.24 13.78
N VAL B 196 -27.12 16.02 15.05
CA VAL B 196 -26.57 17.10 15.85
C VAL B 196 -25.20 17.60 15.39
N ILE B 197 -24.31 16.71 14.93
CA ILE B 197 -23.01 17.23 14.50
C ILE B 197 -23.11 17.84 13.10
N LYS B 198 -24.06 17.39 12.29
CA LYS B 198 -24.25 17.95 10.95
C LYS B 198 -24.78 19.39 11.08
N GLU B 199 -25.69 19.61 12.04
CA GLU B 199 -26.25 20.96 12.28
C GLU B 199 -25.10 21.92 12.57
N ALA B 200 -24.21 21.52 13.47
CA ALA B 200 -23.07 22.36 13.85
C ALA B 200 -22.10 22.56 12.71
N PHE B 201 -21.81 21.49 11.97
CA PHE B 201 -20.88 21.56 10.84
C PHE B 201 -21.41 22.56 9.81
N ASP B 202 -22.61 22.30 9.32
CA ASP B 202 -23.26 23.14 8.31
C ASP B 202 -23.49 24.61 8.73
N SER B 203 -23.59 24.85 10.04
CA SER B 203 -23.84 26.18 10.57
C SER B 203 -22.69 27.15 10.31
N THR B 204 -21.57 26.63 9.81
CA THR B 204 -20.39 27.45 9.56
C THR B 204 -20.30 28.04 8.15
N SER B 205 -21.13 27.55 7.25
CA SER B 205 -21.10 28.03 5.88
C SER B 205 -22.35 27.66 5.11
N ARG B 206 -22.73 28.54 4.19
CA ARG B 206 -23.90 28.30 3.36
C ARG B 206 -23.64 27.14 2.41
N PHE B 207 -22.39 26.95 2.02
CA PHE B 207 -22.01 25.90 1.08
C PHE B 207 -21.46 24.59 1.67
N ALA B 208 -21.19 24.59 2.98
CA ALA B 208 -20.67 23.39 3.63
C ALA B 208 -21.82 22.52 4.08
N ARG B 209 -22.00 21.40 3.39
CA ARG B 209 -23.07 20.43 3.68
C ARG B 209 -22.48 19.05 4.00
N LEU B 210 -22.47 18.70 5.28
CA LEU B 210 -21.93 17.41 5.72
C LEU B 210 -22.73 16.26 5.14
N GLN B 211 -22.08 15.41 4.36
CA GLN B 211 -22.72 14.28 3.72
C GLN B 211 -22.63 13.01 4.54
N LYS B 212 -21.44 12.73 5.08
CA LYS B 212 -21.25 11.52 5.85
C LYS B 212 -20.02 11.56 6.74
N LEU B 213 -19.96 10.55 7.60
CA LEU B 213 -18.88 10.38 8.56
C LEU B 213 -18.27 8.98 8.43
N HIS B 214 -16.95 8.90 8.44
CA HIS B 214 -16.28 7.60 8.42
C HIS B 214 -15.38 7.64 9.65
N THR B 215 -15.69 6.80 10.64
CA THR B 215 -14.92 6.78 11.86
C THR B 215 -14.11 5.51 12.00
N SER B 216 -12.91 5.65 12.55
CA SER B 216 -12.01 4.53 12.76
C SER B 216 -11.34 4.65 14.15
N ILE B 217 -11.30 3.54 14.87
CA ILE B 217 -10.73 3.45 16.20
C ILE B 217 -9.33 2.87 16.22
N ALA B 218 -8.50 3.36 17.13
CA ALA B 218 -7.14 2.85 17.34
C ALA B 218 -7.01 2.96 18.86
N GLY B 219 -7.54 1.97 19.57
CA GLY B 219 -7.52 2.01 21.02
C GLY B 219 -8.39 3.17 21.49
N ARG B 220 -7.82 4.04 22.33
CA ARG B 220 -8.57 5.18 22.84
C ARG B 220 -8.61 6.35 21.87
N ASN B 221 -7.92 6.22 20.74
CA ASN B 221 -7.92 7.25 19.71
C ASN B 221 -9.09 7.03 18.77
N LEU B 222 -9.69 8.12 18.30
CA LEU B 222 -10.80 8.03 17.36
C LEU B 222 -10.52 8.99 16.20
N TYR B 223 -10.44 8.43 14.98
CA TYR B 223 -10.23 9.24 13.78
C TYR B 223 -11.62 9.42 13.16
N ILE B 224 -12.01 10.67 12.94
CA ILE B 224 -13.33 10.94 12.36
C ILE B 224 -13.15 11.64 11.04
N ARG B 225 -13.55 10.96 9.96
CA ARG B 225 -13.43 11.51 8.62
C ARG B 225 -14.73 12.21 8.22
N PHE B 226 -14.67 13.54 8.23
CA PHE B 226 -15.81 14.39 7.84
C PHE B 226 -15.80 14.57 6.32
N GLN B 227 -16.92 14.32 5.66
CA GLN B 227 -16.97 14.50 4.21
C GLN B 227 -18.10 15.45 3.90
N SER B 228 -17.78 16.50 3.14
CA SER B 228 -18.78 17.49 2.83
C SER B 228 -18.60 18.24 1.51
N ARG B 229 -19.73 18.72 0.97
CA ARG B 229 -19.77 19.53 -0.25
C ARG B 229 -19.15 20.89 0.14
N SER B 230 -18.81 21.69 -0.86
CA SER B 230 -18.15 22.97 -0.59
C SER B 230 -18.27 23.93 -1.78
N GLY B 231 -19.44 23.97 -2.41
CA GLY B 231 -19.62 24.85 -3.56
C GLY B 231 -18.54 24.63 -4.59
N ASP B 232 -17.99 25.71 -5.10
CA ASP B 232 -16.93 25.64 -6.10
C ASP B 232 -15.54 25.74 -5.52
N ALA B 233 -15.44 25.89 -4.20
CA ALA B 233 -14.14 25.96 -3.54
C ALA B 233 -13.60 24.54 -3.39
N MET B 234 -12.27 24.40 -3.40
CA MET B 234 -11.64 23.11 -3.20
C MET B 234 -12.13 22.69 -1.78
N GLY B 235 -12.30 23.67 -0.90
CA GLY B 235 -12.86 23.42 0.42
C GLY B 235 -12.08 23.10 1.69
N MET B 236 -10.77 22.92 1.60
CA MET B 236 -9.96 22.60 2.78
C MET B 236 -10.24 23.54 3.95
N ASN B 237 -10.20 24.84 3.68
CA ASN B 237 -10.45 25.85 4.73
C ASN B 237 -11.84 25.75 5.30
N MET B 238 -12.85 25.79 4.42
CA MET B 238 -14.25 25.68 4.83
C MET B 238 -14.52 24.38 5.59
N ILE B 239 -13.96 23.27 5.11
CA ILE B 239 -14.15 22.00 5.79
C ILE B 239 -13.51 21.97 7.18
N SER B 240 -12.30 22.54 7.31
CA SER B 240 -11.60 22.59 8.60
C SER B 240 -12.43 23.34 9.64
N LYS B 241 -13.03 24.47 9.24
CA LYS B 241 -13.86 25.28 10.13
C LYS B 241 -15.09 24.49 10.58
N GLY B 242 -15.72 23.79 9.64
CA GLY B 242 -16.88 22.99 9.97
C GLY B 242 -16.51 21.89 10.97
N THR B 243 -15.37 21.26 10.75
CA THR B 243 -14.90 20.20 11.63
C THR B 243 -14.62 20.78 13.01
N GLU B 244 -14.04 21.98 13.05
CA GLU B 244 -13.73 22.62 14.33
C GLU B 244 -15.00 22.83 15.16
N LYS B 245 -16.04 23.37 14.54
CA LYS B 245 -17.32 23.62 15.21
C LYS B 245 -18.01 22.30 15.57
N ALA B 246 -17.94 21.32 14.67
CA ALA B 246 -18.57 20.03 14.93
C ALA B 246 -17.89 19.31 16.11
N LEU B 247 -16.57 19.44 16.18
CA LEU B 247 -15.84 18.80 17.27
C LEU B 247 -16.15 19.45 18.63
N SER B 248 -16.31 20.78 18.66
CA SER B 248 -16.61 21.48 19.92
C SER B 248 -18.00 21.05 20.40
N LYS B 249 -18.88 20.78 19.44
CA LYS B 249 -20.23 20.34 19.74
C LYS B 249 -20.15 18.93 20.34
N LEU B 250 -19.35 18.07 19.72
CA LEU B 250 -19.21 16.69 20.19
C LEU B 250 -18.66 16.71 21.62
N HIS B 251 -17.76 17.64 21.87
CA HIS B 251 -17.14 17.82 23.18
C HIS B 251 -18.19 18.14 24.27
N GLU B 252 -19.33 18.71 23.87
CA GLU B 252 -20.40 19.03 24.82
C GLU B 252 -21.02 17.75 25.32
N TYR B 253 -21.06 16.75 24.45
CA TYR B 253 -21.63 15.46 24.81
C TYR B 253 -20.63 14.53 25.49
N PHE B 254 -19.35 14.72 25.22
CA PHE B 254 -18.29 13.89 25.81
C PHE B 254 -17.18 14.85 26.23
N PRO B 255 -17.30 15.45 27.43
CA PRO B 255 -16.35 16.42 28.02
C PRO B 255 -14.95 15.88 28.18
N GLU B 256 -14.84 14.58 28.33
CA GLU B 256 -13.56 13.91 28.49
C GLU B 256 -12.77 13.76 27.19
N MET B 257 -13.42 13.99 26.06
CA MET B 257 -12.74 13.88 24.77
C MET B 257 -11.70 14.97 24.59
N GLN B 258 -10.49 14.57 24.21
CA GLN B 258 -9.41 15.52 23.94
C GLN B 258 -9.24 15.60 22.42
N ILE B 259 -9.29 16.81 21.88
CA ILE B 259 -9.12 17.05 20.46
C ILE B 259 -7.61 17.17 20.28
N LEU B 260 -6.99 16.11 19.78
CA LEU B 260 -5.55 16.10 19.62
C LEU B 260 -5.05 16.94 18.44
N ALA B 261 -5.72 16.84 17.30
CA ALA B 261 -5.31 17.62 16.13
C ALA B 261 -6.48 17.67 15.14
N VAL B 262 -6.75 18.86 14.58
CA VAL B 262 -7.86 18.96 13.65
C VAL B 262 -7.64 18.12 12.39
N SER B 263 -6.38 17.76 12.13
CA SER B 263 -6.02 16.87 11.04
C SER B 263 -5.19 15.76 11.66
N GLY B 264 -5.73 14.55 11.70
CA GLY B 264 -4.96 13.44 12.23
C GLY B 264 -4.44 12.56 11.09
N ASN B 265 -4.29 13.14 9.90
CA ASN B 265 -3.82 12.42 8.70
C ASN B 265 -4.82 11.37 8.20
N TYR B 266 -6.08 11.52 8.59
CA TYR B 266 -7.10 10.57 8.16
C TYR B 266 -7.95 11.21 7.04
N CYS B 267 -7.54 12.38 6.57
CA CYS B 267 -8.28 13.08 5.51
C CYS B 267 -8.32 12.27 4.21
N THR B 268 -7.19 11.98 3.55
CA THR B 268 -5.83 12.37 3.95
C THR B 268 -5.41 13.47 2.97
N ASP B 269 -4.76 14.51 3.48
CA ASP B 269 -4.34 15.61 2.62
C ASP B 269 -2.85 15.62 2.30
N LYS B 270 -2.52 15.62 1.00
CA LYS B 270 -1.15 15.71 0.51
C LYS B 270 -0.14 14.62 0.90
N LYS B 271 -0.65 13.46 1.31
CA LYS B 271 0.17 12.28 1.62
C LYS B 271 -0.53 11.13 0.93
N PRO B 272 0.23 10.15 0.41
CA PRO B 272 -0.45 9.02 -0.25
C PRO B 272 -1.22 8.25 0.83
N ALA B 273 -2.44 7.82 0.51
CA ALA B 273 -3.25 7.07 1.47
C ALA B 273 -4.29 6.26 0.73
N ALA B 274 -4.42 5.01 1.12
CA ALA B 274 -5.38 4.12 0.50
C ALA B 274 -6.78 4.59 0.73
N ILE B 275 -7.00 5.35 1.80
CA ILE B 275 -8.36 5.80 2.09
C ILE B 275 -8.90 6.73 1.00
N ASN B 276 -8.04 7.56 0.43
CA ASN B 276 -8.47 8.46 -0.64
C ASN B 276 -8.81 7.67 -1.90
N TRP B 277 -8.02 6.63 -2.16
CA TRP B 277 -8.20 5.78 -3.33
C TRP B 277 -9.51 4.99 -3.26
N ILE B 278 -9.77 4.41 -2.10
CA ILE B 278 -10.94 3.58 -1.83
C ILE B 278 -12.24 4.33 -1.53
N GLU B 279 -12.14 5.43 -0.79
CA GLU B 279 -13.31 6.20 -0.41
C GLU B 279 -13.53 7.46 -1.27
N GLY B 280 -12.50 7.89 -1.97
CA GLY B 280 -12.61 9.12 -2.74
C GLY B 280 -12.33 10.35 -1.85
N ARG B 281 -12.00 11.48 -2.47
CA ARG B 281 -11.78 12.73 -1.76
C ARG B 281 -11.92 13.82 -2.80
N GLY B 282 -12.71 14.86 -2.51
CA GLY B 282 -12.90 15.87 -3.54
C GLY B 282 -13.81 15.26 -4.60
N LYS B 283 -13.44 15.38 -5.88
CA LYS B 283 -14.24 14.82 -6.97
C LYS B 283 -13.78 13.47 -7.50
N SER B 284 -14.69 12.51 -7.57
CA SER B 284 -14.40 11.20 -8.13
C SER B 284 -14.98 11.24 -9.54
N VAL B 285 -14.16 10.96 -10.54
CA VAL B 285 -14.65 11.00 -11.91
C VAL B 285 -14.11 9.92 -12.82
N VAL B 286 -14.89 9.61 -13.85
CA VAL B 286 -14.54 8.61 -14.84
C VAL B 286 -14.68 9.21 -16.23
N CYS B 287 -13.76 8.85 -17.11
CA CYS B 287 -13.76 9.32 -18.49
C CYS B 287 -13.56 8.10 -19.40
N GLU B 288 -14.00 8.24 -20.66
CA GLU B 288 -13.87 7.15 -21.64
C GLU B 288 -13.97 7.68 -23.07
N ALA B 289 -13.41 6.91 -24.00
CA ALA B 289 -13.45 7.24 -25.42
C ALA B 289 -13.11 5.98 -26.22
N VAL B 290 -13.53 5.95 -27.48
CA VAL B 290 -13.19 4.84 -28.38
C VAL B 290 -12.37 5.45 -29.49
N ILE B 291 -11.19 4.91 -29.73
CA ILE B 291 -10.32 5.45 -30.76
C ILE B 291 -10.28 4.48 -31.93
N PRO B 292 -10.90 4.86 -33.05
CA PRO B 292 -10.92 4.00 -34.24
C PRO B 292 -9.54 3.48 -34.59
N ALA B 293 -9.52 2.22 -35.06
CA ALA B 293 -8.30 1.53 -35.47
C ALA B 293 -7.36 2.35 -36.34
N LYS B 294 -7.93 3.05 -37.31
CA LYS B 294 -7.15 3.87 -38.24
C LYS B 294 -6.55 5.09 -37.54
N VAL B 295 -7.27 5.64 -36.57
CA VAL B 295 -6.76 6.79 -35.85
C VAL B 295 -5.58 6.35 -34.99
N VAL B 296 -5.70 5.17 -34.41
CA VAL B 296 -4.62 4.62 -33.58
C VAL B 296 -3.36 4.51 -34.44
N ARG B 297 -3.51 3.99 -35.65
CA ARG B 297 -2.40 3.81 -36.56
C ARG B 297 -1.86 5.13 -37.14
N GLU B 298 -2.73 5.99 -37.64
CA GLU B 298 -2.32 7.27 -38.24
C GLU B 298 -1.83 8.32 -37.25
N VAL B 299 -2.62 8.57 -36.22
CA VAL B 299 -2.27 9.58 -35.23
C VAL B 299 -1.31 9.07 -34.15
N LEU B 300 -1.60 7.90 -33.60
CA LEU B 300 -0.77 7.35 -32.52
C LEU B 300 0.46 6.54 -32.93
N LYS B 301 0.51 6.13 -34.20
CA LYS B 301 1.63 5.38 -34.76
C LYS B 301 1.86 4.01 -34.14
N THR B 302 0.79 3.33 -33.77
CA THR B 302 0.89 2.00 -33.16
C THR B 302 -0.39 1.22 -33.44
N THR B 303 -0.63 0.14 -32.72
CA THR B 303 -1.84 -0.66 -32.94
C THR B 303 -2.63 -0.79 -31.64
N THR B 304 -3.90 -1.16 -31.77
CA THR B 304 -4.76 -1.34 -30.62
C THR B 304 -4.23 -2.47 -29.74
N GLU B 305 -3.83 -3.58 -30.35
CA GLU B 305 -3.32 -4.72 -29.62
C GLU B 305 -2.06 -4.37 -28.83
N ALA B 306 -1.18 -3.54 -29.41
CA ALA B 306 0.05 -3.15 -28.73
C ALA B 306 -0.29 -2.26 -27.52
N MET B 307 -1.17 -1.29 -27.75
CA MET B 307 -1.63 -0.38 -26.71
C MET B 307 -2.10 -1.17 -25.48
N ILE B 308 -2.97 -2.15 -25.73
CA ILE B 308 -3.57 -2.97 -24.66
C ILE B 308 -2.55 -3.81 -23.91
N GLU B 309 -1.63 -4.42 -24.66
CA GLU B 309 -0.59 -5.23 -24.10
C GLU B 309 0.31 -4.37 -23.19
N VAL B 310 0.66 -3.18 -23.64
CA VAL B 310 1.48 -2.32 -22.80
C VAL B 310 0.69 -1.88 -21.57
N ASN B 311 -0.59 -1.52 -21.76
CA ASN B 311 -1.40 -1.09 -20.63
C ASN B 311 -1.54 -2.14 -19.52
N ILE B 312 -1.92 -3.37 -19.90
CA ILE B 312 -2.08 -4.43 -18.92
C ILE B 312 -0.78 -4.71 -18.16
N ASN B 313 0.33 -4.77 -18.90
CA ASN B 313 1.63 -5.12 -18.31
C ASN B 313 2.44 -4.03 -17.63
N LYS B 314 2.11 -2.77 -17.92
CA LYS B 314 2.76 -1.62 -17.31
C LYS B 314 1.87 -1.07 -16.20
N ASN B 315 0.70 -0.56 -16.58
CA ASN B 315 -0.25 0.05 -15.64
C ASN B 315 -0.95 -0.85 -14.65
N LEU B 316 -1.03 -2.15 -14.95
CA LEU B 316 -1.67 -3.04 -13.97
C LEU B 316 -0.63 -3.93 -13.30
N VAL B 317 0.01 -4.80 -14.07
CA VAL B 317 1.01 -5.70 -13.53
C VAL B 317 2.25 -4.95 -13.03
N GLY B 318 2.73 -3.99 -13.81
CA GLY B 318 3.92 -3.25 -13.40
C GLY B 318 3.66 -2.53 -12.08
N SER B 319 2.56 -1.78 -12.02
CA SER B 319 2.21 -1.03 -10.81
C SER B 319 2.03 -1.96 -9.62
N ALA B 320 1.51 -3.17 -9.89
CA ALA B 320 1.33 -4.16 -8.82
C ALA B 320 2.70 -4.64 -8.31
N MET B 321 3.61 -4.91 -9.23
CA MET B 321 4.94 -5.39 -8.85
C MET B 321 5.67 -4.34 -8.02
N ALA B 322 5.46 -3.06 -8.34
CA ALA B 322 6.07 -1.94 -7.64
C ALA B 322 5.42 -1.67 -6.28
N GLY B 323 4.30 -2.34 -6.00
CA GLY B 323 3.59 -2.12 -4.74
C GLY B 323 2.89 -0.77 -4.72
N SER B 324 2.15 -0.47 -5.79
CA SER B 324 1.44 0.78 -5.88
C SER B 324 0.01 0.74 -5.37
N ILE B 325 -0.42 1.82 -4.71
CA ILE B 325 -1.80 1.95 -4.26
C ILE B 325 -2.28 3.21 -4.99
N GLY B 326 -3.11 3.03 -6.02
CA GLY B 326 -3.63 4.19 -6.74
C GLY B 326 -2.86 4.66 -7.97
N GLY B 327 -1.67 4.10 -8.21
CA GLY B 327 -0.88 4.54 -9.37
C GLY B 327 -0.91 3.61 -10.57
N TYR B 328 -2.11 3.21 -10.98
CA TYR B 328 -2.26 2.31 -12.12
C TYR B 328 -2.45 3.10 -13.39
N ASN B 329 -1.46 3.95 -13.70
CA ASN B 329 -1.54 4.79 -14.87
C ASN B 329 -0.12 5.11 -15.31
N ALA B 330 0.01 5.73 -16.48
CA ALA B 330 1.32 6.06 -17.03
C ALA B 330 1.88 7.36 -16.48
N HIS B 331 1.15 8.46 -16.66
CA HIS B 331 1.63 9.74 -16.16
C HIS B 331 0.53 10.75 -15.86
N ALA B 332 -0.52 10.30 -15.18
CA ALA B 332 -1.61 11.22 -14.84
C ALA B 332 -1.07 12.46 -14.10
N ALA B 333 -0.09 12.27 -13.23
CA ALA B 333 0.47 13.37 -12.44
C ALA B 333 0.99 14.51 -13.28
N ASN B 334 1.55 14.21 -14.45
CA ASN B 334 2.10 15.24 -15.34
C ASN B 334 0.99 16.16 -15.81
N ILE B 335 -0.12 15.58 -16.21
CA ILE B 335 -1.23 16.38 -16.69
C ILE B 335 -1.87 17.14 -15.55
N VAL B 336 -2.11 16.42 -14.44
CA VAL B 336 -2.74 17.04 -13.28
C VAL B 336 -1.91 18.23 -12.83
N THR B 337 -0.59 18.03 -12.71
CA THR B 337 0.30 19.08 -12.26
C THR B 337 0.30 20.33 -13.16
N ALA B 338 0.36 20.12 -14.47
CA ALA B 338 0.39 21.22 -15.43
C ALA B 338 -0.90 22.06 -15.42
N ILE B 339 -2.06 21.39 -15.36
CA ILE B 339 -3.32 22.11 -15.33
C ILE B 339 -3.45 22.86 -14.01
N TYR B 340 -3.03 22.20 -12.92
CA TYR B 340 -3.12 22.80 -11.60
C TYR B 340 -2.33 24.09 -11.45
N ILE B 341 -1.10 24.09 -11.95
CA ILE B 341 -0.26 25.27 -11.87
C ILE B 341 -0.85 26.36 -12.76
N ALA B 342 -1.37 25.98 -13.92
CA ALA B 342 -1.95 26.95 -14.84
C ALA B 342 -3.24 27.57 -14.34
N CYS B 343 -4.03 26.77 -13.61
CA CYS B 343 -5.34 27.20 -13.11
C CYS B 343 -5.44 27.60 -11.65
N GLY B 344 -4.29 27.88 -11.02
CA GLY B 344 -4.30 28.31 -9.64
C GLY B 344 -4.71 27.30 -8.59
N GLN B 345 -4.59 26.02 -8.89
CA GLN B 345 -4.94 25.00 -7.90
C GLN B 345 -3.74 24.85 -6.93
N ASP B 346 -3.84 23.90 -6.02
CA ASP B 346 -2.75 23.65 -5.08
C ASP B 346 -1.97 22.48 -5.65
N ALA B 347 -0.82 22.78 -6.25
CA ALA B 347 0.00 21.74 -6.87
C ALA B 347 0.46 20.58 -5.94
N ALA B 348 0.58 20.86 -4.64
CA ALA B 348 1.00 19.85 -3.67
C ALA B 348 -0.05 18.75 -3.59
N GLN B 349 -1.25 19.08 -4.03
CA GLN B 349 -2.33 18.10 -4.02
C GLN B 349 -2.24 17.12 -5.19
N ASN B 350 -1.18 17.26 -6.00
CA ASN B 350 -1.00 16.30 -7.08
C ASN B 350 -0.71 14.93 -6.46
N VAL B 351 -0.15 14.91 -5.26
CA VAL B 351 0.13 13.65 -4.56
C VAL B 351 -1.13 12.74 -4.63
N GLY B 352 -2.26 13.23 -4.12
CA GLY B 352 -3.49 12.43 -4.15
C GLY B 352 -4.41 12.66 -5.34
N SER B 353 -4.37 13.86 -5.92
CA SER B 353 -5.21 14.14 -7.08
C SER B 353 -4.85 13.30 -8.32
N SER B 354 -3.62 12.80 -8.35
CA SER B 354 -3.11 11.98 -9.46
C SER B 354 -3.58 10.52 -9.47
N ASN B 355 -4.17 10.06 -8.37
CA ASN B 355 -4.66 8.69 -8.28
C ASN B 355 -5.47 8.42 -9.55
N CYS B 356 -5.16 7.32 -10.23
CA CYS B 356 -5.84 7.01 -11.47
C CYS B 356 -5.61 5.59 -11.94
N ILE B 357 -6.64 4.98 -12.51
CA ILE B 357 -6.49 3.67 -13.10
C ILE B 357 -6.93 3.84 -14.55
N THR B 358 -6.04 3.48 -15.47
CA THR B 358 -6.24 3.60 -16.90
C THR B 358 -6.45 2.17 -17.43
N LEU B 359 -7.56 1.96 -18.15
CA LEU B 359 -7.88 0.65 -18.70
C LEU B 359 -8.08 0.77 -20.21
N MET B 360 -7.68 -0.27 -20.92
CA MET B 360 -7.78 -0.30 -22.37
C MET B 360 -8.23 -1.68 -22.85
N GLU B 361 -9.13 -1.71 -23.81
CA GLU B 361 -9.60 -2.99 -24.31
C GLU B 361 -10.07 -2.87 -25.76
N ALA B 362 -10.07 -4.01 -26.45
CA ALA B 362 -10.50 -4.07 -27.84
C ALA B 362 -11.99 -3.79 -27.97
N SER B 363 -12.36 -3.04 -29.00
CA SER B 363 -13.75 -2.68 -29.26
C SER B 363 -14.03 -2.66 -30.75
N GLY B 364 -15.30 -2.53 -31.10
CA GLY B 364 -15.69 -2.46 -32.50
C GLY B 364 -16.15 -3.80 -33.06
N PRO B 365 -16.82 -3.78 -34.22
CA PRO B 365 -17.32 -5.00 -34.88
C PRO B 365 -16.21 -6.01 -35.14
N THR B 366 -15.05 -5.50 -35.55
CA THR B 366 -13.89 -6.34 -35.82
C THR B 366 -12.93 -6.43 -34.65
N ASN B 367 -13.19 -5.65 -33.59
CA ASN B 367 -12.37 -5.64 -32.38
C ASN B 367 -10.96 -5.06 -32.56
N GLU B 368 -10.83 -4.07 -33.43
CA GLU B 368 -9.53 -3.41 -33.67
C GLU B 368 -9.50 -1.97 -33.17
N ASP B 369 -10.66 -1.48 -32.72
CA ASP B 369 -10.73 -0.12 -32.21
C ASP B 369 -10.33 -0.13 -30.73
N LEU B 370 -9.83 1.01 -30.25
CA LEU B 370 -9.37 1.11 -28.86
C LEU B 370 -10.31 1.77 -27.85
N TYR B 371 -10.81 0.99 -26.90
CA TYR B 371 -11.64 1.55 -25.85
C TYR B 371 -10.65 1.93 -24.74
N ILE B 372 -10.78 3.13 -24.18
CA ILE B 372 -9.92 3.58 -23.09
C ILE B 372 -10.77 4.29 -22.05
N SER B 373 -10.46 4.04 -20.77
CA SER B 373 -11.13 4.70 -19.66
C SER B 373 -10.08 5.07 -18.61
N CYS B 374 -10.34 6.18 -17.92
CA CYS B 374 -9.49 6.67 -16.84
C CYS B 374 -10.42 6.97 -15.68
N THR B 375 -10.17 6.38 -14.51
CA THR B 375 -10.98 6.62 -13.31
C THR B 375 -10.10 7.27 -12.23
N MET B 376 -10.49 8.47 -11.82
CA MET B 376 -9.75 9.29 -10.84
C MET B 376 -10.69 9.58 -9.70
N PRO B 377 -10.59 8.79 -8.63
CA PRO B 377 -11.43 8.92 -7.45
C PRO B 377 -11.20 10.07 -6.49
N SER B 378 -10.09 10.80 -6.64
CA SER B 378 -9.81 11.87 -5.68
C SER B 378 -9.16 13.16 -6.22
N ILE B 379 -9.86 13.83 -7.12
CA ILE B 379 -9.39 15.08 -7.68
C ILE B 379 -9.76 16.24 -6.71
N GLU B 380 -8.75 16.83 -6.09
CA GLU B 380 -8.92 17.94 -5.15
C GLU B 380 -8.75 19.21 -5.98
N ILE B 381 -9.87 19.90 -6.18
CA ILE B 381 -9.86 21.03 -7.10
C ILE B 381 -10.97 22.03 -6.77
N GLY B 382 -10.82 23.26 -7.28
CA GLY B 382 -11.79 24.31 -7.04
C GLY B 382 -11.60 25.45 -8.01
N THR B 383 -12.58 26.36 -8.11
CA THR B 383 -12.47 27.48 -9.05
C THR B 383 -12.59 28.86 -8.41
N VAL B 384 -12.56 28.90 -7.08
CA VAL B 384 -12.66 30.14 -6.34
C VAL B 384 -11.80 30.02 -5.07
N GLY B 385 -11.16 31.13 -4.68
CA GLY B 385 -10.32 31.12 -3.50
C GLY B 385 -8.89 30.71 -3.79
N GLY B 386 -7.99 30.96 -2.84
CA GLY B 386 -6.60 30.58 -3.06
C GLY B 386 -5.98 31.19 -4.30
N GLY B 387 -5.18 30.41 -5.01
CA GLY B 387 -4.55 30.90 -6.22
C GLY B 387 -5.52 31.23 -7.34
N THR B 388 -6.75 30.72 -7.28
CA THR B 388 -7.72 31.01 -8.32
C THR B 388 -8.17 32.47 -8.24
N ASN B 389 -7.73 33.17 -7.21
CA ASN B 389 -8.05 34.58 -7.04
C ASN B 389 -7.15 35.48 -7.88
N LEU B 390 -5.99 34.95 -8.28
CA LEU B 390 -5.04 35.73 -9.08
C LEU B 390 -5.49 35.84 -10.53
N LEU B 391 -5.28 37.01 -11.12
CA LEU B 391 -5.70 37.29 -12.49
C LEU B 391 -5.14 36.35 -13.55
N PRO B 392 -3.82 36.09 -13.53
CA PRO B 392 -3.29 35.18 -14.56
C PRO B 392 -3.97 33.84 -14.46
N GLN B 393 -4.04 33.25 -13.26
CA GLN B 393 -4.69 31.96 -13.14
C GLN B 393 -6.18 32.03 -13.48
N GLN B 394 -6.80 33.19 -13.28
CA GLN B 394 -8.21 33.36 -13.63
C GLN B 394 -8.36 33.34 -15.13
N ALA B 395 -7.34 33.85 -15.83
CA ALA B 395 -7.38 33.86 -17.28
C ALA B 395 -7.46 32.41 -17.78
N CYS B 396 -6.62 31.55 -17.22
CA CYS B 396 -6.63 30.15 -17.62
C CYS B 396 -7.95 29.47 -17.30
N LEU B 397 -8.54 29.82 -16.16
CA LEU B 397 -9.83 29.26 -15.78
C LEU B 397 -10.94 29.76 -16.71
N GLN B 398 -10.86 31.03 -17.11
CA GLN B 398 -11.86 31.59 -18.03
C GLN B 398 -11.81 30.90 -19.39
N MET B 399 -10.59 30.58 -19.81
CA MET B 399 -10.33 29.88 -21.07
C MET B 399 -11.18 28.60 -21.09
N LEU B 400 -11.27 27.94 -19.93
CA LEU B 400 -12.06 26.70 -19.79
C LEU B 400 -13.54 26.96 -19.47
N GLY B 401 -13.89 28.22 -19.16
CA GLY B 401 -15.26 28.58 -18.85
C GLY B 401 -15.74 28.16 -17.47
N VAL B 402 -14.80 28.01 -16.53
CA VAL B 402 -15.14 27.57 -15.18
C VAL B 402 -14.65 28.52 -14.12
N GLN B 403 -14.36 29.76 -14.48
CA GLN B 403 -13.84 30.72 -13.51
C GLN B 403 -14.87 31.20 -12.50
N GLY B 404 -14.49 31.14 -11.23
CA GLY B 404 -15.33 31.61 -10.14
C GLY B 404 -16.45 30.69 -9.70
N ALA B 405 -17.37 31.25 -8.92
CA ALA B 405 -18.51 30.51 -8.40
C ALA B 405 -19.58 30.39 -9.48
N CYS B 406 -20.30 29.27 -9.45
CA CYS B 406 -21.37 29.07 -10.40
C CYS B 406 -22.65 29.36 -9.64
N LYS B 407 -23.15 30.58 -9.78
CA LYS B 407 -24.40 30.94 -9.13
C LYS B 407 -25.48 30.26 -9.95
N ASP B 408 -26.47 29.70 -9.26
CA ASP B 408 -27.59 28.96 -9.88
C ASP B 408 -27.31 27.48 -9.85
N ASN B 409 -26.04 27.11 -9.64
CA ASN B 409 -25.65 25.71 -9.55
C ASN B 409 -24.29 25.58 -8.89
N PRO B 410 -24.24 25.86 -7.57
CA PRO B 410 -23.02 25.80 -6.75
C PRO B 410 -22.24 24.50 -6.93
N GLY B 411 -20.95 24.64 -7.26
CA GLY B 411 -20.09 23.47 -7.44
C GLY B 411 -19.93 22.99 -8.86
N GLU B 412 -20.76 23.49 -9.78
CA GLU B 412 -20.71 23.07 -11.18
C GLU B 412 -19.44 23.50 -11.94
N ASN B 413 -18.87 24.63 -11.54
CA ASN B 413 -17.66 25.10 -12.18
C ASN B 413 -16.50 24.18 -11.79
N ALA B 414 -16.47 23.77 -10.52
CA ALA B 414 -15.43 22.88 -9.99
C ALA B 414 -15.58 21.46 -10.57
N ARG B 415 -16.83 20.99 -10.66
CA ARG B 415 -17.10 19.66 -11.22
C ARG B 415 -16.69 19.62 -12.67
N GLN B 416 -16.99 20.70 -13.40
CA GLN B 416 -16.62 20.79 -14.81
C GLN B 416 -15.09 20.73 -14.96
N LEU B 417 -14.37 21.50 -14.14
CA LEU B 417 -12.91 21.47 -14.20
C LEU B 417 -12.39 20.07 -13.89
N ALA B 418 -13.01 19.36 -12.96
CA ALA B 418 -12.57 18.01 -12.62
C ALA B 418 -12.70 17.07 -13.85
N ARG B 419 -13.83 17.17 -14.55
CA ARG B 419 -14.08 16.38 -15.75
C ARG B 419 -13.05 16.68 -16.82
N ILE B 420 -12.71 17.95 -16.96
CA ILE B 420 -11.72 18.39 -17.95
C ILE B 420 -10.36 17.78 -17.58
N VAL B 421 -10.08 17.76 -16.29
CA VAL B 421 -8.81 17.22 -15.81
C VAL B 421 -8.74 15.73 -16.12
N CYS B 422 -9.80 15.02 -15.79
CA CYS B 422 -9.86 13.60 -16.05
C CYS B 422 -9.75 13.31 -17.56
N GLY B 423 -10.43 14.13 -18.37
CA GLY B 423 -10.40 13.94 -19.81
C GLY B 423 -9.03 14.19 -20.42
N THR B 424 -8.36 15.23 -19.92
CA THR B 424 -7.03 15.56 -20.40
C THR B 424 -6.02 14.50 -19.99
N VAL B 425 -6.17 13.97 -18.78
CA VAL B 425 -5.30 12.90 -18.29
C VAL B 425 -5.43 11.74 -19.30
N MET B 426 -6.66 11.42 -19.70
CA MET B 426 -6.91 10.31 -20.64
C MET B 426 -6.22 10.57 -21.98
N ALA B 427 -6.25 11.82 -22.43
CA ALA B 427 -5.60 12.20 -23.66
C ALA B 427 -4.10 11.99 -23.47
N GLY B 428 -3.59 12.39 -22.30
CA GLY B 428 -2.16 12.22 -22.03
C GLY B 428 -1.78 10.74 -21.98
N GLU B 429 -2.61 9.95 -21.32
CA GLU B 429 -2.38 8.52 -21.18
C GLU B 429 -2.31 7.85 -22.56
N LEU B 430 -3.26 8.23 -23.41
CA LEU B 430 -3.35 7.67 -24.76
C LEU B 430 -2.04 7.88 -25.56
N SER B 431 -1.50 9.10 -25.51
CA SER B 431 -0.29 9.42 -26.24
C SER B 431 1.00 8.79 -25.71
N LEU B 432 1.19 8.80 -24.39
CA LEU B 432 2.38 8.21 -23.81
C LEU B 432 2.39 6.70 -24.02
N MET B 433 1.24 6.07 -23.83
CA MET B 433 1.12 4.64 -24.00
C MET B 433 1.40 4.24 -25.44
N ALA B 434 1.03 5.11 -26.37
CA ALA B 434 1.28 4.86 -27.80
C ALA B 434 2.77 4.96 -28.10
N ALA B 435 3.43 5.93 -27.47
CA ALA B 435 4.88 6.13 -27.67
C ALA B 435 5.66 4.96 -27.07
N LEU B 436 5.24 4.51 -25.89
CA LEU B 436 5.92 3.41 -25.23
C LEU B 436 5.75 2.11 -25.99
N ALA B 437 4.57 1.91 -26.57
CA ALA B 437 4.25 0.71 -27.32
C ALA B 437 5.00 0.66 -28.65
N ALA B 438 5.28 1.85 -29.19
CA ALA B 438 5.98 1.96 -30.47
C ALA B 438 7.48 2.14 -30.36
N GLY B 439 7.97 2.35 -29.14
CA GLY B 439 9.40 2.56 -28.94
C GLY B 439 9.80 3.99 -29.29
N HIS B 440 8.86 4.93 -29.12
CA HIS B 440 9.10 6.35 -29.42
C HIS B 440 9.40 7.26 -28.24
N LEU B 441 9.45 6.73 -27.02
CA LEU B 441 9.73 7.59 -25.88
C LEU B 441 11.07 8.30 -26.07
N VAL B 442 11.91 7.69 -26.90
CA VAL B 442 13.24 8.19 -27.30
C VAL B 442 13.11 9.58 -27.93
N LYS B 443 12.08 9.76 -28.76
CA LYS B 443 11.80 11.01 -29.48
C LYS B 443 11.55 12.27 -28.64
N SER B 444 12.39 13.28 -28.86
CA SER B 444 12.31 14.57 -28.16
C SER B 444 13.22 15.63 -28.83
N ASP C 43 -11.88 -54.63 -0.04
CA ASP C 43 -10.67 -54.01 0.55
C ASP C 43 -9.47 -54.47 -0.27
N ALA C 44 -9.62 -55.59 -0.95
CA ALA C 44 -8.56 -56.15 -1.79
C ALA C 44 -9.12 -56.35 -3.19
N GLU C 45 -10.34 -56.88 -3.25
CA GLU C 45 -11.00 -57.13 -4.52
C GLU C 45 -11.62 -55.85 -5.06
N ILE C 46 -11.85 -54.88 -4.18
CA ILE C 46 -12.45 -53.60 -4.56
C ILE C 46 -11.47 -52.77 -5.40
N ILE C 47 -10.20 -52.85 -5.04
CA ILE C 47 -9.14 -52.14 -5.75
C ILE C 47 -9.19 -52.50 -7.23
N GLN C 48 -9.48 -53.76 -7.52
CA GLN C 48 -9.56 -54.25 -8.89
C GLN C 48 -10.50 -53.38 -9.73
N LEU C 49 -11.73 -53.23 -9.25
CA LEU C 49 -12.76 -52.44 -9.92
C LEU C 49 -12.33 -51.01 -10.23
N VAL C 50 -11.79 -50.32 -9.21
CA VAL C 50 -11.34 -48.94 -9.36
C VAL C 50 -10.28 -48.74 -10.45
N ASN C 51 -9.39 -49.72 -10.59
CA ASN C 51 -8.33 -49.65 -11.59
C ASN C 51 -8.91 -49.49 -13.01
N ALA C 52 -10.09 -50.04 -13.22
CA ALA C 52 -10.78 -49.93 -14.50
C ALA C 52 -11.39 -48.52 -14.52
N LYS C 53 -11.71 -48.02 -15.72
CA LYS C 53 -12.30 -46.69 -15.84
C LYS C 53 -13.67 -46.62 -15.14
N HIS C 54 -14.36 -45.50 -15.35
CA HIS C 54 -15.70 -45.24 -14.80
C HIS C 54 -15.83 -45.19 -13.27
N ILE C 55 -14.71 -45.22 -12.54
CA ILE C 55 -14.75 -45.18 -11.07
C ILE C 55 -13.52 -44.53 -10.41
N PRO C 56 -13.54 -43.18 -10.28
CA PRO C 56 -12.46 -42.39 -9.68
C PRO C 56 -12.34 -42.61 -8.17
N ALA C 57 -11.13 -42.39 -7.64
CA ALA C 57 -10.85 -42.56 -6.22
C ALA C 57 -11.73 -41.71 -5.29
N TYR C 58 -12.06 -40.50 -5.72
CA TYR C 58 -12.88 -39.61 -4.91
C TYR C 58 -14.36 -39.99 -4.79
N LYS C 59 -14.74 -41.09 -5.43
CA LYS C 59 -16.14 -41.54 -5.39
C LYS C 59 -16.34 -42.79 -4.52
N LEU C 60 -15.29 -43.23 -3.84
CA LEU C 60 -15.31 -44.41 -2.98
C LEU C 60 -16.38 -44.51 -1.90
N GLU C 61 -16.61 -43.44 -1.16
CA GLU C 61 -17.61 -43.44 -0.09
C GLU C 61 -19.03 -43.74 -0.54
N THR C 62 -19.33 -43.37 -1.78
CA THR C 62 -20.66 -43.60 -2.34
C THR C 62 -20.91 -45.10 -2.65
N LEU C 63 -19.83 -45.85 -2.88
CA LEU C 63 -19.93 -47.27 -3.20
C LEU C 63 -19.59 -48.24 -2.05
N ILE C 64 -19.08 -47.69 -0.95
CA ILE C 64 -18.70 -48.52 0.20
C ILE C 64 -19.65 -48.32 1.39
N GLU C 65 -19.79 -49.36 2.22
CA GLU C 65 -20.68 -49.32 3.37
C GLU C 65 -20.13 -48.63 4.62
N THR C 66 -18.82 -48.36 4.64
CA THR C 66 -18.19 -47.71 5.79
C THR C 66 -17.25 -46.61 5.34
N HIS C 67 -17.32 -45.47 6.03
CA HIS C 67 -16.46 -44.33 5.72
C HIS C 67 -14.99 -44.70 5.85
N GLU C 68 -14.63 -45.22 7.02
CA GLU C 68 -13.25 -45.61 7.30
C GLU C 68 -12.67 -46.51 6.21
N ARG C 69 -13.44 -47.53 5.83
CA ARG C 69 -12.99 -48.45 4.80
C ARG C 69 -12.73 -47.69 3.50
N GLY C 70 -13.59 -46.72 3.22
CA GLY C 70 -13.41 -45.92 2.02
C GLY C 70 -12.06 -45.23 2.04
N VAL C 71 -11.73 -44.64 3.20
CA VAL C 71 -10.45 -43.94 3.41
C VAL C 71 -9.30 -44.93 3.26
N SER C 72 -9.48 -46.10 3.86
CA SER C 72 -8.48 -47.17 3.83
C SER C 72 -8.14 -47.59 2.41
N ILE C 73 -9.15 -47.82 1.61
CA ILE C 73 -8.95 -48.23 0.23
C ILE C 73 -8.25 -47.13 -0.56
N ARG C 74 -8.63 -45.88 -0.31
CA ARG C 74 -7.99 -44.75 -0.99
C ARG C 74 -6.51 -44.68 -0.63
N ARG C 75 -6.19 -44.94 0.64
CA ARG C 75 -4.80 -44.95 1.09
C ARG C 75 -4.00 -46.04 0.39
N GLN C 76 -4.62 -47.22 0.22
CA GLN C 76 -3.94 -48.33 -0.46
C GLN C 76 -3.74 -48.00 -1.93
N LEU C 77 -4.75 -47.40 -2.54
CA LEU C 77 -4.68 -47.00 -3.94
C LEU C 77 -3.57 -45.98 -4.10
N LEU C 78 -3.59 -44.97 -3.21
CA LEU C 78 -2.60 -43.90 -3.21
C LEU C 78 -1.18 -44.44 -3.03
N SER C 79 -1.04 -45.38 -2.11
CA SER C 79 0.24 -46.02 -1.79
C SER C 79 1.04 -46.47 -3.01
N LYS C 80 0.38 -47.16 -3.94
CA LYS C 80 1.03 -47.67 -5.14
C LYS C 80 1.63 -46.57 -6.03
N LYS C 81 1.14 -45.34 -5.89
CA LYS C 81 1.66 -44.25 -6.70
C LYS C 81 2.77 -43.46 -5.99
N LEU C 82 3.12 -43.87 -4.77
CA LEU C 82 4.15 -43.15 -4.03
C LEU C 82 5.54 -43.75 -4.21
N SER C 83 6.54 -42.87 -4.35
CA SER C 83 7.92 -43.30 -4.52
C SER C 83 8.30 -44.09 -3.26
N GLU C 84 7.65 -43.73 -2.15
CA GLU C 84 7.86 -44.38 -0.86
C GLU C 84 6.47 -44.82 -0.43
N PRO C 85 6.07 -46.03 -0.84
CA PRO C 85 4.76 -46.64 -0.54
C PRO C 85 4.36 -46.70 0.93
N SER C 86 5.33 -46.71 1.83
CA SER C 86 5.05 -46.80 3.26
C SER C 86 4.90 -45.46 3.99
N SER C 87 5.05 -44.36 3.27
CA SER C 87 4.95 -43.04 3.91
C SER C 87 3.69 -42.80 4.74
N LEU C 88 2.56 -43.33 4.29
CA LEU C 88 1.29 -43.15 5.00
C LEU C 88 1.18 -43.91 6.33
N GLN C 89 2.24 -44.63 6.67
CA GLN C 89 2.29 -45.43 7.91
C GLN C 89 1.94 -44.67 9.18
N TYR C 90 2.42 -43.43 9.29
CA TYR C 90 2.18 -42.61 10.48
C TYR C 90 1.12 -41.54 10.36
N LEU C 91 0.39 -41.56 9.26
CA LEU C 91 -0.70 -40.62 9.05
C LEU C 91 -1.93 -41.37 9.54
N PRO C 92 -2.42 -41.04 10.75
CA PRO C 92 -3.59 -41.68 11.34
C PRO C 92 -4.88 -41.49 10.53
N TYR C 93 -5.81 -42.42 10.70
CA TYR C 93 -7.09 -42.36 10.00
C TYR C 93 -8.20 -43.13 10.71
N ARG C 94 -7.81 -44.01 11.64
CA ARG C 94 -8.75 -44.84 12.38
C ARG C 94 -9.45 -44.15 13.53
N ASP C 95 -10.65 -44.62 13.83
CA ASP C 95 -11.49 -44.12 14.94
C ASP C 95 -11.72 -42.62 14.87
N TYR C 96 -12.21 -42.17 13.73
CA TYR C 96 -12.51 -40.76 13.51
C TYR C 96 -13.84 -40.68 12.77
N ASN C 97 -14.64 -39.69 13.14
CA ASN C 97 -15.97 -39.48 12.57
C ASN C 97 -16.00 -38.81 11.20
N TYR C 98 -15.83 -39.60 10.13
CA TYR C 98 -15.82 -39.06 8.77
C TYR C 98 -17.18 -38.65 8.23
N SER C 99 -18.22 -39.16 8.85
CA SER C 99 -19.59 -38.85 8.43
C SER C 99 -19.85 -37.35 8.38
N LEU C 100 -19.35 -36.65 9.39
CA LEU C 100 -19.53 -35.20 9.48
C LEU C 100 -18.59 -34.44 8.54
N VAL C 101 -17.50 -35.07 8.14
CA VAL C 101 -16.50 -34.46 7.27
C VAL C 101 -16.84 -34.60 5.78
N MET C 102 -17.11 -35.83 5.37
CA MET C 102 -17.40 -36.12 3.98
C MET C 102 -18.77 -35.59 3.55
N GLY C 103 -18.73 -34.70 2.56
CA GLY C 103 -19.95 -34.09 2.05
C GLY C 103 -20.03 -32.62 2.43
N ALA C 104 -19.13 -32.16 3.31
CA ALA C 104 -19.15 -30.76 3.75
C ALA C 104 -17.81 -30.13 4.10
N CYS C 105 -16.83 -30.92 4.54
CA CYS C 105 -15.54 -30.35 4.94
C CYS C 105 -14.26 -30.71 4.20
N CYS C 106 -14.21 -31.84 3.50
CA CYS C 106 -13.00 -32.27 2.80
C CYS C 106 -13.30 -33.39 1.81
N GLU C 107 -12.51 -33.46 0.73
CA GLU C 107 -12.70 -34.51 -0.27
C GLU C 107 -11.45 -35.37 -0.40
N ASN C 108 -11.59 -36.55 -1.02
CA ASN C 108 -10.48 -37.47 -1.23
C ASN C 108 -9.69 -37.65 0.05
N VAL C 109 -10.41 -37.93 1.13
CA VAL C 109 -9.84 -38.05 2.45
C VAL C 109 -8.98 -39.30 2.66
N ILE C 110 -7.78 -39.09 3.20
CA ILE C 110 -6.84 -40.17 3.44
C ILE C 110 -6.50 -40.31 4.90
N GLY C 111 -7.14 -39.49 5.73
CA GLY C 111 -6.87 -39.52 7.15
C GLY C 111 -7.00 -38.14 7.75
N TYR C 112 -6.32 -37.94 8.87
CA TYR C 112 -6.36 -36.68 9.56
C TYR C 112 -5.01 -36.32 10.13
N MET C 113 -4.83 -35.02 10.36
CA MET C 113 -3.59 -34.46 10.86
C MET C 113 -3.77 -33.93 12.29
N PRO C 114 -3.18 -34.60 13.29
CA PRO C 114 -3.32 -34.13 14.67
C PRO C 114 -2.48 -32.86 14.90
N ILE C 115 -3.08 -31.83 15.50
CA ILE C 115 -2.33 -30.60 15.81
C ILE C 115 -2.40 -30.42 17.33
N PRO C 116 -1.24 -30.41 18.00
CA PRO C 116 -1.25 -30.24 19.47
C PRO C 116 -2.09 -29.02 19.87
N VAL C 117 -2.81 -29.15 20.98
CA VAL C 117 -3.65 -28.08 21.49
C VAL C 117 -3.23 -27.80 22.91
N GLY C 118 -2.87 -26.55 23.15
CA GLY C 118 -2.49 -26.15 24.49
C GLY C 118 -3.51 -25.12 24.96
N VAL C 119 -3.45 -24.76 26.23
CA VAL C 119 -4.40 -23.79 26.77
C VAL C 119 -3.68 -22.60 27.42
N ALA C 120 -4.19 -21.40 27.16
CA ALA C 120 -3.63 -20.18 27.77
C ALA C 120 -4.74 -19.52 28.56
N GLY C 121 -4.43 -19.15 29.80
CA GLY C 121 -5.42 -18.53 30.64
C GLY C 121 -5.15 -18.66 32.12
N PRO C 122 -6.06 -18.11 32.96
CA PRO C 122 -7.27 -17.44 32.46
C PRO C 122 -7.11 -16.06 31.82
N LEU C 123 -7.83 -15.84 30.72
CA LEU C 123 -7.87 -14.54 30.06
C LEU C 123 -9.01 -13.80 30.77
N CYS C 124 -8.65 -12.78 31.55
CA CYS C 124 -9.65 -12.00 32.30
C CYS C 124 -10.14 -10.93 31.37
N LEU C 125 -11.31 -11.18 30.78
CA LEU C 125 -11.90 -10.30 29.78
C LEU C 125 -13.35 -9.99 30.07
N ASP C 126 -13.65 -8.69 30.09
CA ASP C 126 -14.97 -8.17 30.36
C ASP C 126 -15.63 -8.83 31.57
N GLU C 127 -14.87 -8.96 32.65
CA GLU C 127 -15.32 -9.54 33.91
C GLU C 127 -15.58 -11.04 33.89
N LYS C 128 -15.15 -11.68 32.81
CA LYS C 128 -15.29 -13.12 32.69
C LYS C 128 -13.89 -13.72 32.62
N GLU C 129 -13.79 -15.04 32.76
CA GLU C 129 -12.50 -15.73 32.69
C GLU C 129 -12.55 -16.80 31.63
N PHE C 130 -11.66 -16.72 30.67
CA PHE C 130 -11.63 -17.69 29.59
C PHE C 130 -10.37 -18.53 29.59
N GLN C 131 -10.53 -19.79 29.20
CA GLN C 131 -9.44 -20.75 29.06
C GLN C 131 -9.39 -20.90 27.54
N VAL C 132 -8.36 -20.31 26.94
CA VAL C 132 -8.22 -20.30 25.49
C VAL C 132 -7.44 -21.42 24.87
N PRO C 133 -8.11 -22.24 24.03
CA PRO C 133 -7.48 -23.39 23.36
C PRO C 133 -6.68 -22.87 22.17
N MET C 134 -5.46 -23.36 22.01
CA MET C 134 -4.59 -22.93 20.93
C MET C 134 -3.90 -24.14 20.30
N ALA C 135 -4.21 -24.39 19.03
CA ALA C 135 -3.62 -25.50 18.29
C ALA C 135 -2.39 -24.99 17.57
N THR C 136 -1.23 -25.54 17.88
CA THR C 136 -0.01 -25.08 17.25
C THR C 136 1.11 -26.09 17.33
N THR C 137 2.12 -25.91 16.47
CA THR C 137 3.33 -26.72 16.49
C THR C 137 4.50 -25.77 16.75
N GLU C 138 4.20 -24.50 17.07
CA GLU C 138 5.25 -23.52 17.37
C GLU C 138 5.59 -23.46 18.85
N GLY C 139 6.78 -23.94 19.22
CA GLY C 139 7.20 -23.92 20.62
C GLY C 139 7.21 -22.52 21.22
N CYS C 140 6.81 -22.41 22.48
CA CYS C 140 6.76 -21.13 23.22
C CYS C 140 5.55 -20.25 22.96
N LEU C 141 4.78 -20.53 21.90
CA LEU C 141 3.62 -19.70 21.62
C LEU C 141 2.57 -19.74 22.75
N VAL C 142 2.18 -20.93 23.18
CA VAL C 142 1.19 -21.03 24.23
C VAL C 142 1.74 -20.46 25.54
N ALA C 143 3.00 -20.78 25.84
CA ALA C 143 3.66 -20.29 27.05
C ALA C 143 3.67 -18.76 27.04
N SER C 144 4.03 -18.15 25.92
CA SER C 144 4.07 -16.70 25.80
C SER C 144 2.68 -16.09 25.98
N THR C 145 1.69 -16.67 25.31
CA THR C 145 0.31 -16.20 25.38
C THR C 145 -0.18 -16.33 26.83
N ASN C 146 0.15 -17.44 27.48
CA ASN C 146 -0.25 -17.70 28.86
C ASN C 146 0.34 -16.63 29.79
N ARG C 147 1.60 -16.27 29.55
CA ARG C 147 2.26 -15.25 30.35
C ARG C 147 1.57 -13.88 30.20
N GLY C 148 1.18 -13.55 28.96
CA GLY C 148 0.49 -12.29 28.70
C GLY C 148 -0.84 -12.29 29.45
N CYS C 149 -1.50 -13.44 29.51
CA CYS C 149 -2.77 -13.53 30.22
C CYS C 149 -2.55 -13.24 31.69
N ARG C 150 -1.43 -13.75 32.21
CA ARG C 150 -1.08 -13.57 33.60
C ARG C 150 -0.90 -12.10 33.94
N ALA C 151 -0.15 -11.38 33.12
CA ALA C 151 0.07 -9.95 33.37
C ALA C 151 -1.27 -9.22 33.34
N ILE C 152 -2.10 -9.53 32.35
CA ILE C 152 -3.42 -8.91 32.23
C ILE C 152 -4.30 -9.21 33.45
N GLY C 153 -4.29 -10.46 33.92
CA GLY C 153 -5.11 -10.82 35.07
C GLY C 153 -4.65 -10.12 36.34
N LEU C 154 -3.34 -9.92 36.48
CA LEU C 154 -2.81 -9.24 37.65
C LEU C 154 -3.06 -7.73 37.60
N GLY C 155 -3.40 -7.23 36.40
CA GLY C 155 -3.68 -5.82 36.21
C GLY C 155 -5.18 -5.55 36.23
N GLY C 156 -5.96 -6.50 36.73
CA GLY C 156 -7.40 -6.33 36.81
C GLY C 156 -8.23 -6.67 35.58
N GLY C 157 -7.63 -7.34 34.59
CA GLY C 157 -8.38 -7.73 33.39
C GLY C 157 -8.40 -6.78 32.20
N ALA C 158 -8.93 -7.27 31.09
CA ALA C 158 -9.04 -6.49 29.88
C ALA C 158 -10.48 -6.12 29.60
N SER C 159 -10.68 -5.14 28.73
CA SER C 159 -12.03 -4.72 28.34
C SER C 159 -12.04 -4.68 26.82
N SER C 160 -13.11 -5.17 26.22
CA SER C 160 -13.24 -5.19 24.77
C SER C 160 -14.63 -4.74 24.31
N ARG C 161 -14.72 -4.33 23.04
CA ARG C 161 -15.98 -3.89 22.44
C ARG C 161 -15.96 -4.26 20.97
N VAL C 162 -17.11 -4.70 20.46
CA VAL C 162 -17.26 -5.00 19.05
C VAL C 162 -17.69 -3.67 18.45
N LEU C 163 -16.97 -3.20 17.44
CA LEU C 163 -17.25 -1.90 16.81
C LEU C 163 -18.16 -1.98 15.59
N ALA C 164 -18.14 -3.11 14.91
CA ALA C 164 -18.93 -3.34 13.72
C ALA C 164 -19.01 -4.85 13.46
N ASP C 165 -20.01 -5.27 12.70
CA ASP C 165 -20.18 -6.69 12.38
C ASP C 165 -20.88 -6.84 11.05
N GLY C 166 -20.14 -7.38 10.08
CA GLY C 166 -20.72 -7.60 8.77
C GLY C 166 -19.79 -8.27 7.76
N MET C 167 -20.14 -9.48 7.36
CA MET C 167 -19.37 -10.18 6.35
C MET C 167 -19.63 -9.46 5.01
N THR C 168 -18.68 -9.52 4.08
CA THR C 168 -18.85 -8.86 2.78
C THR C 168 -18.56 -9.78 1.59
N ARG C 169 -19.02 -9.36 0.41
CA ARG C 169 -18.73 -10.04 -0.85
C ARG C 169 -18.65 -8.91 -1.86
N GLY C 170 -17.64 -8.92 -2.72
CA GLY C 170 -17.49 -7.84 -3.66
C GLY C 170 -17.37 -8.24 -5.11
N PRO C 171 -18.50 -8.52 -5.77
CA PRO C 171 -18.57 -8.92 -7.19
C PRO C 171 -18.15 -7.83 -8.15
N VAL C 172 -17.72 -8.24 -9.34
CA VAL C 172 -17.41 -7.26 -10.37
C VAL C 172 -18.40 -7.46 -11.51
N VAL C 173 -19.13 -6.41 -11.84
CA VAL C 173 -20.06 -6.47 -12.96
C VAL C 173 -19.51 -5.52 -14.01
N ARG C 174 -20.10 -5.55 -15.20
CA ARG C 174 -19.61 -4.72 -16.27
C ARG C 174 -20.74 -4.23 -17.16
N LEU C 175 -20.71 -2.95 -17.49
CA LEU C 175 -21.68 -2.36 -18.38
C LEU C 175 -20.96 -2.03 -19.68
N PRO C 176 -21.73 -1.75 -20.75
CA PRO C 176 -21.13 -1.43 -22.04
C PRO C 176 -20.22 -0.21 -22.02
N ARG C 177 -20.60 0.77 -21.21
CA ARG C 177 -19.84 2.01 -21.13
C ARG C 177 -19.72 2.49 -19.66
N ALA C 178 -18.70 3.30 -19.40
CA ALA C 178 -18.50 3.84 -18.05
C ALA C 178 -19.72 4.71 -17.71
N CYS C 179 -20.30 5.37 -18.70
CA CYS C 179 -21.48 6.21 -18.45
C CYS C 179 -22.63 5.37 -17.89
N ASP C 180 -22.73 4.12 -18.36
CA ASP C 180 -23.77 3.20 -17.88
C ASP C 180 -23.43 2.71 -16.46
N SER C 181 -22.15 2.40 -16.21
CA SER C 181 -21.70 1.97 -14.88
C SER C 181 -22.00 3.06 -13.85
N ALA C 182 -21.70 4.30 -14.23
CA ALA C 182 -21.95 5.46 -13.36
C ALA C 182 -23.43 5.55 -13.04
N GLU C 183 -24.28 5.22 -14.03
CA GLU C 183 -25.72 5.25 -13.84
C GLU C 183 -26.17 4.17 -12.84
N VAL C 184 -25.61 2.96 -12.98
CA VAL C 184 -25.95 1.87 -12.06
C VAL C 184 -25.50 2.24 -10.65
N LYS C 185 -24.35 2.91 -10.52
CA LYS C 185 -23.84 3.32 -9.22
C LYS C 185 -24.81 4.34 -8.60
N ALA C 186 -25.21 5.35 -9.39
CA ALA C 186 -26.16 6.35 -8.91
C ALA C 186 -27.47 5.69 -8.48
N TRP C 187 -27.96 4.76 -9.29
CA TRP C 187 -29.21 4.05 -8.99
C TRP C 187 -29.08 3.32 -7.66
N LEU C 188 -27.97 2.60 -7.47
CA LEU C 188 -27.73 1.87 -6.22
C LEU C 188 -27.66 2.77 -5.00
N GLU C 189 -27.30 4.03 -5.20
CA GLU C 189 -27.19 4.97 -4.10
C GLU C 189 -28.50 5.69 -3.74
N THR C 190 -29.53 5.51 -4.56
CA THR C 190 -30.83 6.13 -4.27
C THR C 190 -31.50 5.25 -3.22
N SER C 191 -32.49 5.80 -2.51
CA SER C 191 -33.19 4.99 -1.50
C SER C 191 -34.05 3.91 -2.19
N GLU C 192 -34.55 4.23 -3.38
CA GLU C 192 -35.37 3.29 -4.15
C GLU C 192 -34.55 2.07 -4.59
N GLY C 193 -33.46 2.34 -5.30
CA GLY C 193 -32.59 1.29 -5.78
C GLY C 193 -32.06 0.40 -4.67
N PHE C 194 -31.56 1.01 -3.60
CA PHE C 194 -31.03 0.24 -2.47
C PHE C 194 -32.11 -0.64 -1.85
N ALA C 195 -33.33 -0.10 -1.75
CA ALA C 195 -34.46 -0.83 -1.19
C ALA C 195 -34.76 -2.11 -1.97
N VAL C 196 -34.82 -2.01 -3.30
CA VAL C 196 -35.11 -3.20 -4.10
C VAL C 196 -34.04 -4.25 -4.00
N ILE C 197 -32.76 -3.88 -4.12
CA ILE C 197 -31.75 -4.92 -4.03
C ILE C 197 -31.61 -5.46 -2.60
N LYS C 198 -31.97 -4.65 -1.60
CA LYS C 198 -31.92 -5.09 -0.20
C LYS C 198 -32.99 -6.15 0.03
N GLU C 199 -34.14 -5.96 -0.60
CA GLU C 199 -35.26 -6.87 -0.50
C GLU C 199 -34.85 -8.21 -1.11
N ALA C 200 -34.28 -8.14 -2.30
CA ALA C 200 -33.83 -9.35 -2.97
C ALA C 200 -32.74 -10.06 -2.14
N PHE C 201 -31.78 -9.27 -1.65
CA PHE C 201 -30.69 -9.83 -0.86
C PHE C 201 -31.24 -10.51 0.40
N ASP C 202 -32.04 -9.77 1.15
CA ASP C 202 -32.60 -10.27 2.40
C ASP C 202 -33.57 -11.45 2.31
N SER C 203 -34.08 -11.74 1.11
CA SER C 203 -35.03 -12.84 0.95
C SER C 203 -34.36 -14.21 0.96
N THR C 204 -33.04 -14.23 0.84
CA THR C 204 -32.30 -15.49 0.82
C THR C 204 -32.09 -16.10 2.20
N SER C 205 -32.37 -15.33 3.26
CA SER C 205 -32.19 -15.80 4.62
C SER C 205 -32.72 -14.88 5.69
N ARG C 206 -33.03 -15.47 6.85
CA ARG C 206 -33.54 -14.73 8.01
C ARG C 206 -32.46 -13.83 8.59
N PHE C 207 -31.18 -14.16 8.32
CA PHE C 207 -30.06 -13.38 8.82
C PHE C 207 -29.46 -12.44 7.78
N ALA C 208 -29.80 -12.67 6.52
CA ALA C 208 -29.32 -11.83 5.45
C ALA C 208 -30.02 -10.49 5.58
N ARG C 209 -29.33 -9.53 6.22
CA ARG C 209 -29.88 -8.20 6.42
C ARG C 209 -28.84 -7.20 5.91
N LEU C 210 -28.96 -6.84 4.64
CA LEU C 210 -28.05 -5.92 3.98
C LEU C 210 -27.93 -4.60 4.71
N GLN C 211 -26.72 -4.31 5.20
CA GLN C 211 -26.42 -3.10 5.93
C GLN C 211 -26.16 -1.97 4.94
N LYS C 212 -25.21 -2.19 4.06
CA LYS C 212 -24.88 -1.18 3.07
C LYS C 212 -24.16 -1.73 1.85
N LEU C 213 -23.91 -0.78 0.95
CA LEU C 213 -23.21 -1.01 -0.30
C LEU C 213 -22.13 0.05 -0.43
N HIS C 214 -20.95 -0.39 -0.84
CA HIS C 214 -19.86 0.54 -1.09
C HIS C 214 -19.57 0.20 -2.54
N THR C 215 -19.61 1.20 -3.40
CA THR C 215 -19.38 0.94 -4.81
C THR C 215 -18.19 1.70 -5.36
N SER C 216 -17.46 1.02 -6.22
CA SER C 216 -16.28 1.59 -6.84
C SER C 216 -16.34 1.34 -8.34
N ILE C 217 -15.97 2.36 -9.11
CA ILE C 217 -15.97 2.28 -10.56
C ILE C 217 -14.54 2.21 -11.12
N ALA C 218 -14.38 1.41 -12.17
CA ALA C 218 -13.11 1.32 -12.89
C ALA C 218 -13.56 1.30 -14.36
N GLY C 219 -13.78 2.50 -14.90
CA GLY C 219 -14.24 2.61 -16.26
C GLY C 219 -15.61 1.98 -16.37
N ARG C 220 -15.75 1.03 -17.28
CA ARG C 220 -17.06 0.39 -17.44
C ARG C 220 -17.36 -0.71 -16.42
N ASN C 221 -16.34 -1.09 -15.63
CA ASN C 221 -16.50 -2.10 -14.56
C ASN C 221 -17.11 -1.43 -13.33
N LEU C 222 -17.83 -2.22 -12.54
CA LEU C 222 -18.45 -1.72 -11.33
C LEU C 222 -18.24 -2.77 -10.26
N TYR C 223 -17.60 -2.36 -9.16
CA TYR C 223 -17.37 -3.27 -8.04
C TYR C 223 -18.33 -2.85 -6.93
N ILE C 224 -19.14 -3.81 -6.47
CA ILE C 224 -20.16 -3.58 -5.46
C ILE C 224 -19.85 -4.41 -4.24
N ARG C 225 -19.66 -3.74 -3.11
CA ARG C 225 -19.35 -4.42 -1.86
C ARG C 225 -20.62 -4.56 -1.03
N PHE C 226 -21.13 -5.78 -0.94
CA PHE C 226 -22.33 -6.07 -0.17
C PHE C 226 -21.90 -6.41 1.24
N GLN C 227 -22.53 -5.79 2.24
CA GLN C 227 -22.17 -6.09 3.63
C GLN C 227 -23.39 -6.45 4.45
N SER C 228 -23.30 -7.55 5.19
CA SER C 228 -24.43 -8.01 6.00
C SER C 228 -24.06 -8.81 7.23
N ARG C 229 -24.93 -8.74 8.24
CA ARG C 229 -24.79 -9.53 9.45
C ARG C 229 -25.04 -10.94 8.94
N SER C 230 -24.77 -11.94 9.78
CA SER C 230 -24.95 -13.33 9.37
C SER C 230 -25.18 -14.26 10.55
N GLY C 231 -25.80 -13.74 11.59
CA GLY C 231 -26.02 -14.57 12.76
C GLY C 231 -24.69 -14.97 13.37
N ASP C 232 -24.57 -16.24 13.75
CA ASP C 232 -23.35 -16.73 14.36
C ASP C 232 -22.41 -17.44 13.38
N ALA C 233 -22.76 -17.40 12.11
CA ALA C 233 -21.94 -18.03 11.07
C ALA C 233 -20.96 -16.97 10.57
N MET C 234 -19.81 -17.42 10.08
CA MET C 234 -18.82 -16.50 9.52
C MET C 234 -19.54 -15.86 8.33
N GLY C 235 -20.48 -16.62 7.76
CA GLY C 235 -21.33 -16.14 6.68
C GLY C 235 -20.88 -15.94 5.25
N MET C 236 -19.76 -16.52 4.84
CA MET C 236 -19.29 -16.34 3.46
C MET C 236 -20.33 -16.92 2.49
N ASN C 237 -20.83 -18.11 2.81
CA ASN C 237 -21.82 -18.81 1.98
C ASN C 237 -23.12 -18.05 1.85
N MET C 238 -23.67 -17.64 2.98
CA MET C 238 -24.92 -16.91 3.02
C MET C 238 -24.85 -15.60 2.23
N ILE C 239 -23.81 -14.82 2.47
CA ILE C 239 -23.64 -13.53 1.79
C ILE C 239 -23.48 -13.75 0.28
N SER C 240 -22.71 -14.77 -0.10
CA SER C 240 -22.50 -15.06 -1.53
C SER C 240 -23.84 -15.33 -2.23
N LYS C 241 -24.69 -16.13 -1.58
CA LYS C 241 -26.01 -16.45 -2.11
C LYS C 241 -26.92 -15.24 -2.13
N GLY C 242 -26.83 -14.40 -1.10
CA GLY C 242 -27.64 -13.20 -1.08
C GLY C 242 -27.17 -12.23 -2.17
N THR C 243 -25.87 -12.30 -2.47
CA THR C 243 -25.27 -11.45 -3.49
C THR C 243 -25.77 -11.87 -4.87
N GLU C 244 -25.79 -13.18 -5.12
CA GLU C 244 -26.26 -13.71 -6.40
C GLU C 244 -27.70 -13.29 -6.69
N LYS C 245 -28.57 -13.43 -5.70
CA LYS C 245 -29.96 -13.05 -5.93
C LYS C 245 -30.13 -11.54 -6.18
N ALA C 246 -29.36 -10.71 -5.49
CA ALA C 246 -29.48 -9.27 -5.70
C ALA C 246 -28.93 -8.85 -7.06
N LEU C 247 -27.87 -9.52 -7.50
CA LEU C 247 -27.27 -9.18 -8.80
C LEU C 247 -28.26 -9.48 -9.93
N SER C 248 -29.03 -10.56 -9.80
CA SER C 248 -30.01 -10.91 -10.82
C SER C 248 -31.12 -9.86 -10.79
N LYS C 249 -31.52 -9.43 -9.61
CA LYS C 249 -32.54 -8.40 -9.49
C LYS C 249 -32.04 -7.15 -10.20
N LEU C 250 -30.79 -6.75 -9.90
CA LEU C 250 -30.17 -5.58 -10.53
C LEU C 250 -30.17 -5.74 -12.06
N HIS C 251 -29.96 -6.98 -12.51
CA HIS C 251 -29.95 -7.27 -13.94
C HIS C 251 -31.30 -6.99 -14.62
N GLU C 252 -32.38 -7.12 -13.86
CA GLU C 252 -33.71 -6.85 -14.40
C GLU C 252 -33.85 -5.36 -14.72
N TYR C 253 -33.19 -4.52 -13.92
CA TYR C 253 -33.23 -3.08 -14.14
C TYR C 253 -32.19 -2.61 -15.17
N PHE C 254 -31.11 -3.39 -15.30
CA PHE C 254 -30.04 -3.11 -16.24
C PHE C 254 -29.67 -4.40 -16.97
N PRO C 255 -30.48 -4.80 -17.97
CA PRO C 255 -30.24 -6.02 -18.73
C PRO C 255 -28.92 -6.07 -19.48
N GLU C 256 -28.36 -4.90 -19.77
CA GLU C 256 -27.08 -4.81 -20.47
C GLU C 256 -25.90 -5.06 -19.53
N MET C 257 -26.20 -5.31 -18.26
CA MET C 257 -25.16 -5.57 -17.27
C MET C 257 -24.68 -7.01 -17.29
N GLN C 258 -23.37 -7.18 -17.47
CA GLN C 258 -22.76 -8.50 -17.46
C GLN C 258 -22.15 -8.78 -16.09
N ILE C 259 -22.54 -9.89 -15.49
CA ILE C 259 -22.03 -10.32 -14.20
C ILE C 259 -20.77 -11.13 -14.46
N LEU C 260 -19.62 -10.51 -14.23
CA LEU C 260 -18.33 -11.15 -14.48
C LEU C 260 -17.93 -12.19 -13.45
N ALA C 261 -18.13 -11.93 -12.17
CA ALA C 261 -17.79 -12.90 -11.11
C ALA C 261 -18.41 -12.48 -9.78
N VAL C 262 -18.97 -13.44 -9.04
CA VAL C 262 -19.58 -13.18 -7.74
C VAL C 262 -18.54 -12.51 -6.81
N SER C 263 -17.28 -12.86 -7.03
CA SER C 263 -16.18 -12.29 -6.29
C SER C 263 -15.20 -11.67 -7.27
N GLY C 264 -15.14 -10.35 -7.24
CA GLY C 264 -14.22 -9.61 -8.10
C GLY C 264 -13.03 -9.12 -7.27
N ASN C 265 -12.81 -9.76 -6.11
CA ASN C 265 -11.69 -9.42 -5.20
C ASN C 265 -11.87 -8.10 -4.46
N TYR C 266 -13.12 -7.64 -4.41
CA TYR C 266 -13.44 -6.40 -3.73
C TYR C 266 -14.04 -6.65 -2.34
N CYS C 267 -14.07 -7.91 -1.92
CA CYS C 267 -14.63 -8.29 -0.61
C CYS C 267 -13.90 -7.69 0.61
N THR C 268 -12.61 -7.98 0.82
CA THR C 268 -11.75 -8.84 0.01
C THR C 268 -11.52 -10.11 0.82
N ASP C 269 -11.67 -11.28 0.21
CA ASP C 269 -11.50 -12.53 0.94
C ASP C 269 -10.16 -13.22 0.73
N LYS C 270 -9.46 -13.46 1.83
CA LYS C 270 -8.18 -14.17 1.88
C LYS C 270 -6.98 -13.64 1.08
N LYS C 271 -6.98 -12.33 0.81
CA LYS C 271 -5.88 -11.63 0.14
C LYS C 271 -5.70 -10.34 0.95
N PRO C 272 -4.45 -9.85 1.09
CA PRO C 272 -4.31 -8.61 1.86
C PRO C 272 -4.94 -7.46 1.06
N ALA C 273 -5.71 -6.59 1.73
CA ALA C 273 -6.31 -5.45 1.04
C ALA C 273 -6.58 -4.32 2.00
N ALA C 274 -6.32 -3.10 1.55
CA ALA C 274 -6.56 -1.93 2.39
C ALA C 274 -8.06 -1.74 2.69
N ILE C 275 -8.93 -2.17 1.77
CA ILE C 275 -10.35 -1.98 2.00
C ILE C 275 -10.84 -2.65 3.28
N ASN C 276 -10.31 -3.82 3.60
CA ASN C 276 -10.69 -4.52 4.82
C ASN C 276 -10.19 -3.78 6.06
N TRP C 277 -9.00 -3.20 5.92
CA TRP C 277 -8.35 -2.44 7.01
C TRP C 277 -9.13 -1.16 7.31
N ILE C 278 -9.52 -0.47 6.25
CA ILE C 278 -10.22 0.79 6.36
C ILE C 278 -11.72 0.70 6.62
N GLU C 279 -12.38 -0.24 5.95
CA GLU C 279 -13.84 -0.43 6.08
C GLU C 279 -14.27 -1.50 7.08
N GLY C 280 -13.35 -2.41 7.39
CA GLY C 280 -13.67 -3.52 8.25
C GLY C 280 -14.24 -4.68 7.42
N ARG C 281 -14.28 -5.87 8.00
CA ARG C 281 -14.86 -7.05 7.37
C ARG C 281 -15.04 -8.06 8.52
N GLY C 282 -16.23 -8.62 8.63
CA GLY C 282 -16.49 -9.54 9.73
C GLY C 282 -16.67 -8.66 10.96
N LYS C 283 -15.94 -8.98 12.03
CA LYS C 283 -15.96 -8.24 13.28
C LYS C 283 -14.81 -7.26 13.46
N SER C 284 -15.15 -6.03 13.83
CA SER C 284 -14.13 -5.04 14.12
C SER C 284 -14.15 -5.02 15.65
N VAL C 285 -12.99 -5.21 16.27
CA VAL C 285 -12.92 -5.25 17.72
C VAL C 285 -11.76 -4.45 18.30
N VAL C 286 -11.94 -3.98 19.52
CA VAL C 286 -10.89 -3.26 20.21
C VAL C 286 -10.88 -3.79 21.64
N CYS C 287 -9.69 -4.00 22.20
CA CYS C 287 -9.60 -4.43 23.61
C CYS C 287 -8.47 -3.64 24.26
N GLU C 288 -8.45 -3.61 25.59
CA GLU C 288 -7.43 -2.82 26.29
C GLU C 288 -7.24 -3.31 27.71
N ALA C 289 -6.13 -2.89 28.31
CA ALA C 289 -5.78 -3.25 29.68
C ALA C 289 -4.63 -2.37 30.20
N VAL C 290 -4.50 -2.28 31.52
CA VAL C 290 -3.43 -1.50 32.14
C VAL C 290 -2.60 -2.48 32.97
N ILE C 291 -1.31 -2.56 32.70
CA ILE C 291 -0.46 -3.49 33.44
C ILE C 291 0.39 -2.72 34.47
N PRO C 292 0.18 -2.99 35.77
CA PRO C 292 0.92 -2.34 36.86
C PRO C 292 2.42 -2.45 36.63
N ALA C 293 3.14 -1.39 36.96
CA ALA C 293 4.59 -1.35 36.77
C ALA C 293 5.27 -2.58 37.39
N LYS C 294 4.79 -2.97 38.56
CA LYS C 294 5.35 -4.11 39.26
C LYS C 294 5.15 -5.38 38.47
N VAL C 295 4.00 -5.50 37.81
CA VAL C 295 3.67 -6.68 37.03
C VAL C 295 4.53 -6.70 35.77
N VAL C 296 4.77 -5.52 35.20
CA VAL C 296 5.60 -5.45 34.01
C VAL C 296 7.00 -6.00 34.34
N ARG C 297 7.53 -5.64 35.51
CA ARG C 297 8.85 -6.11 35.94
C ARG C 297 8.91 -7.57 36.35
N GLU C 298 8.00 -8.00 37.22
CA GLU C 298 8.02 -9.38 37.71
C GLU C 298 7.50 -10.46 36.78
N VAL C 299 6.43 -10.17 36.06
CA VAL C 299 5.89 -11.16 35.14
C VAL C 299 6.55 -11.07 33.77
N LEU C 300 6.62 -9.84 33.26
CA LEU C 300 7.17 -9.54 31.95
C LEU C 300 8.67 -9.30 31.84
N LYS C 301 9.35 -9.15 32.98
CA LYS C 301 10.81 -9.01 33.03
C LYS C 301 11.36 -7.81 32.28
N THR C 302 10.63 -6.71 32.27
CA THR C 302 11.07 -5.53 31.55
C THR C 302 10.48 -4.32 32.26
N THR C 303 10.45 -3.18 31.60
CA THR C 303 9.85 -1.99 32.18
C THR C 303 8.85 -1.42 31.18
N THR C 304 7.96 -0.54 31.65
CA THR C 304 6.96 0.09 30.82
C THR C 304 7.64 0.95 29.77
N GLU C 305 8.65 1.70 30.17
CA GLU C 305 9.37 2.53 29.25
C GLU C 305 9.97 1.72 28.08
N ALA C 306 10.64 0.60 28.37
CA ALA C 306 11.23 -0.22 27.31
C ALA C 306 10.17 -0.81 26.37
N MET C 307 9.04 -1.25 26.95
CA MET C 307 7.93 -1.80 26.17
C MET C 307 7.43 -0.76 25.17
N ILE C 308 7.25 0.48 25.63
CA ILE C 308 6.73 1.56 24.80
C ILE C 308 7.69 1.90 23.66
N GLU C 309 8.97 1.99 23.98
CA GLU C 309 9.99 2.29 22.99
C GLU C 309 10.01 1.19 21.92
N VAL C 310 9.92 -0.07 22.32
CA VAL C 310 9.93 -1.14 21.32
C VAL C 310 8.64 -1.09 20.51
N ASN C 311 7.51 -0.82 21.16
CA ASN C 311 6.24 -0.78 20.43
C ASN C 311 6.22 0.26 19.33
N ILE C 312 6.61 1.47 19.68
CA ILE C 312 6.64 2.55 18.71
C ILE C 312 7.59 2.29 17.54
N ASN C 313 8.81 1.89 17.84
CA ASN C 313 9.83 1.70 16.81
C ASN C 313 9.77 0.45 15.98
N LYS C 314 9.03 -0.55 16.46
CA LYS C 314 8.84 -1.83 15.76
C LYS C 314 7.44 -1.87 15.14
N ASN C 315 6.40 -1.79 15.97
CA ASN C 315 5.02 -1.83 15.48
C ASN C 315 4.53 -0.61 14.73
N LEU C 316 5.10 0.57 15.02
CA LEU C 316 4.68 1.73 14.25
C LEU C 316 5.70 2.06 13.17
N VAL C 317 6.89 2.45 13.58
CA VAL C 317 7.92 2.81 12.62
C VAL C 317 8.45 1.64 11.75
N GLY C 318 8.72 0.50 12.35
CA GLY C 318 9.23 -0.63 11.56
C GLY C 318 8.25 -1.06 10.45
N SER C 319 6.99 -1.25 10.85
CA SER C 319 5.94 -1.64 9.93
C SER C 319 5.81 -0.58 8.84
N ALA C 320 5.99 0.68 9.19
CA ALA C 320 5.91 1.74 8.19
C ALA C 320 7.07 1.60 7.19
N MET C 321 8.27 1.35 7.70
CA MET C 321 9.43 1.21 6.81
C MET C 321 9.30 -0.01 5.91
N ALA C 322 8.60 -1.05 6.37
CA ALA C 322 8.42 -2.28 5.60
C ALA C 322 7.29 -2.16 4.57
N GLY C 323 6.57 -1.05 4.60
CA GLY C 323 5.47 -0.88 3.66
C GLY C 323 4.26 -1.71 4.02
N SER C 324 3.96 -1.81 5.31
CA SER C 324 2.83 -2.61 5.74
C SER C 324 1.51 -1.87 5.77
N ILE C 325 0.46 -2.57 5.32
CA ILE C 325 -0.91 -2.05 5.35
C ILE C 325 -1.61 -2.99 6.33
N GLY C 326 -1.93 -2.50 7.53
CA GLY C 326 -2.61 -3.36 8.50
C GLY C 326 -1.76 -4.27 9.38
N GLY C 327 -0.45 -4.29 9.19
CA GLY C 327 0.42 -5.14 10.01
C GLY C 327 1.21 -4.38 11.09
N TYR C 328 0.49 -3.59 11.88
CA TYR C 328 1.11 -2.79 12.96
C TYR C 328 1.06 -3.50 14.30
N ASN C 329 1.59 -4.72 14.29
CA ASN C 329 1.58 -5.55 15.46
C ASN C 329 2.80 -6.44 15.43
N ALA C 330 3.00 -7.20 16.50
CA ALA C 330 4.15 -8.08 16.61
C ALA C 330 3.83 -9.46 16.07
N HIS C 331 2.83 -10.14 16.64
CA HIS C 331 2.48 -11.47 16.12
C HIS C 331 1.03 -11.89 16.27
N ALA C 332 0.12 -10.97 15.97
CA ALA C 332 -1.31 -11.28 16.07
C ALA C 332 -1.64 -12.55 15.27
N ALA C 333 -1.00 -12.69 14.11
CA ALA C 333 -1.22 -13.85 13.23
C ALA C 333 -1.01 -15.19 13.93
N ASN C 334 -0.04 -15.24 14.85
CA ASN C 334 0.25 -16.45 15.59
C ASN C 334 -0.96 -16.87 16.46
N ILE C 335 -1.53 -15.91 17.16
CA ILE C 335 -2.65 -16.16 18.06
C ILE C 335 -3.91 -16.48 17.26
N VAL C 336 -4.19 -15.66 16.25
CA VAL C 336 -5.36 -15.86 15.40
C VAL C 336 -5.34 -17.28 14.82
N THR C 337 -4.20 -17.65 14.24
CA THR C 337 -4.04 -18.95 13.62
C THR C 337 -4.26 -20.15 14.54
N ALA C 338 -3.70 -20.10 15.74
CA ALA C 338 -3.83 -21.20 16.71
C ALA C 338 -5.27 -21.35 17.21
N ILE C 339 -5.94 -20.23 17.47
CA ILE C 339 -7.31 -20.27 17.95
C ILE C 339 -8.21 -20.74 16.80
N TYR C 340 -7.93 -20.26 15.58
CA TYR C 340 -8.72 -20.65 14.42
C TYR C 340 -8.65 -22.14 14.17
N ILE C 341 -7.44 -22.69 14.20
CA ILE C 341 -7.27 -24.11 13.99
C ILE C 341 -7.97 -24.92 15.10
N ALA C 342 -7.86 -24.46 16.33
CA ALA C 342 -8.50 -25.14 17.46
C ALA C 342 -10.03 -25.09 17.44
N CYS C 343 -10.58 -23.95 17.00
CA CYS C 343 -12.02 -23.73 16.98
C CYS C 343 -12.79 -23.91 15.68
N GLY C 344 -12.19 -24.64 14.75
CA GLY C 344 -12.85 -24.93 13.49
C GLY C 344 -13.08 -23.78 12.55
N GLN C 345 -12.31 -22.71 12.72
CA GLN C 345 -12.42 -21.56 11.83
C GLN C 345 -11.66 -21.85 10.53
N ASP C 346 -11.66 -20.90 9.61
CA ASP C 346 -10.96 -21.08 8.36
C ASP C 346 -9.60 -20.41 8.55
N ALA C 347 -8.56 -21.21 8.73
CA ALA C 347 -7.22 -20.68 9.00
C ALA C 347 -6.66 -19.82 7.87
N ALA C 348 -7.12 -20.05 6.64
CA ALA C 348 -6.68 -19.28 5.49
C ALA C 348 -7.10 -17.84 5.65
N GLN C 349 -8.12 -17.62 6.48
CA GLN C 349 -8.58 -16.24 6.71
C GLN C 349 -7.70 -15.47 7.68
N ASN C 350 -6.59 -16.08 8.11
CA ASN C 350 -5.70 -15.36 8.99
C ASN C 350 -5.05 -14.20 8.21
N VAL C 351 -5.06 -14.27 6.89
CA VAL C 351 -4.49 -13.18 6.07
C VAL C 351 -5.12 -11.82 6.47
N GLY C 352 -6.44 -11.72 6.40
CA GLY C 352 -7.12 -10.48 6.78
C GLY C 352 -7.48 -10.39 8.28
N SER C 353 -7.85 -11.52 8.89
CA SER C 353 -8.22 -11.55 10.30
C SER C 353 -7.14 -11.10 11.27
N SER C 354 -5.89 -11.30 10.88
CA SER C 354 -4.72 -10.91 11.66
C SER C 354 -4.45 -9.39 11.63
N ASN C 355 -5.22 -8.64 10.84
CA ASN C 355 -5.02 -7.18 10.78
C ASN C 355 -5.10 -6.62 12.20
N CYS C 356 -4.10 -5.84 12.61
CA CYS C 356 -4.05 -5.34 13.98
C CYS C 356 -3.06 -4.20 14.20
N ILE C 357 -3.46 -3.22 15.01
CA ILE C 357 -2.57 -2.13 15.42
C ILE C 357 -2.52 -2.20 16.95
N THR C 358 -1.32 -2.45 17.46
CA THR C 358 -1.03 -2.57 18.87
C THR C 358 -0.41 -1.26 19.35
N LEU C 359 -1.02 -0.66 20.35
CA LEU C 359 -0.53 0.62 20.89
C LEU C 359 -0.23 0.48 22.36
N MET C 360 0.81 1.18 22.81
CA MET C 360 1.24 1.16 24.20
C MET C 360 1.62 2.58 24.66
N GLU C 361 1.26 2.92 25.90
CA GLU C 361 1.60 4.22 26.44
C GLU C 361 1.71 4.18 27.97
N ALA C 362 2.39 5.18 28.51
CA ALA C 362 2.58 5.28 29.95
C ALA C 362 1.27 5.67 30.60
N SER C 363 0.99 5.06 31.74
CA SER C 363 -0.25 5.33 32.46
C SER C 363 -0.08 5.35 33.99
N GLY C 364 -1.16 5.71 34.68
CA GLY C 364 -1.13 5.73 36.13
C GLY C 364 -0.56 6.96 36.77
N PRO C 365 -0.69 7.07 38.11
CA PRO C 365 -0.22 8.16 38.96
C PRO C 365 1.20 8.69 38.67
N THR C 366 2.14 7.77 38.44
CA THR C 366 3.54 8.11 38.16
C THR C 366 3.98 7.76 36.72
N ASN C 367 3.01 7.53 35.85
CA ASN C 367 3.27 7.18 34.45
C ASN C 367 4.23 6.02 34.28
N GLU C 368 4.14 5.05 35.19
CA GLU C 368 4.99 3.87 35.17
C GLU C 368 4.21 2.61 34.86
N ASP C 369 2.89 2.73 34.78
CA ASP C 369 2.03 1.60 34.48
C ASP C 369 1.90 1.49 32.96
N LEU C 370 1.62 0.29 32.44
CA LEU C 370 1.52 0.08 30.99
C LEU C 370 0.12 -0.03 30.40
N TYR C 371 -0.27 0.97 29.61
CA TYR C 371 -1.56 0.92 28.95
C TYR C 371 -1.31 0.29 27.59
N ILE C 372 -2.09 -0.73 27.24
CA ILE C 372 -1.99 -1.40 25.94
C ILE C 372 -3.37 -1.57 25.32
N SER C 373 -3.46 -1.37 24.02
CA SER C 373 -4.69 -1.56 23.28
C SER C 373 -4.37 -2.26 21.96
N CYS C 374 -5.28 -3.13 21.52
CA CYS C 374 -5.16 -3.83 20.23
C CYS C 374 -6.47 -3.62 19.50
N THR C 375 -6.38 -3.13 18.26
CA THR C 375 -7.58 -2.88 17.45
C THR C 375 -7.49 -3.76 16.21
N MET C 376 -8.52 -4.59 16.01
CA MET C 376 -8.58 -5.53 14.92
C MET C 376 -9.88 -5.28 14.17
N PRO C 377 -9.80 -4.60 13.03
CA PRO C 377 -10.97 -4.28 12.22
C PRO C 377 -11.58 -5.33 11.30
N SER C 378 -10.91 -6.46 11.14
CA SER C 378 -11.43 -7.45 10.22
C SER C 378 -11.29 -8.90 10.64
N ILE C 379 -11.88 -9.24 11.78
CA ILE C 379 -11.86 -10.61 12.31
C ILE C 379 -12.99 -11.42 11.65
N GLU C 380 -12.63 -12.36 10.79
CA GLU C 380 -13.62 -13.19 10.08
C GLU C 380 -13.77 -14.48 10.88
N ILE C 381 -14.90 -14.58 11.56
CA ILE C 381 -15.12 -15.69 12.48
C ILE C 381 -16.58 -16.16 12.56
N GLY C 382 -16.77 -17.36 13.09
CA GLY C 382 -18.11 -17.93 13.23
C GLY C 382 -18.13 -19.14 14.16
N THR C 383 -19.29 -19.44 14.71
CA THR C 383 -19.42 -20.57 15.62
C THR C 383 -20.37 -21.67 15.11
N VAL C 384 -20.86 -21.54 13.87
CA VAL C 384 -21.74 -22.54 13.25
C VAL C 384 -21.32 -22.66 11.80
N GLY C 385 -21.31 -23.87 11.26
CA GLY C 385 -20.93 -24.04 9.86
C GLY C 385 -19.48 -24.40 9.67
N GLY C 386 -19.17 -25.02 8.54
CA GLY C 386 -17.83 -25.44 8.21
C GLY C 386 -17.18 -26.39 9.20
N GLY C 387 -15.95 -26.04 9.58
CA GLY C 387 -15.22 -26.87 10.53
C GLY C 387 -15.78 -26.88 11.94
N THR C 388 -16.67 -25.93 12.27
CA THR C 388 -17.22 -25.88 13.63
C THR C 388 -18.29 -26.92 13.88
N ASN C 389 -18.59 -27.72 12.86
CA ASN C 389 -19.58 -28.78 13.01
C ASN C 389 -18.91 -30.07 13.44
N LEU C 390 -17.59 -30.06 13.47
CA LEU C 390 -16.84 -31.24 13.87
C LEU C 390 -16.75 -31.27 15.40
N LEU C 391 -16.87 -32.45 15.97
CA LEU C 391 -16.85 -32.63 17.42
C LEU C 391 -15.64 -32.11 18.16
N PRO C 392 -14.42 -32.43 17.69
CA PRO C 392 -13.23 -31.95 18.41
C PRO C 392 -13.21 -30.43 18.44
N GLN C 393 -13.49 -29.79 17.30
CA GLN C 393 -13.48 -28.34 17.29
C GLN C 393 -14.65 -27.76 18.10
N GLN C 394 -15.76 -28.49 18.15
CA GLN C 394 -16.90 -28.04 18.94
C GLN C 394 -16.49 -28.09 20.42
N ALA C 395 -15.57 -28.97 20.77
CA ALA C 395 -15.13 -29.08 22.16
C ALA C 395 -14.35 -27.83 22.57
N CYS C 396 -13.49 -27.36 21.67
CA CYS C 396 -12.72 -26.15 21.92
C CYS C 396 -13.66 -24.94 21.98
N LEU C 397 -14.70 -24.93 21.14
CA LEU C 397 -15.67 -23.84 21.15
C LEU C 397 -16.48 -23.85 22.46
N GLN C 398 -16.89 -25.04 22.92
CA GLN C 398 -17.65 -25.16 24.17
C GLN C 398 -16.84 -24.69 25.37
N MET C 399 -15.54 -24.96 25.33
CA MET C 399 -14.60 -24.57 26.39
C MET C 399 -14.68 -23.05 26.57
N LEU C 400 -14.94 -22.34 25.48
CA LEU C 400 -15.07 -20.89 25.50
C LEU C 400 -16.51 -20.47 25.73
N GLY C 401 -17.43 -21.44 25.72
CA GLY C 401 -18.84 -21.14 25.91
C GLY C 401 -19.45 -20.44 24.69
N VAL C 402 -18.93 -20.71 23.50
CA VAL C 402 -19.48 -20.07 22.31
C VAL C 402 -19.87 -21.05 21.20
N GLN C 403 -19.95 -22.34 21.51
CA GLN C 403 -20.30 -23.30 20.47
C GLN C 403 -21.72 -23.14 19.96
N GLY C 404 -21.89 -23.26 18.65
CA GLY C 404 -23.18 -23.15 17.99
C GLY C 404 -23.83 -21.79 17.98
N ALA C 405 -25.10 -21.77 17.55
CA ALA C 405 -25.86 -20.54 17.49
C ALA C 405 -26.37 -20.11 18.85
N CYS C 406 -26.46 -18.80 19.05
CA CYS C 406 -27.01 -18.23 20.28
C CYS C 406 -28.44 -17.92 19.85
N LYS C 407 -29.36 -18.82 20.20
CA LYS C 407 -30.75 -18.65 19.78
C LYS C 407 -31.50 -17.44 20.33
N ASP C 408 -31.26 -17.11 21.59
CA ASP C 408 -31.93 -15.95 22.18
C ASP C 408 -31.26 -14.62 21.82
N ASN C 409 -30.13 -14.67 21.11
CA ASN C 409 -29.41 -13.45 20.72
C ASN C 409 -28.43 -13.77 19.58
N PRO C 410 -28.95 -14.06 18.37
CA PRO C 410 -28.18 -14.39 17.16
C PRO C 410 -26.97 -13.50 16.89
N GLY C 411 -25.81 -14.14 16.73
CA GLY C 411 -24.58 -13.41 16.47
C GLY C 411 -23.73 -13.18 17.71
N GLU C 412 -24.30 -13.39 18.89
CA GLU C 412 -23.60 -13.17 20.14
C GLU C 412 -22.47 -14.16 20.44
N ASN C 413 -22.56 -15.37 19.94
CA ASN C 413 -21.49 -16.34 20.17
C ASN C 413 -20.27 -15.98 19.30
N ALA C 414 -20.52 -15.60 18.05
CA ALA C 414 -19.45 -15.23 17.14
C ALA C 414 -18.78 -13.95 17.63
N ARG C 415 -19.59 -13.00 18.10
CA ARG C 415 -19.08 -11.74 18.61
C ARG C 415 -18.21 -11.97 19.85
N GLN C 416 -18.66 -12.86 20.73
CA GLN C 416 -17.93 -13.18 21.95
C GLN C 416 -16.59 -13.81 21.57
N LEU C 417 -16.62 -14.72 20.58
CA LEU C 417 -15.38 -15.37 20.15
C LEU C 417 -14.41 -14.33 19.58
N ALA C 418 -14.91 -13.40 18.77
CA ALA C 418 -14.09 -12.33 18.19
C ALA C 418 -13.40 -11.53 19.30
N ARG C 419 -14.12 -11.27 20.40
CA ARG C 419 -13.59 -10.52 21.54
C ARG C 419 -12.47 -11.31 22.22
N ILE C 420 -12.68 -12.61 22.34
CA ILE C 420 -11.70 -13.52 22.94
C ILE C 420 -10.41 -13.53 22.09
N VAL C 421 -10.58 -13.55 20.78
CA VAL C 421 -9.44 -13.52 19.87
C VAL C 421 -8.66 -12.22 20.06
N CYS C 422 -9.36 -11.09 20.08
CA CYS C 422 -8.71 -9.80 20.23
C CYS C 422 -8.00 -9.71 21.59
N GLY C 423 -8.68 -10.17 22.64
CA GLY C 423 -8.10 -10.17 23.98
C GLY C 423 -6.88 -11.07 24.08
N THR C 424 -6.94 -12.22 23.41
CA THR C 424 -5.83 -13.15 23.42
C THR C 424 -4.66 -12.61 22.60
N VAL C 425 -4.96 -11.96 21.47
CA VAL C 425 -3.93 -11.33 20.65
C VAL C 425 -3.19 -10.31 21.55
N MET C 426 -3.93 -9.54 22.34
CA MET C 426 -3.30 -8.54 23.22
C MET C 426 -2.37 -9.19 24.24
N ALA C 427 -2.79 -10.35 24.79
CA ALA C 427 -1.96 -11.08 25.72
C ALA C 427 -0.69 -11.52 25.00
N GLY C 428 -0.82 -12.02 23.77
CA GLY C 428 0.33 -12.44 22.98
C GLY C 428 1.26 -11.29 22.67
N GLU C 429 0.68 -10.13 22.34
CA GLU C 429 1.46 -8.94 22.06
C GLU C 429 2.29 -8.49 23.27
N LEU C 430 1.67 -8.51 24.44
CA LEU C 430 2.35 -8.12 25.69
C LEU C 430 3.60 -8.94 25.95
N SER C 431 3.44 -10.26 25.89
CA SER C 431 4.54 -11.17 26.15
C SER C 431 5.69 -11.14 25.14
N LEU C 432 5.37 -11.11 23.85
CA LEU C 432 6.43 -11.06 22.82
C LEU C 432 7.15 -9.71 22.90
N MET C 433 6.38 -8.63 23.04
CA MET C 433 7.00 -7.32 23.15
C MET C 433 7.89 -7.23 24.39
N ALA C 434 7.50 -7.90 25.48
CA ALA C 434 8.30 -7.91 26.70
C ALA C 434 9.59 -8.66 26.41
N ALA C 435 9.46 -9.81 25.76
CA ALA C 435 10.63 -10.61 25.41
C ALA C 435 11.58 -9.87 24.46
N LEU C 436 11.05 -9.13 23.49
CA LEU C 436 11.92 -8.37 22.58
C LEU C 436 12.62 -7.21 23.34
N ALA C 437 11.90 -6.55 24.23
CA ALA C 437 12.44 -5.44 25.03
C ALA C 437 13.59 -5.89 25.95
N ALA C 438 13.41 -7.02 26.62
CA ALA C 438 14.41 -7.57 27.53
C ALA C 438 15.49 -8.41 26.82
N GLY C 439 15.35 -8.62 25.52
CA GLY C 439 16.31 -9.42 24.77
C GLY C 439 16.23 -10.92 25.04
N HIS C 440 15.01 -11.42 25.27
CA HIS C 440 14.78 -12.84 25.54
C HIS C 440 14.19 -13.70 24.41
N LEU C 441 13.98 -13.14 23.23
CA LEU C 441 13.37 -13.92 22.16
C LEU C 441 14.08 -15.22 21.80
N VAL C 442 15.31 -15.09 21.35
CA VAL C 442 16.11 -16.24 20.95
C VAL C 442 16.38 -17.17 22.15
N LYS C 443 16.76 -16.57 23.28
CA LYS C 443 17.06 -17.32 24.50
C LYS C 443 15.90 -18.23 24.95
N SER C 444 14.66 -17.79 24.73
CA SER C 444 13.50 -18.58 25.12
C SER C 444 13.28 -19.82 24.25
N GLY D 37 7.03 -42.36 43.38
CA GLY D 37 6.57 -40.93 43.49
C GLY D 37 5.14 -40.64 43.01
N ALA D 38 5.04 -39.88 41.93
CA ALA D 38 3.75 -39.48 41.34
C ALA D 38 2.77 -40.62 41.11
N LYS D 39 3.29 -41.76 40.65
CA LYS D 39 2.44 -42.93 40.40
C LYS D 39 1.80 -43.46 41.68
N PHE D 40 2.37 -43.12 42.83
CA PHE D 40 1.84 -43.60 44.11
C PHE D 40 0.68 -42.77 44.65
N LEU D 41 0.43 -41.63 44.02
CA LEU D 41 -0.67 -40.74 44.39
C LEU D 41 -1.74 -40.85 43.31
N SER D 42 -2.98 -40.54 43.67
CA SER D 42 -4.08 -40.62 42.72
C SER D 42 -4.22 -39.28 41.98
N ASP D 43 -5.02 -39.26 40.92
CA ASP D 43 -5.24 -38.03 40.16
C ASP D 43 -5.83 -36.96 41.08
N ALA D 44 -6.75 -37.37 41.95
CA ALA D 44 -7.40 -36.46 42.89
C ALA D 44 -6.38 -35.92 43.90
N GLU D 45 -5.44 -36.77 44.31
CA GLU D 45 -4.43 -36.33 45.27
C GLU D 45 -3.50 -35.32 44.61
N ILE D 46 -3.20 -35.54 43.33
CA ILE D 46 -2.33 -34.61 42.61
C ILE D 46 -3.05 -33.27 42.41
N ILE D 47 -4.34 -33.35 42.07
CA ILE D 47 -5.15 -32.15 41.86
C ILE D 47 -5.25 -31.35 43.18
N GLN D 48 -5.50 -32.05 44.27
CA GLN D 48 -5.63 -31.44 45.60
C GLN D 48 -4.29 -30.80 46.02
N LEU D 49 -3.21 -31.36 45.52
CA LEU D 49 -1.87 -30.88 45.81
C LEU D 49 -1.50 -29.70 44.92
N VAL D 50 -1.95 -29.73 43.66
CA VAL D 50 -1.66 -28.64 42.74
C VAL D 50 -2.39 -27.38 43.21
N ASN D 51 -3.64 -27.56 43.63
CA ASN D 51 -4.44 -26.46 44.14
C ASN D 51 -3.93 -26.05 45.51
N ALA D 52 -3.50 -27.05 46.29
CA ALA D 52 -2.99 -26.84 47.66
C ALA D 52 -1.95 -25.75 47.73
N LYS D 53 -0.74 -26.03 47.23
CA LYS D 53 0.30 -25.01 47.26
C LYS D 53 0.52 -24.33 45.92
N HIS D 54 -0.55 -24.22 45.14
CA HIS D 54 -0.53 -23.56 43.84
C HIS D 54 0.57 -23.91 42.84
N ILE D 55 0.47 -25.08 42.21
CA ILE D 55 1.46 -25.47 41.19
C ILE D 55 0.81 -24.97 39.89
N PRO D 56 1.55 -24.14 39.13
CA PRO D 56 1.13 -23.54 37.86
C PRO D 56 0.19 -24.35 36.96
N ALA D 57 0.57 -25.61 36.67
CA ALA D 57 -0.17 -26.57 35.82
C ALA D 57 0.63 -26.87 34.54
N TYR D 58 1.28 -25.84 33.99
CA TYR D 58 2.11 -26.03 32.81
C TYR D 58 3.33 -26.85 33.21
N LYS D 59 3.47 -27.06 34.52
CA LYS D 59 4.58 -27.82 35.08
C LYS D 59 4.25 -29.28 35.41
N LEU D 60 3.02 -29.69 35.12
CA LEU D 60 2.54 -31.06 35.39
C LEU D 60 3.44 -32.18 34.90
N GLU D 61 4.11 -31.98 33.77
CA GLU D 61 5.01 -32.99 33.23
C GLU D 61 6.30 -33.09 34.04
N THR D 62 6.55 -32.11 34.89
CA THR D 62 7.74 -32.13 35.73
C THR D 62 7.44 -33.12 36.85
N LEU D 63 6.27 -32.98 37.45
CA LEU D 63 5.82 -33.85 38.53
C LEU D 63 5.49 -35.27 38.04
N ILE D 64 4.37 -35.42 37.34
CA ILE D 64 3.94 -36.72 36.84
C ILE D 64 4.98 -37.42 35.98
N GLU D 65 4.93 -38.74 35.99
CA GLU D 65 5.87 -39.57 35.27
C GLU D 65 5.59 -39.77 33.78
N THR D 66 4.34 -40.11 33.44
CA THR D 66 3.95 -40.35 32.05
C THR D 66 3.47 -39.05 31.41
N HIS D 67 3.78 -38.86 30.14
CA HIS D 67 3.35 -37.66 29.43
C HIS D 67 1.83 -37.63 29.36
N GLU D 68 1.24 -38.75 28.99
CA GLU D 68 -0.19 -38.83 28.86
C GLU D 68 -0.94 -38.49 30.16
N ARG D 69 -0.41 -38.92 31.31
CA ARG D 69 -1.08 -38.63 32.58
C ARG D 69 -1.04 -37.13 32.89
N GLY D 70 0.07 -36.48 32.58
CA GLY D 70 0.16 -35.04 32.80
C GLY D 70 -0.94 -34.35 32.00
N VAL D 71 -1.22 -34.86 30.80
CA VAL D 71 -2.26 -34.28 29.96
C VAL D 71 -3.63 -34.59 30.54
N SER D 72 -3.79 -35.81 31.07
CA SER D 72 -5.07 -36.20 31.65
C SER D 72 -5.40 -35.29 32.82
N ILE D 73 -4.43 -35.10 33.71
CA ILE D 73 -4.63 -34.25 34.86
C ILE D 73 -4.88 -32.79 34.50
N ARG D 74 -4.16 -32.27 33.50
CA ARG D 74 -4.40 -30.89 33.09
C ARG D 74 -5.85 -30.79 32.62
N ARG D 75 -6.31 -31.79 31.86
CA ARG D 75 -7.70 -31.80 31.37
C ARG D 75 -8.70 -31.78 32.53
N GLN D 76 -8.40 -32.55 33.57
CA GLN D 76 -9.24 -32.62 34.77
C GLN D 76 -9.25 -31.29 35.54
N LEU D 77 -8.06 -30.72 35.75
CA LEU D 77 -7.93 -29.43 36.43
C LEU D 77 -8.76 -28.39 35.70
N LEU D 78 -8.52 -28.28 34.40
CA LEU D 78 -9.20 -27.35 33.50
C LEU D 78 -10.71 -27.50 33.49
N SER D 79 -11.18 -28.74 33.46
CA SER D 79 -12.61 -29.02 33.43
C SER D 79 -13.41 -28.37 34.55
N LYS D 80 -12.80 -28.29 35.73
CA LYS D 80 -13.47 -27.71 36.90
C LYS D 80 -13.59 -26.19 36.81
N LYS D 81 -12.91 -25.59 35.83
CA LYS D 81 -12.94 -24.13 35.62
C LYS D 81 -13.83 -23.73 34.44
N LEU D 82 -14.56 -24.69 33.88
CA LEU D 82 -15.40 -24.41 32.72
C LEU D 82 -16.89 -24.32 33.05
N SER D 83 -17.63 -23.47 32.32
CA SER D 83 -19.06 -23.36 32.53
C SER D 83 -19.69 -24.73 32.22
N GLU D 84 -19.10 -25.45 31.27
CA GLU D 84 -19.54 -26.79 30.91
C GLU D 84 -18.37 -27.76 31.14
N PRO D 85 -18.38 -28.48 32.26
CA PRO D 85 -17.35 -29.45 32.68
C PRO D 85 -16.92 -30.52 31.68
N SER D 86 -17.87 -31.02 30.90
CA SER D 86 -17.54 -32.07 29.95
C SER D 86 -17.24 -31.58 28.54
N SER D 87 -16.99 -30.27 28.39
CA SER D 87 -16.73 -29.74 27.07
C SER D 87 -15.52 -30.35 26.34
N LEU D 88 -14.65 -31.03 27.09
CA LEU D 88 -13.46 -31.65 26.51
C LEU D 88 -13.67 -33.11 26.09
N GLN D 89 -14.85 -33.64 26.37
CA GLN D 89 -15.16 -35.03 26.06
C GLN D 89 -14.78 -35.47 24.65
N TYR D 90 -14.99 -34.61 23.66
CA TYR D 90 -14.66 -34.96 22.29
C TYR D 90 -13.33 -34.44 21.75
N LEU D 91 -12.51 -33.87 22.64
CA LEU D 91 -11.19 -33.38 22.27
C LEU D 91 -10.31 -34.58 22.58
N PRO D 92 -9.80 -35.26 21.54
CA PRO D 92 -8.94 -36.44 21.72
C PRO D 92 -7.63 -36.06 22.39
N TYR D 93 -6.99 -37.06 22.99
CA TYR D 93 -5.70 -36.83 23.63
C TYR D 93 -4.88 -38.11 23.79
N ARG D 94 -5.57 -39.25 23.85
CA ARG D 94 -4.90 -40.53 24.02
C ARG D 94 -4.21 -41.05 22.76
N ASP D 95 -3.32 -42.01 22.94
CA ASP D 95 -2.59 -42.66 21.84
C ASP D 95 -1.86 -41.66 20.95
N TYR D 96 -1.20 -40.69 21.56
CA TYR D 96 -0.47 -39.71 20.80
C TYR D 96 0.88 -39.46 21.44
N ASN D 97 1.90 -39.41 20.57
CA ASN D 97 3.28 -39.20 20.96
C ASN D 97 3.51 -37.78 21.47
N TYR D 98 3.48 -37.60 22.78
CA TYR D 98 3.70 -36.28 23.36
C TYR D 98 5.18 -35.97 23.57
N SER D 99 6.03 -36.99 23.53
CA SER D 99 7.47 -36.78 23.73
C SER D 99 8.05 -35.81 22.69
N LEU D 100 7.61 -35.93 21.44
CA LEU D 100 8.07 -35.06 20.37
C LEU D 100 7.49 -33.64 20.49
N VAL D 101 6.33 -33.54 21.12
CA VAL D 101 5.62 -32.28 21.31
C VAL D 101 6.05 -31.45 22.51
N MET D 102 6.15 -32.08 23.68
CA MET D 102 6.57 -31.37 24.88
C MET D 102 7.99 -30.84 24.65
N GLY D 103 8.25 -29.63 25.12
CA GLY D 103 9.58 -29.05 24.96
C GLY D 103 10.04 -28.67 23.56
N ALA D 104 9.12 -28.71 22.59
CA ALA D 104 9.47 -28.35 21.21
C ALA D 104 8.35 -27.69 20.40
N CYS D 105 7.12 -28.18 20.54
CA CYS D 105 6.03 -27.64 19.73
C CYS D 105 4.83 -27.00 20.43
N CYS D 106 4.56 -27.34 21.69
CA CYS D 106 3.38 -26.81 22.39
C CYS D 106 3.53 -26.94 23.90
N GLU D 107 2.83 -26.07 24.65
CA GLU D 107 2.89 -26.12 26.11
C GLU D 107 1.48 -26.16 26.67
N ASN D 108 1.36 -26.62 27.92
CA ASN D 108 0.08 -26.69 28.63
C ASN D 108 -0.89 -27.46 27.75
N VAL D 109 -0.40 -28.59 27.23
CA VAL D 109 -1.15 -29.44 26.32
C VAL D 109 -2.33 -30.15 26.98
N ILE D 110 -3.46 -30.18 26.27
CA ILE D 110 -4.70 -30.81 26.74
C ILE D 110 -5.22 -31.81 25.70
N GLY D 111 -4.45 -32.00 24.63
CA GLY D 111 -4.88 -32.93 23.60
C GLY D 111 -4.39 -32.51 22.25
N TYR D 112 -5.11 -32.90 21.19
CA TYR D 112 -4.76 -32.60 19.82
C TYR D 112 -6.01 -32.36 18.98
N MET D 113 -5.85 -31.60 17.91
CA MET D 113 -6.95 -31.29 17.01
C MET D 113 -6.79 -31.96 15.66
N PRO D 114 -7.70 -32.87 15.32
CA PRO D 114 -7.64 -33.59 14.03
C PRO D 114 -8.13 -32.72 12.89
N ILE D 115 -7.30 -32.54 11.86
CA ILE D 115 -7.72 -31.75 10.70
C ILE D 115 -7.80 -32.73 9.53
N PRO D 116 -8.98 -32.88 8.93
CA PRO D 116 -9.07 -33.82 7.81
C PRO D 116 -8.02 -33.53 6.73
N VAL D 117 -7.40 -34.60 6.22
CA VAL D 117 -6.39 -34.49 5.17
C VAL D 117 -6.89 -35.17 3.88
N GLY D 118 -6.92 -34.38 2.79
CA GLY D 118 -7.35 -34.90 1.50
C GLY D 118 -6.20 -34.88 0.51
N VAL D 119 -6.38 -35.53 -0.65
CA VAL D 119 -5.33 -35.53 -1.65
C VAL D 119 -5.79 -35.02 -3.02
N ALA D 120 -4.97 -34.16 -3.61
CA ALA D 120 -5.22 -33.60 -4.93
C ALA D 120 -4.05 -34.09 -5.75
N GLY D 121 -4.33 -34.53 -6.98
CA GLY D 121 -3.26 -35.01 -7.82
C GLY D 121 -3.70 -36.08 -8.79
N PRO D 122 -2.78 -36.57 -9.63
CA PRO D 122 -1.38 -36.13 -9.66
C PRO D 122 -1.16 -34.70 -10.21
N LEU D 123 -0.19 -34.01 -9.62
CA LEU D 123 0.20 -32.67 -10.08
C LEU D 123 1.41 -32.95 -10.95
N CYS D 124 1.26 -32.78 -12.26
CA CYS D 124 2.36 -33.02 -13.19
C CYS D 124 3.15 -31.73 -13.25
N LEU D 125 4.28 -31.73 -12.57
CA LEU D 125 5.14 -30.56 -12.44
C LEU D 125 6.59 -30.93 -12.69
N ASP D 126 7.24 -30.22 -13.60
CA ASP D 126 8.64 -30.45 -13.95
C ASP D 126 8.96 -31.94 -14.21
N GLU D 127 8.17 -32.54 -15.08
CA GLU D 127 8.36 -33.94 -15.48
C GLU D 127 8.17 -34.96 -14.36
N LYS D 128 7.51 -34.54 -13.28
CA LYS D 128 7.24 -35.44 -12.15
C LYS D 128 5.77 -35.40 -11.79
N GLU D 129 5.34 -36.35 -10.96
CA GLU D 129 3.94 -36.42 -10.53
C GLU D 129 3.83 -36.49 -9.01
N PHE D 130 3.20 -35.48 -8.45
CA PHE D 130 3.04 -35.37 -7.01
C PHE D 130 1.60 -35.59 -6.54
N GLN D 131 1.47 -36.29 -5.43
CA GLN D 131 0.16 -36.52 -4.85
C GLN D 131 0.19 -35.53 -3.68
N VAL D 132 -0.57 -34.45 -3.79
CA VAL D 132 -0.57 -33.40 -2.77
C VAL D 132 -1.53 -33.52 -1.59
N PRO D 133 -0.99 -33.59 -0.36
CA PRO D 133 -1.78 -33.68 0.88
C PRO D 133 -2.28 -32.31 1.28
N MET D 134 -3.55 -32.21 1.65
CA MET D 134 -4.13 -30.95 2.03
C MET D 134 -5.02 -31.11 3.26
N ALA D 135 -4.63 -30.43 4.36
CA ALA D 135 -5.41 -30.49 5.61
C ALA D 135 -6.37 -29.31 5.62
N THR D 136 -7.67 -29.60 5.57
CA THR D 136 -8.64 -28.52 5.54
C THR D 136 -10.01 -28.96 6.07
N THR D 137 -10.84 -27.97 6.38
CA THR D 137 -12.20 -28.22 6.81
C THR D 137 -13.11 -27.43 5.88
N GLU D 138 -12.54 -26.92 4.78
CA GLU D 138 -13.33 -26.16 3.80
C GLU D 138 -13.76 -27.06 2.64
N GLY D 139 -15.06 -27.32 2.55
CA GLY D 139 -15.61 -28.17 1.50
C GLY D 139 -15.33 -27.62 0.12
N CYS D 140 -15.08 -28.54 -0.83
CA CYS D 140 -14.79 -28.24 -2.22
C CYS D 140 -13.35 -27.81 -2.55
N LEU D 141 -12.56 -27.48 -1.53
CA LEU D 141 -11.19 -27.04 -1.77
C LEU D 141 -10.36 -28.16 -2.38
N VAL D 142 -10.37 -29.35 -1.76
CA VAL D 142 -9.62 -30.46 -2.30
C VAL D 142 -10.13 -30.82 -3.71
N ALA D 143 -11.45 -30.91 -3.87
CA ALA D 143 -12.07 -31.25 -5.15
C ALA D 143 -11.61 -30.28 -6.25
N SER D 144 -11.70 -28.99 -5.94
CA SER D 144 -11.33 -27.93 -6.89
C SER D 144 -9.84 -27.96 -7.23
N THR D 145 -8.99 -28.20 -6.24
CA THR D 145 -7.55 -28.25 -6.50
C THR D 145 -7.25 -29.49 -7.35
N ASN D 146 -7.97 -30.60 -7.08
CA ASN D 146 -7.79 -31.84 -7.83
C ASN D 146 -8.20 -31.63 -9.29
N ARG D 147 -9.25 -30.84 -9.50
CA ARG D 147 -9.76 -30.52 -10.84
C ARG D 147 -8.70 -29.74 -11.64
N GLY D 148 -8.08 -28.74 -11.00
CA GLY D 148 -7.05 -27.94 -11.65
C GLY D 148 -5.85 -28.81 -12.00
N CYS D 149 -5.51 -29.76 -11.14
CA CYS D 149 -4.41 -30.68 -11.40
C CYS D 149 -4.77 -31.50 -12.64
N ARG D 150 -6.06 -31.85 -12.77
CA ARG D 150 -6.52 -32.64 -13.90
C ARG D 150 -6.34 -31.86 -15.20
N ALA D 151 -6.70 -30.59 -15.18
CA ALA D 151 -6.55 -29.75 -16.38
C ALA D 151 -5.08 -29.61 -16.78
N ILE D 152 -4.21 -29.43 -15.79
CA ILE D 152 -2.78 -29.28 -16.04
C ILE D 152 -2.21 -30.59 -16.65
N GLY D 153 -2.55 -31.72 -16.04
CA GLY D 153 -2.07 -33.01 -16.50
C GLY D 153 -2.43 -33.28 -17.95
N LEU D 154 -3.66 -32.94 -18.32
CA LEU D 154 -4.12 -33.11 -19.69
C LEU D 154 -3.47 -32.09 -20.62
N GLY D 155 -2.80 -31.10 -20.03
CA GLY D 155 -2.16 -30.06 -20.82
C GLY D 155 -0.67 -30.29 -21.01
N GLY D 156 -0.15 -31.41 -20.54
CA GLY D 156 1.25 -31.69 -20.70
C GLY D 156 2.12 -31.37 -19.50
N GLY D 157 1.51 -30.89 -18.41
CA GLY D 157 2.25 -30.56 -17.21
C GLY D 157 2.67 -29.12 -17.03
N ALA D 158 3.10 -28.81 -15.81
CA ALA D 158 3.53 -27.45 -15.47
C ALA D 158 5.04 -27.42 -15.29
N SER D 159 5.60 -26.23 -15.41
CA SER D 159 7.03 -26.00 -15.22
C SER D 159 7.15 -24.90 -14.16
N SER D 160 8.19 -24.99 -13.31
CA SER D 160 8.42 -24.03 -12.25
C SER D 160 9.91 -23.81 -12.05
N ARG D 161 10.25 -22.69 -11.42
CA ARG D 161 11.63 -22.33 -11.11
C ARG D 161 11.68 -21.58 -9.78
N VAL D 162 12.72 -21.83 -9.00
CA VAL D 162 12.95 -21.14 -7.73
C VAL D 162 13.84 -19.98 -8.15
N LEU D 163 13.36 -18.75 -7.92
CA LEU D 163 14.08 -17.56 -8.32
C LEU D 163 15.06 -17.03 -7.29
N ALA D 164 14.77 -17.29 -6.02
CA ALA D 164 15.61 -16.80 -4.93
C ALA D 164 15.27 -17.60 -3.68
N ASP D 165 16.20 -17.61 -2.75
CA ASP D 165 16.02 -18.36 -1.52
C ASP D 165 16.80 -17.72 -0.39
N GLY D 166 16.06 -17.17 0.57
CA GLY D 166 16.69 -16.55 1.71
C GLY D 166 15.74 -16.06 2.78
N MET D 167 15.80 -16.68 3.96
CA MET D 167 14.97 -16.28 5.09
C MET D 167 15.57 -14.97 5.60
N THR D 168 14.74 -14.13 6.23
CA THR D 168 15.20 -12.85 6.75
C THR D 168 14.76 -12.55 8.19
N ARG D 169 15.44 -11.56 8.78
CA ARG D 169 15.17 -11.06 10.12
C ARG D 169 15.57 -9.60 9.99
N GLY D 170 14.71 -8.69 10.45
CA GLY D 170 14.99 -7.27 10.34
C GLY D 170 14.94 -6.50 11.63
N PRO D 171 16.00 -6.62 12.46
CA PRO D 171 16.15 -5.95 13.75
C PRO D 171 16.12 -4.46 13.64
N VAL D 172 15.80 -3.81 14.75
CA VAL D 172 15.84 -2.36 14.80
C VAL D 172 16.87 -1.96 15.86
N VAL D 173 17.85 -1.16 15.45
CA VAL D 173 18.87 -0.67 16.37
C VAL D 173 18.75 0.83 16.37
N ARG D 174 19.41 1.48 17.32
CA ARG D 174 19.31 2.93 17.46
C ARG D 174 20.65 3.57 17.87
N LEU D 175 21.01 4.65 17.19
CA LEU D 175 22.23 5.40 17.47
C LEU D 175 21.82 6.72 18.14
N PRO D 176 22.77 7.42 18.77
CA PRO D 176 22.43 8.69 19.42
C PRO D 176 21.87 9.72 18.45
N ARG D 177 22.40 9.74 17.23
CA ARG D 177 21.99 10.69 16.22
C ARG D 177 21.81 10.04 14.84
N ALA D 178 21.09 10.72 13.96
CA ALA D 178 20.84 10.28 12.60
C ALA D 178 22.17 10.18 11.86
N CYS D 179 23.05 11.15 12.12
CA CYS D 179 24.38 11.17 11.50
C CYS D 179 25.15 9.90 11.83
N ASP D 180 24.97 9.39 13.04
CA ASP D 180 25.63 8.16 13.45
C ASP D 180 24.98 6.96 12.77
N SER D 181 23.66 6.97 12.63
CA SER D 181 22.99 5.83 11.99
C SER D 181 23.41 5.77 10.51
N ALA D 182 23.59 6.95 9.91
CA ALA D 182 24.03 7.03 8.53
C ALA D 182 25.40 6.39 8.41
N GLU D 183 26.26 6.65 9.40
CA GLU D 183 27.61 6.09 9.43
C GLU D 183 27.57 4.56 9.50
N VAL D 184 26.72 4.01 10.35
CA VAL D 184 26.62 2.55 10.44
C VAL D 184 26.18 1.99 9.08
N LYS D 185 25.19 2.63 8.45
CA LYS D 185 24.67 2.18 7.16
C LYS D 185 25.78 2.18 6.10
N ALA D 186 26.56 3.26 6.06
CA ALA D 186 27.65 3.35 5.09
C ALA D 186 28.67 2.24 5.35
N TRP D 187 28.96 1.99 6.63
CA TRP D 187 29.90 0.95 7.03
C TRP D 187 29.44 -0.44 6.59
N LEU D 188 28.16 -0.74 6.83
CA LEU D 188 27.59 -2.03 6.45
C LEU D 188 27.60 -2.22 4.95
N GLU D 189 27.66 -1.12 4.21
CA GLU D 189 27.65 -1.17 2.76
C GLU D 189 29.03 -1.35 2.15
N THR D 190 30.08 -1.28 2.97
CA THR D 190 31.45 -1.50 2.48
C THR D 190 31.69 -3.01 2.44
N SER D 191 32.55 -3.48 1.54
CA SER D 191 32.81 -4.91 1.47
C SER D 191 33.49 -5.41 2.75
N GLU D 192 34.32 -4.55 3.36
CA GLU D 192 35.01 -4.90 4.59
C GLU D 192 33.95 -5.08 5.67
N GLY D 193 33.07 -4.08 5.78
CA GLY D 193 32.01 -4.09 6.77
C GLY D 193 31.14 -5.32 6.69
N PHE D 194 30.70 -5.63 5.47
CA PHE D 194 29.86 -6.79 5.21
C PHE D 194 30.59 -8.08 5.55
N ALA D 195 31.86 -8.17 5.16
CA ALA D 195 32.65 -9.36 5.45
C ALA D 195 32.72 -9.69 6.95
N VAL D 196 32.95 -8.69 7.80
CA VAL D 196 33.01 -9.01 9.23
C VAL D 196 31.68 -9.44 9.79
N ILE D 197 30.59 -8.77 9.39
CA ILE D 197 29.31 -9.16 9.96
C ILE D 197 28.88 -10.53 9.46
N LYS D 198 29.20 -10.83 8.20
CA LYS D 198 28.89 -12.13 7.60
C LYS D 198 29.67 -13.23 8.32
N GLU D 199 30.92 -12.93 8.69
CA GLU D 199 31.71 -13.93 9.40
C GLU D 199 31.03 -14.23 10.73
N ALA D 200 30.63 -13.19 11.44
CA ALA D 200 29.97 -13.39 12.72
C ALA D 200 28.65 -14.12 12.56
N PHE D 201 27.86 -13.71 11.56
CA PHE D 201 26.56 -14.33 11.32
C PHE D 201 26.71 -15.81 10.99
N ASP D 202 27.58 -16.11 10.02
CA ASP D 202 27.80 -17.50 9.60
C ASP D 202 28.42 -18.39 10.67
N SER D 203 29.23 -17.81 11.56
CA SER D 203 29.87 -18.59 12.63
C SER D 203 28.83 -19.34 13.46
N THR D 204 27.58 -18.89 13.37
CA THR D 204 26.46 -19.47 14.09
C THR D 204 26.01 -20.87 13.67
N SER D 205 26.22 -21.23 12.40
CA SER D 205 25.78 -22.53 11.92
C SER D 205 26.39 -22.93 10.58
N ARG D 206 26.49 -24.23 10.38
CA ARG D 206 27.02 -24.81 9.15
C ARG D 206 26.15 -24.41 7.98
N PHE D 207 24.83 -24.36 8.20
CA PHE D 207 23.87 -24.01 7.17
C PHE D 207 23.50 -22.53 7.06
N ALA D 208 23.98 -21.70 7.99
CA ALA D 208 23.67 -20.27 7.96
C ALA D 208 24.72 -19.49 7.17
N ARG D 209 24.35 -19.06 5.98
CA ARG D 209 25.25 -18.29 5.13
C ARG D 209 24.60 -16.96 4.71
N LEU D 210 25.04 -15.87 5.35
CA LEU D 210 24.49 -14.56 5.04
C LEU D 210 24.73 -14.20 3.57
N GLN D 211 23.65 -13.87 2.86
CA GLN D 211 23.72 -13.52 1.44
C GLN D 211 23.79 -12.03 1.18
N LYS D 212 22.92 -11.28 1.84
CA LYS D 212 22.89 -9.85 1.61
C LYS D 212 22.29 -9.08 2.77
N LEU D 213 22.46 -7.77 2.71
CA LEU D 213 21.95 -6.87 3.72
C LEU D 213 21.17 -5.74 3.04
N HIS D 214 20.03 -5.40 3.61
CA HIS D 214 19.24 -4.29 3.09
C HIS D 214 18.97 -3.41 4.31
N THR D 215 19.39 -2.15 4.24
CA THR D 215 19.22 -1.22 5.33
C THR D 215 18.28 -0.06 5.03
N SER D 216 17.68 0.47 6.10
CA SER D 216 16.78 1.61 5.98
C SER D 216 16.84 2.41 7.26
N ILE D 217 17.05 3.71 7.07
CA ILE D 217 17.15 4.68 8.14
C ILE D 217 15.78 5.33 8.39
N ALA D 218 15.54 5.68 9.66
CA ALA D 218 14.36 6.41 10.07
C ALA D 218 14.95 7.28 11.21
N GLY D 219 15.58 8.38 10.81
CA GLY D 219 16.20 9.28 11.77
C GLY D 219 17.38 8.59 12.40
N ARG D 220 17.36 8.47 13.73
CA ARG D 220 18.47 7.79 14.41
C ARG D 220 18.27 6.28 14.50
N ASN D 221 17.13 5.79 14.03
CA ASN D 221 16.86 4.34 14.02
C ASN D 221 17.50 3.77 12.76
N LEU D 222 17.90 2.50 12.81
CA LEU D 222 18.43 1.82 11.63
C LEU D 222 17.79 0.45 11.61
N TYR D 223 17.19 0.09 10.47
CA TYR D 223 16.55 -1.23 10.31
C TYR D 223 17.45 -2.00 9.36
N ILE D 224 17.92 -3.15 9.81
CA ILE D 224 18.85 -3.94 9.00
C ILE D 224 18.22 -5.27 8.69
N ARG D 225 17.96 -5.52 7.41
CA ARG D 225 17.36 -6.78 6.98
C ARG D 225 18.46 -7.76 6.60
N PHE D 226 18.68 -8.76 7.46
CA PHE D 226 19.67 -9.79 7.20
C PHE D 226 18.99 -10.86 6.32
N GLN D 227 19.63 -11.32 5.25
CA GLN D 227 19.01 -12.34 4.40
C GLN D 227 19.98 -13.49 4.25
N SER D 228 19.54 -14.69 4.61
CA SER D 228 20.42 -15.83 4.53
C SER D 228 19.76 -17.16 4.19
N ARG D 229 20.57 -18.03 3.58
CA ARG D 229 20.14 -19.39 3.26
C ARG D 229 20.09 -20.10 4.60
N SER D 230 19.43 -21.25 4.65
CA SER D 230 19.30 -22.00 5.89
C SER D 230 19.12 -23.50 5.67
N GLY D 231 19.74 -24.04 4.62
CA GLY D 231 19.59 -25.46 4.34
C GLY D 231 18.14 -25.76 4.03
N ASP D 232 17.59 -26.82 4.61
CA ASP D 232 16.21 -27.18 4.37
C ASP D 232 15.26 -26.66 5.45
N ALA D 233 15.81 -25.98 6.46
CA ALA D 233 14.99 -25.44 7.55
C ALA D 233 14.31 -24.16 7.08
N MET D 234 13.15 -23.86 7.67
CA MET D 234 12.43 -22.63 7.34
C MET D 234 13.42 -21.52 7.71
N GLY D 235 14.16 -21.72 8.80
CA GLY D 235 15.20 -20.79 9.19
C GLY D 235 15.05 -19.64 10.16
N MET D 236 13.83 -19.36 10.62
CA MET D 236 13.62 -18.25 11.55
C MET D 236 14.55 -18.33 12.76
N ASN D 237 14.61 -19.48 13.42
CA ASN D 237 15.48 -19.62 14.59
C ASN D 237 16.94 -19.46 14.28
N MET D 238 17.38 -20.15 13.23
CA MET D 238 18.78 -20.07 12.80
C MET D 238 19.14 -18.63 12.41
N ILE D 239 18.28 -18.01 11.60
CA ILE D 239 18.50 -16.64 11.17
C ILE D 239 18.57 -15.65 12.34
N SER D 240 17.70 -15.86 13.33
CA SER D 240 17.65 -14.99 14.51
C SER D 240 18.93 -15.08 15.34
N LYS D 241 19.47 -16.28 15.48
CA LYS D 241 20.70 -16.49 16.23
C LYS D 241 21.84 -15.79 15.51
N GLY D 242 21.91 -15.99 14.20
CA GLY D 242 22.96 -15.35 13.41
C GLY D 242 22.89 -13.83 13.53
N THR D 243 21.67 -13.30 13.50
CA THR D 243 21.48 -11.87 13.60
C THR D 243 21.99 -11.38 14.96
N GLU D 244 21.66 -12.12 16.02
CA GLU D 244 22.07 -11.76 17.37
C GLU D 244 23.59 -11.65 17.43
N LYS D 245 24.26 -12.68 16.91
CA LYS D 245 25.72 -12.70 16.89
C LYS D 245 26.29 -11.56 16.04
N ALA D 246 25.67 -11.30 14.89
CA ALA D 246 26.13 -10.22 13.99
C ALA D 246 25.95 -8.84 14.62
N LEU D 247 24.84 -8.63 15.32
CA LEU D 247 24.57 -7.36 15.98
C LEU D 247 25.59 -7.12 17.13
N SER D 248 25.93 -8.18 17.87
CA SER D 248 26.89 -8.06 18.96
C SER D 248 28.25 -7.70 18.39
N LYS D 249 28.54 -8.18 17.19
CA LYS D 249 29.80 -7.85 16.51
C LYS D 249 29.74 -6.40 16.05
N LEU D 250 28.60 -5.99 15.52
CA LEU D 250 28.43 -4.60 15.05
C LEU D 250 28.60 -3.69 16.26
N HIS D 251 28.11 -4.12 17.41
CA HIS D 251 28.20 -3.34 18.63
C HIS D 251 29.67 -3.11 19.04
N GLU D 252 30.58 -3.99 18.63
CA GLU D 252 32.00 -3.82 18.92
C GLU D 252 32.53 -2.59 18.17
N TYR D 253 32.03 -2.39 16.95
CA TYR D 253 32.45 -1.24 16.16
C TYR D 253 31.67 0.00 16.57
N PHE D 254 30.44 -0.19 17.04
CA PHE D 254 29.61 0.93 17.45
C PHE D 254 29.05 0.75 18.85
N PRO D 255 29.90 0.93 19.88
CA PRO D 255 29.46 0.78 21.27
C PRO D 255 28.28 1.68 21.67
N GLU D 256 28.12 2.82 20.99
CA GLU D 256 26.99 3.71 21.28
C GLU D 256 25.69 3.17 20.68
N MET D 257 25.74 2.05 19.96
CA MET D 257 24.52 1.50 19.38
C MET D 257 23.63 0.76 20.36
N GLN D 258 22.34 1.07 20.31
CA GLN D 258 21.41 0.34 21.17
C GLN D 258 20.65 -0.64 20.28
N ILE D 259 20.66 -1.91 20.65
CA ILE D 259 19.91 -2.93 19.92
C ILE D 259 18.53 -2.89 20.56
N LEU D 260 17.57 -2.26 19.88
CA LEU D 260 16.22 -2.12 20.43
C LEU D 260 15.42 -3.42 20.38
N ALA D 261 15.48 -4.13 19.26
CA ALA D 261 14.77 -5.40 19.16
C ALA D 261 15.33 -6.24 18.02
N VAL D 262 15.45 -7.54 18.25
CA VAL D 262 15.98 -8.49 17.26
C VAL D 262 15.04 -8.56 16.04
N SER D 263 13.76 -8.24 16.25
CA SER D 263 12.82 -8.12 15.16
C SER D 263 12.17 -6.74 15.28
N GLY D 264 12.49 -5.85 14.34
CA GLY D 264 11.90 -4.53 14.33
C GLY D 264 10.81 -4.47 13.26
N ASN D 265 10.20 -5.62 12.95
CA ASN D 265 9.16 -5.75 11.92
C ASN D 265 9.62 -5.46 10.50
N TYR D 266 10.94 -5.46 10.28
CA TYR D 266 11.48 -5.19 8.95
C TYR D 266 11.83 -6.50 8.22
N CYS D 267 11.50 -7.63 8.82
CA CYS D 267 11.79 -8.93 8.22
C CYS D 267 11.11 -9.14 6.85
N THR D 268 9.78 -9.10 6.74
CA THR D 268 8.85 -8.90 7.84
C THR D 268 8.21 -10.28 8.09
N ASP D 269 8.01 -10.61 9.36
CA ASP D 269 7.44 -11.91 9.70
C ASP D 269 6.02 -11.88 10.19
N LYS D 270 5.16 -12.60 9.47
CA LYS D 270 3.77 -12.75 9.83
C LYS D 270 2.87 -11.53 9.85
N LYS D 271 3.23 -10.51 9.07
CA LYS D 271 2.44 -9.29 8.92
C LYS D 271 2.56 -8.96 7.45
N PRO D 272 1.51 -8.40 6.84
CA PRO D 272 1.54 -8.03 5.43
C PRO D 272 2.56 -6.91 5.30
N ALA D 273 3.42 -6.98 4.28
CA ALA D 273 4.43 -5.95 4.08
C ALA D 273 4.91 -5.91 2.65
N ALA D 274 5.03 -4.70 2.09
CA ALA D 274 5.49 -4.54 0.72
C ALA D 274 6.91 -5.03 0.52
N ILE D 275 7.74 -4.97 1.57
CA ILE D 275 9.11 -5.40 1.43
C ILE D 275 9.25 -6.88 1.06
N ASN D 276 8.38 -7.72 1.63
CA ASN D 276 8.44 -9.14 1.30
C ASN D 276 8.03 -9.33 -0.16
N TRP D 277 7.00 -8.61 -0.58
CA TRP D 277 6.49 -8.68 -1.94
C TRP D 277 7.55 -8.25 -2.96
N ILE D 278 8.24 -7.15 -2.68
CA ILE D 278 9.25 -6.62 -3.59
C ILE D 278 10.64 -7.26 -3.52
N GLU D 279 11.10 -7.55 -2.31
CA GLU D 279 12.42 -8.12 -2.10
C GLU D 279 12.43 -9.66 -2.01
N GLY D 280 11.28 -10.24 -1.71
CA GLY D 280 11.20 -11.68 -1.55
C GLY D 280 11.54 -12.07 -0.11
N ARG D 281 11.11 -13.24 0.32
CA ARG D 281 11.41 -13.76 1.66
C ARG D 281 11.24 -15.27 1.57
N GLY D 282 12.21 -16.02 2.09
CA GLY D 282 12.10 -17.46 1.97
C GLY D 282 12.36 -17.77 0.50
N LYS D 283 11.42 -18.46 -0.12
CA LYS D 283 11.51 -18.85 -1.54
C LYS D 283 10.64 -18.04 -2.50
N SER D 284 11.25 -17.47 -3.54
CA SER D 284 10.52 -16.74 -4.58
C SER D 284 10.41 -17.81 -5.68
N VAL D 285 9.18 -18.08 -6.11
CA VAL D 285 8.95 -19.13 -7.08
C VAL D 285 7.98 -18.66 -8.17
N VAL D 286 8.12 -19.24 -9.36
CA VAL D 286 7.19 -18.97 -10.45
C VAL D 286 6.82 -20.32 -11.05
N CYS D 287 5.58 -20.44 -11.51
CA CYS D 287 5.09 -21.67 -12.12
C CYS D 287 4.25 -21.29 -13.36
N GLU D 288 4.11 -22.20 -14.31
CA GLU D 288 3.35 -21.91 -15.53
C GLU D 288 2.86 -23.20 -16.18
N ALA D 289 1.87 -23.08 -17.06
CA ALA D 289 1.33 -24.23 -17.79
C ALA D 289 0.43 -23.70 -18.88
N VAL D 290 0.19 -24.53 -19.89
CA VAL D 290 -0.72 -24.14 -20.97
C VAL D 290 -1.84 -25.18 -20.97
N ILE D 291 -3.09 -24.73 -20.88
CA ILE D 291 -4.20 -25.65 -20.88
C ILE D 291 -4.90 -25.62 -22.25
N PRO D 292 -4.90 -26.74 -22.99
CA PRO D 292 -5.52 -26.86 -24.31
C PRO D 292 -6.96 -26.38 -24.28
N ALA D 293 -7.39 -25.73 -25.36
CA ALA D 293 -8.76 -25.21 -25.45
C ALA D 293 -9.81 -26.27 -25.12
N LYS D 294 -9.63 -27.48 -25.64
CA LYS D 294 -10.56 -28.57 -25.40
C LYS D 294 -10.68 -28.86 -23.90
N VAL D 295 -9.55 -28.84 -23.21
CA VAL D 295 -9.52 -29.11 -21.77
C VAL D 295 -10.25 -28.03 -20.97
N VAL D 296 -10.08 -26.77 -21.37
CA VAL D 296 -10.75 -25.66 -20.69
C VAL D 296 -12.25 -25.84 -20.73
N ARG D 297 -12.76 -26.27 -21.90
CA ARG D 297 -14.19 -26.49 -22.10
C ARG D 297 -14.69 -27.70 -21.34
N GLU D 298 -14.00 -28.83 -21.51
CA GLU D 298 -14.41 -30.08 -20.90
C GLU D 298 -14.16 -30.28 -19.42
N VAL D 299 -12.93 -30.06 -18.99
CA VAL D 299 -12.60 -30.22 -17.59
C VAL D 299 -13.04 -29.01 -16.76
N LEU D 300 -12.65 -27.81 -17.20
CA LEU D 300 -12.96 -26.57 -16.49
C LEU D 300 -14.35 -25.94 -16.73
N LYS D 301 -15.10 -26.47 -17.71
CA LYS D 301 -16.47 -26.03 -18.00
C LYS D 301 -16.57 -24.55 -18.37
N THR D 302 -15.58 -24.04 -19.08
CA THR D 302 -15.63 -22.64 -19.44
C THR D 302 -14.87 -22.40 -20.73
N THR D 303 -14.43 -21.17 -20.92
CA THR D 303 -13.73 -20.77 -22.12
C THR D 303 -12.42 -20.05 -21.80
N THR D 304 -11.43 -20.21 -22.69
CA THR D 304 -10.15 -19.54 -22.50
C THR D 304 -10.36 -18.03 -22.39
N GLU D 305 -11.19 -17.49 -23.28
CA GLU D 305 -11.47 -16.06 -23.29
C GLU D 305 -12.13 -15.61 -21.98
N ALA D 306 -13.09 -16.38 -21.49
CA ALA D 306 -13.78 -16.03 -20.25
C ALA D 306 -12.80 -16.02 -19.06
N MET D 307 -11.94 -17.02 -18.98
CA MET D 307 -10.94 -17.12 -17.93
C MET D 307 -10.08 -15.85 -17.89
N ILE D 308 -9.51 -15.48 -19.04
CA ILE D 308 -8.65 -14.28 -19.15
C ILE D 308 -9.39 -13.01 -18.72
N GLU D 309 -10.65 -12.90 -19.14
CA GLU D 309 -11.47 -11.73 -18.83
C GLU D 309 -11.71 -11.63 -17.31
N VAL D 310 -11.97 -12.78 -16.69
CA VAL D 310 -12.18 -12.79 -15.26
C VAL D 310 -10.88 -12.52 -14.50
N ASN D 311 -9.76 -13.03 -15.01
CA ASN D 311 -8.49 -12.84 -14.33
C ASN D 311 -8.07 -11.38 -14.31
N ILE D 312 -8.17 -10.73 -15.45
CA ILE D 312 -7.79 -9.33 -15.53
C ILE D 312 -8.68 -8.46 -14.62
N ASN D 313 -9.99 -8.65 -14.72
CA ASN D 313 -10.88 -7.82 -13.95
C ASN D 313 -11.08 -8.15 -12.48
N LYS D 314 -10.65 -9.34 -12.08
CA LYS D 314 -10.76 -9.75 -10.69
C LYS D 314 -9.39 -9.66 -10.00
N ASN D 315 -8.45 -10.47 -10.47
CA ASN D 315 -7.11 -10.54 -9.90
C ASN D 315 -6.19 -9.35 -10.11
N LEU D 316 -6.45 -8.57 -11.15
CA LEU D 316 -5.64 -7.39 -11.37
C LEU D 316 -6.45 -6.15 -10.99
N VAL D 317 -7.48 -5.83 -11.77
CA VAL D 317 -8.29 -4.63 -11.51
C VAL D 317 -9.00 -4.62 -10.16
N GLY D 318 -9.60 -5.75 -9.76
CA GLY D 318 -10.27 -5.80 -8.47
C GLY D 318 -9.32 -5.62 -7.29
N SER D 319 -8.21 -6.35 -7.32
CA SER D 319 -7.23 -6.24 -6.26
C SER D 319 -6.71 -4.81 -6.15
N ALA D 320 -6.52 -4.16 -7.30
CA ALA D 320 -6.05 -2.77 -7.32
C ALA D 320 -7.08 -1.85 -6.66
N MET D 321 -8.35 -2.02 -7.04
CA MET D 321 -9.43 -1.21 -6.47
C MET D 321 -9.54 -1.42 -4.96
N ALA D 322 -9.23 -2.63 -4.49
CA ALA D 322 -9.30 -2.96 -3.07
C ALA D 322 -8.06 -2.49 -2.28
N GLY D 323 -7.06 -1.97 -3.00
CA GLY D 323 -5.85 -1.49 -2.36
C GLY D 323 -5.01 -2.66 -1.84
N SER D 324 -4.80 -3.63 -2.70
CA SER D 324 -4.03 -4.79 -2.30
C SER D 324 -2.56 -4.63 -2.61
N ILE D 325 -1.72 -5.13 -1.72
CA ILE D 325 -0.28 -5.16 -1.96
C ILE D 325 0.01 -6.65 -1.93
N GLY D 326 0.23 -7.28 -3.09
CA GLY D 326 0.54 -8.71 -3.08
C GLY D 326 -0.57 -9.75 -3.19
N GLY D 327 -1.83 -9.31 -3.21
CA GLY D 327 -2.96 -10.24 -3.30
C GLY D 327 -3.61 -10.21 -4.68
N TYR D 328 -2.81 -10.41 -5.71
CA TYR D 328 -3.30 -10.38 -7.09
C TYR D 328 -3.58 -11.79 -7.57
N ASN D 329 -4.42 -12.48 -6.79
CA ASN D 329 -4.74 -13.87 -7.03
C ASN D 329 -6.16 -14.15 -6.50
N ALA D 330 -6.67 -15.35 -6.76
CA ALA D 330 -8.01 -15.70 -6.35
C ALA D 330 -8.06 -16.28 -4.95
N HIS D 331 -7.32 -17.35 -4.71
CA HIS D 331 -7.27 -17.95 -3.40
C HIS D 331 -6.02 -18.74 -3.06
N ALA D 332 -4.85 -18.16 -3.34
CA ALA D 332 -3.59 -18.84 -3.02
C ALA D 332 -3.53 -19.21 -1.54
N ALA D 333 -4.14 -18.38 -0.70
CA ALA D 333 -4.11 -18.64 0.76
C ALA D 333 -4.77 -19.96 1.13
N ASN D 334 -5.78 -20.40 0.37
CA ASN D 334 -6.44 -21.68 0.68
C ASN D 334 -5.48 -22.87 0.48
N ILE D 335 -4.76 -22.87 -0.63
CA ILE D 335 -3.83 -23.97 -0.93
C ILE D 335 -2.64 -23.93 0.04
N VAL D 336 -2.03 -22.75 0.17
CA VAL D 336 -0.88 -22.57 1.06
C VAL D 336 -1.21 -23.08 2.47
N THR D 337 -2.32 -22.61 3.00
CA THR D 337 -2.74 -22.99 4.32
C THR D 337 -2.96 -24.51 4.46
N ALA D 338 -3.60 -25.12 3.47
CA ALA D 338 -3.91 -26.56 3.52
C ALA D 338 -2.64 -27.42 3.49
N ILE D 339 -1.71 -27.07 2.62
CA ILE D 339 -0.46 -27.81 2.53
C ILE D 339 0.38 -27.54 3.78
N TYR D 340 0.36 -26.31 4.28
CA TYR D 340 1.14 -25.98 5.47
C TYR D 340 0.70 -26.79 6.69
N ILE D 341 -0.60 -26.87 6.91
CA ILE D 341 -1.10 -27.63 8.06
C ILE D 341 -0.80 -29.11 7.88
N ALA D 342 -0.99 -29.65 6.68
CA ALA D 342 -0.69 -31.06 6.44
C ALA D 342 0.80 -31.38 6.58
N CYS D 343 1.67 -30.47 6.11
CA CYS D 343 3.12 -30.71 6.15
C CYS D 343 3.94 -30.15 7.30
N GLY D 344 3.27 -29.81 8.40
CA GLY D 344 4.00 -29.30 9.56
C GLY D 344 4.67 -27.96 9.42
N GLN D 345 4.18 -27.12 8.51
CA GLN D 345 4.74 -25.79 8.36
C GLN D 345 4.07 -24.87 9.40
N ASP D 346 4.41 -23.58 9.39
CA ASP D 346 3.85 -22.62 10.34
C ASP D 346 2.72 -21.96 9.58
N ALA D 347 1.47 -22.30 9.90
CA ALA D 347 0.35 -21.74 9.17
C ALA D 347 0.18 -20.23 9.33
N ALA D 348 0.73 -19.67 10.39
CA ALA D 348 0.62 -18.24 10.61
C ALA D 348 1.36 -17.51 9.50
N GLN D 349 2.35 -18.19 8.91
CA GLN D 349 3.11 -17.58 7.81
C GLN D 349 2.34 -17.53 6.47
N ASN D 350 1.10 -18.00 6.49
CA ASN D 350 0.27 -17.91 5.30
C ASN D 350 0.07 -16.42 4.97
N VAL D 351 0.26 -15.55 5.98
CA VAL D 351 0.11 -14.12 5.76
C VAL D 351 1.00 -13.66 4.60
N GLY D 352 2.29 -13.94 4.65
CA GLY D 352 3.16 -13.51 3.56
C GLY D 352 3.40 -14.59 2.52
N SER D 353 3.35 -15.85 2.95
CA SER D 353 3.60 -16.96 2.02
C SER D 353 2.58 -17.03 0.89
N SER D 354 1.40 -16.45 1.14
CA SER D 354 0.28 -16.41 0.20
C SER D 354 0.44 -15.39 -0.88
N ASN D 355 1.39 -14.47 -0.71
CA ASN D 355 1.58 -13.45 -1.72
C ASN D 355 1.65 -14.15 -3.09
N CYS D 356 0.89 -13.62 -4.06
CA CYS D 356 0.86 -14.25 -5.36
C CYS D 356 0.20 -13.40 -6.44
N ILE D 357 0.80 -13.39 -7.63
CA ILE D 357 0.19 -12.72 -8.75
C ILE D 357 -0.13 -13.78 -9.82
N THR D 358 -1.42 -13.91 -10.13
CA THR D 358 -1.89 -14.87 -11.11
C THR D 358 -2.15 -14.19 -12.46
N LEU D 359 -1.50 -14.67 -13.52
CA LEU D 359 -1.68 -14.09 -14.85
C LEU D 359 -2.19 -15.14 -15.84
N MET D 360 -3.06 -14.72 -16.75
CA MET D 360 -3.65 -15.61 -17.77
C MET D 360 -3.61 -14.92 -19.11
N GLU D 361 -3.33 -15.70 -20.15
CA GLU D 361 -3.16 -15.16 -21.49
C GLU D 361 -3.57 -16.19 -22.55
N ALA D 362 -4.00 -15.72 -23.73
CA ALA D 362 -4.37 -16.63 -24.81
C ALA D 362 -3.06 -17.11 -25.41
N SER D 363 -3.02 -18.40 -25.75
CA SER D 363 -1.82 -19.01 -26.30
C SER D 363 -2.15 -20.04 -27.39
N GLY D 364 -1.12 -20.52 -28.08
CA GLY D 364 -1.29 -21.53 -29.10
C GLY D 364 -1.49 -21.05 -30.52
N PRO D 365 -1.48 -21.99 -31.49
CA PRO D 365 -1.64 -21.78 -32.92
C PRO D 365 -2.84 -20.89 -33.22
N THR D 366 -3.98 -21.15 -32.59
CA THR D 366 -5.18 -20.36 -32.82
C THR D 366 -5.56 -19.40 -31.69
N ASN D 367 -4.64 -19.17 -30.74
CA ASN D 367 -4.89 -18.26 -29.62
C ASN D 367 -6.09 -18.71 -28.80
N GLU D 368 -6.32 -20.01 -28.76
CA GLU D 368 -7.46 -20.56 -28.03
C GLU D 368 -7.10 -21.35 -26.78
N ASP D 369 -5.81 -21.61 -26.59
CA ASP D 369 -5.37 -22.35 -25.41
C ASP D 369 -5.08 -21.34 -24.29
N LEU D 370 -5.06 -21.83 -23.05
CA LEU D 370 -4.86 -20.98 -21.88
C LEU D 370 -3.48 -21.03 -21.21
N TYR D 371 -2.76 -19.93 -21.31
CA TYR D 371 -1.46 -19.82 -20.64
C TYR D 371 -1.76 -19.20 -19.27
N ILE D 372 -1.31 -19.85 -18.21
CA ILE D 372 -1.50 -19.34 -16.85
C ILE D 372 -0.14 -19.39 -16.14
N SER D 373 0.09 -18.40 -15.29
CA SER D 373 1.31 -18.34 -14.49
C SER D 373 0.97 -17.76 -13.12
N CYS D 374 1.69 -18.26 -12.11
CA CYS D 374 1.54 -17.78 -10.74
C CYS D 374 2.95 -17.49 -10.27
N THR D 375 3.13 -16.34 -9.64
CA THR D 375 4.45 -15.96 -9.12
C THR D 375 4.29 -15.64 -7.66
N MET D 376 5.06 -16.33 -6.83
CA MET D 376 4.97 -16.21 -5.37
C MET D 376 6.37 -15.92 -4.85
N PRO D 377 6.64 -14.65 -4.57
CA PRO D 377 7.91 -14.13 -4.08
C PRO D 377 8.35 -14.43 -2.68
N SER D 378 7.43 -14.87 -1.83
CA SER D 378 7.78 -15.07 -0.45
C SER D 378 7.20 -16.28 0.25
N ILE D 379 7.51 -17.46 -0.26
CA ILE D 379 7.05 -18.70 0.36
C ILE D 379 8.03 -19.06 1.49
N GLU D 380 7.54 -19.01 2.72
CA GLU D 380 8.36 -19.30 3.91
C GLU D 380 8.06 -20.75 4.24
N ILE D 381 9.06 -21.61 4.02
CA ILE D 381 8.83 -23.02 4.17
C ILE D 381 10.10 -23.80 4.51
N GLY D 382 9.91 -24.99 5.07
CA GLY D 382 11.04 -25.85 5.45
C GLY D 382 10.59 -27.29 5.55
N THR D 383 11.54 -28.22 5.62
CA THR D 383 11.24 -29.64 5.73
C THR D 383 11.99 -30.29 6.91
N VAL D 384 12.58 -29.45 7.75
CA VAL D 384 13.33 -29.88 8.93
C VAL D 384 13.00 -28.92 10.07
N GLY D 385 12.76 -29.46 11.27
CA GLY D 385 12.48 -28.64 12.43
C GLY D 385 11.01 -28.33 12.65
N GLY D 386 10.68 -27.79 13.83
CA GLY D 386 9.31 -27.44 14.15
C GLY D 386 8.35 -28.62 14.07
N GLY D 387 7.16 -28.38 13.52
CA GLY D 387 6.15 -29.44 13.39
C GLY D 387 6.55 -30.49 12.37
N THR D 388 7.56 -30.15 11.59
CA THR D 388 8.10 -31.03 10.58
C THR D 388 8.79 -32.22 11.28
N ASN D 389 8.96 -32.12 12.59
CA ASN D 389 9.58 -33.18 13.40
C ASN D 389 8.58 -34.22 13.90
N LEU D 390 7.29 -33.96 13.71
CA LEU D 390 6.24 -34.89 14.16
C LEU D 390 5.98 -35.94 13.07
N LEU D 391 5.67 -37.19 13.47
CA LEU D 391 5.45 -38.29 12.53
C LEU D 391 4.30 -38.11 11.55
N PRO D 392 3.14 -37.63 12.02
CA PRO D 392 2.07 -37.47 11.04
C PRO D 392 2.46 -36.46 9.96
N GLN D 393 2.99 -35.30 10.34
CA GLN D 393 3.35 -34.38 9.28
C GLN D 393 4.56 -34.86 8.48
N GLN D 394 5.37 -35.76 9.03
CA GLN D 394 6.51 -36.29 8.28
C GLN D 394 5.97 -37.23 7.19
N ALA D 395 4.84 -37.86 7.46
CA ALA D 395 4.22 -38.78 6.50
C ALA D 395 3.78 -38.00 5.26
N CYS D 396 3.21 -36.81 5.48
CA CYS D 396 2.77 -36.00 4.36
C CYS D 396 3.96 -35.46 3.58
N LEU D 397 5.05 -35.18 4.27
CA LEU D 397 6.26 -34.72 3.59
C LEU D 397 6.84 -35.87 2.76
N GLN D 398 6.79 -37.09 3.28
CA GLN D 398 7.31 -38.25 2.58
C GLN D 398 6.54 -38.50 1.31
N MET D 399 5.22 -38.27 1.35
CA MET D 399 4.36 -38.44 0.18
C MET D 399 4.92 -37.65 -0.99
N LEU D 400 5.39 -36.44 -0.70
CA LEU D 400 5.94 -35.55 -1.71
C LEU D 400 7.42 -35.84 -1.98
N GLY D 401 8.00 -36.74 -1.19
CA GLY D 401 9.40 -37.10 -1.33
C GLY D 401 10.31 -35.97 -0.89
N VAL D 402 9.85 -35.20 0.09
CA VAL D 402 10.60 -34.04 0.53
C VAL D 402 10.90 -33.96 2.03
N GLN D 403 10.73 -35.06 2.74
CA GLN D 403 10.94 -35.05 4.18
C GLN D 403 12.38 -34.94 4.64
N GLY D 404 12.63 -34.05 5.60
CA GLY D 404 13.97 -33.89 6.15
C GLY D 404 14.97 -33.20 5.25
N ALA D 405 16.25 -33.32 5.59
CA ALA D 405 17.33 -32.69 4.85
C ALA D 405 17.75 -33.42 3.57
N CYS D 406 18.14 -32.65 2.56
CA CYS D 406 18.63 -33.24 1.33
C CYS D 406 20.13 -33.24 1.56
N LYS D 407 20.66 -34.44 1.75
CA LYS D 407 22.09 -34.63 2.04
C LYS D 407 23.05 -34.03 1.01
N ASP D 408 22.84 -34.36 -0.25
CA ASP D 408 23.74 -33.87 -1.29
C ASP D 408 23.49 -32.47 -1.84
N ASN D 409 22.42 -31.82 -1.39
CA ASN D 409 22.10 -30.48 -1.89
C ASN D 409 21.20 -29.81 -0.86
N PRO D 410 21.80 -29.27 0.22
CA PRO D 410 21.12 -28.59 1.32
C PRO D 410 20.13 -27.55 0.82
N GLY D 411 18.88 -27.68 1.24
CA GLY D 411 17.84 -26.75 0.81
C GLY D 411 16.98 -27.23 -0.35
N GLU D 412 17.43 -28.26 -1.04
CA GLU D 412 16.71 -28.77 -2.20
C GLU D 412 15.34 -29.37 -1.88
N ASN D 413 15.19 -29.96 -0.70
CA ASN D 413 13.90 -30.51 -0.30
C ASN D 413 12.94 -29.32 -0.06
N ALA D 414 13.40 -28.31 0.69
CA ALA D 414 12.57 -27.14 0.98
C ALA D 414 12.22 -26.42 -0.31
N ARG D 415 13.18 -26.33 -1.23
CA ARG D 415 12.96 -25.69 -2.52
C ARG D 415 11.94 -26.50 -3.34
N GLN D 416 12.01 -27.82 -3.27
CA GLN D 416 11.07 -28.67 -4.01
C GLN D 416 9.67 -28.47 -3.43
N LEU D 417 9.56 -28.43 -2.11
CA LEU D 417 8.25 -28.19 -1.47
C LEU D 417 7.68 -26.84 -1.91
N ALA D 418 8.53 -25.81 -1.99
CA ALA D 418 8.04 -24.51 -2.43
C ALA D 418 7.52 -24.56 -3.89
N ARG D 419 8.20 -25.34 -4.74
CA ARG D 419 7.79 -25.50 -6.14
C ARG D 419 6.41 -26.17 -6.23
N ILE D 420 6.22 -27.16 -5.36
CA ILE D 420 4.96 -27.89 -5.26
C ILE D 420 3.84 -26.99 -4.75
N VAL D 421 4.14 -26.15 -3.77
CA VAL D 421 3.15 -25.23 -3.22
C VAL D 421 2.67 -24.29 -4.31
N CYS D 422 3.62 -23.75 -5.07
CA CYS D 422 3.31 -22.82 -6.16
C CYS D 422 2.50 -23.50 -7.27
N GLY D 423 2.94 -24.69 -7.66
CA GLY D 423 2.25 -25.46 -8.68
C GLY D 423 0.84 -25.78 -8.24
N THR D 424 0.69 -26.17 -6.98
CA THR D 424 -0.63 -26.50 -6.43
C THR D 424 -1.54 -25.26 -6.34
N VAL D 425 -0.93 -24.13 -5.99
CA VAL D 425 -1.69 -22.90 -5.95
C VAL D 425 -2.22 -22.65 -7.35
N MET D 426 -1.35 -22.85 -8.35
CA MET D 426 -1.73 -22.62 -9.76
C MET D 426 -2.88 -23.53 -10.17
N ALA D 427 -2.85 -24.76 -9.69
CA ALA D 427 -3.91 -25.70 -9.99
C ALA D 427 -5.20 -25.15 -9.36
N GLY D 428 -5.08 -24.70 -8.11
CA GLY D 428 -6.23 -24.14 -7.40
C GLY D 428 -6.82 -22.91 -8.08
N GLU D 429 -5.96 -22.03 -8.58
CA GLU D 429 -6.39 -20.81 -9.25
C GLU D 429 -7.16 -21.16 -10.53
N LEU D 430 -6.67 -22.16 -11.24
CA LEU D 430 -7.30 -22.60 -12.48
C LEU D 430 -8.74 -22.98 -12.24
N SER D 431 -8.95 -23.84 -11.25
CA SER D 431 -10.30 -24.32 -10.95
C SER D 431 -11.29 -23.30 -10.39
N LEU D 432 -10.87 -22.47 -9.43
CA LEU D 432 -11.77 -21.46 -8.89
C LEU D 432 -12.11 -20.44 -9.96
N MET D 433 -11.10 -20.01 -10.71
CA MET D 433 -11.31 -19.03 -11.76
C MET D 433 -12.28 -19.58 -12.82
N ALA D 434 -12.15 -20.86 -13.15
CA ALA D 434 -13.08 -21.47 -14.12
C ALA D 434 -14.49 -21.42 -13.54
N ALA D 435 -14.60 -21.75 -12.25
CA ALA D 435 -15.91 -21.74 -11.60
C ALA D 435 -16.49 -20.34 -11.54
N LEU D 436 -15.67 -19.34 -11.24
CA LEU D 436 -16.17 -17.96 -11.18
C LEU D 436 -16.60 -17.49 -12.57
N ALA D 437 -15.84 -17.87 -13.61
CA ALA D 437 -16.16 -17.48 -14.97
C ALA D 437 -17.45 -18.13 -15.49
N ALA D 438 -17.74 -19.32 -15.00
CA ALA D 438 -18.92 -20.06 -15.43
C ALA D 438 -20.16 -19.92 -14.56
N GLY D 439 -20.07 -19.13 -13.48
CA GLY D 439 -21.20 -18.96 -12.58
C GLY D 439 -21.47 -20.18 -11.71
N HIS D 440 -20.41 -20.91 -11.33
CA HIS D 440 -20.51 -22.13 -10.53
C HIS D 440 -20.06 -22.08 -9.05
N LEU D 441 -19.54 -20.95 -8.59
CA LEU D 441 -19.03 -20.86 -7.21
C LEU D 441 -19.95 -21.34 -6.09
N VAL D 442 -21.15 -20.76 -5.97
CA VAL D 442 -22.08 -21.15 -4.91
C VAL D 442 -22.82 -22.46 -5.19
N LYS D 443 -22.43 -23.13 -6.28
CA LYS D 443 -22.98 -24.40 -6.79
C LYS D 443 -23.96 -24.17 -7.94
N1A COA E . 6.26 35.94 7.20
C2A COA E . 7.33 35.21 7.45
N3A COA E . 7.69 34.62 8.56
C4A COA E . 6.76 34.77 9.68
C5A COA E . 5.55 35.57 9.46
C6A COA E . 5.37 36.15 8.14
N6A COA E . 4.31 36.89 7.84
N7A COA E . 4.78 35.63 10.60
C8A COA E . 5.55 34.86 11.43
N9A COA E . 6.74 34.29 10.99
C1B COA E . 7.73 33.42 11.70
C2B COA E . 9.09 34.05 12.01
O2B COA E . 10.19 33.31 11.44
C3B COA E . 9.18 34.05 13.55
O3B COA E . 9.12 35.35 14.13
P3B COA E . 10.40 36.33 14.35
O7A COA E . 10.51 37.35 13.10
O8A COA E . 10.15 37.17 15.71
O9A COA E . 11.77 35.50 14.47
C4B COA E . 8.04 33.11 14.02
O4B COA E . 7.12 33.03 12.92
C5B COA E . 7.20 33.52 15.25
O5B COA E . 6.53 34.76 15.05
P1A COA E . 5.04 35.04 15.64
O1A COA E . 5.03 34.71 17.21
O2A COA E . 4.64 36.57 15.38
O3A COA E . 3.98 34.12 14.88
P2A COA E . 3.38 32.74 15.44
O4A COA E . 4.44 31.96 16.34
O5A COA E . 2.06 33.05 16.31
O6A COA E . 2.98 31.86 14.16
CBP COA E . 2.40 31.40 11.82
CCP COA E . 2.56 32.47 12.94
CDP COA E . 1.43 31.97 10.74
CEP COA E . 3.80 31.21 11.16
CAP COA E . 1.86 30.06 12.44
OAP COA E . 0.53 30.28 12.92
C9P COA E . 1.87 28.85 11.49
O9P COA E . 2.96 28.39 11.11
N8P COA E . 0.71 28.33 11.11
C7P COA E . 0.70 26.99 10.49
C6P COA E . 0.71 27.10 8.98
C5P COA E . 0.79 25.72 8.35
O5P COA E . 1.85 25.10 8.42
N4P COA E . -0.33 25.25 7.74
C3P COA E . -0.28 24.47 6.48
C2P COA E . 0.72 25.07 5.49
S1P COA E . 0.13 26.70 4.93
C1 MAH F . -2.18 22.24 4.22
C2 MAH F . -1.70 20.86 4.64
C3 MAH F . -2.44 20.14 5.78
C4 MAH F . -1.77 18.75 6.01
C5 MAH F . -2.20 17.96 7.23
C6 MAH F . -2.49 20.96 7.10
O1 MAH F . -1.71 22.76 3.20
O2 MAH F . -3.04 22.85 4.89
O3 MAH F . -1.63 18.23 8.33
O4 MAH F . -3.10 17.10 7.10
O7 MAH F . -3.80 19.87 5.40
N1A COA G . 3.21 20.78 -30.49
C2A COA G . 1.94 20.48 -30.31
N3A COA G . 1.29 19.42 -30.69
C4A COA G . 2.07 18.43 -31.44
C5A COA G . 3.48 18.71 -31.67
C6A COA G . 4.00 19.95 -31.15
N6A COA G . 5.28 20.27 -31.33
N7A COA G . 4.11 17.71 -32.38
C8A COA G . 3.04 16.86 -32.53
N9A COA G . 1.78 17.18 -32.01
C1B COA G . 0.50 16.42 -32.04
C2B COA G . -0.50 16.96 -33.06
O2B COA G . -1.67 17.47 -32.41
C3B COA G . -0.85 15.78 -33.97
O3B COA G . -0.70 16.11 -35.37
P3B COA G . -1.75 17.09 -36.16
O7A COA G . -0.94 18.29 -36.87
O8A COA G . -2.55 16.25 -37.27
O9A COA G . -2.80 17.72 -35.12
C4B COA G . -0.05 14.56 -33.43
O4B COA G . 0.80 15.07 -32.41
C5B COA G . 0.87 13.77 -34.38
O5B COA G . 1.89 14.63 -34.88
P1A COA G . 3.20 14.11 -35.66
O1A COA G . 2.84 14.04 -37.21
O2A COA G . 4.40 15.16 -35.44
O3A COA G . 3.73 12.66 -35.22
P2A COA G . 3.94 12.04 -33.74
O4A COA G . 2.71 11.04 -33.49
O5A COA G . 5.31 11.19 -33.75
O6A COA G . 4.03 13.16 -32.58
CBP COA G . 5.10 13.41 -30.29
CCP COA G . 5.26 13.37 -31.85
CDP COA G . 6.22 14.35 -29.74
CEP COA G . 3.73 14.09 -29.97
CAP COA G . 5.21 11.94 -29.68
OAP COA G . 6.52 11.44 -29.94
C9P COA G . 4.90 11.79 -28.16
O9P COA G . 3.77 12.09 -27.74
N8P COA G . 5.86 11.32 -27.34
C7P COA G . 5.54 10.96 -25.97
C6P COA G . 5.80 12.14 -25.03
C5P COA G . 5.41 11.80 -23.59
O5P COA G . 4.23 11.52 -23.35
N4P COA G . 6.39 11.86 -22.66
C3P COA G . 6.10 12.03 -21.22
C2P COA G . 5.48 13.40 -20.95
S1P COA G . 6.69 14.69 -21.36
C1 MAH H . 7.72 11.43 -17.78
C2 MAH H . 6.78 10.38 -17.23
C3 MAH H . 7.14 8.91 -17.47
C4 MAH H . 6.07 7.99 -16.81
C5 MAH H . 6.20 6.48 -17.04
C6 MAH H . 7.33 8.59 -18.97
O1 MAH H . 7.55 12.61 -17.48
O2 MAH H . 8.67 11.11 -18.52
O3 MAH H . 5.58 5.99 -17.99
O4 MAH H . 6.90 5.81 -16.27
O7 MAH H . 8.37 8.62 -16.81
S1 DTT I . 12.12 16.94 -17.06
C1 DTT I . 10.73 18.04 -16.55
C2 DTT I . 11.12 19.14 -15.54
O2 DTT I . 10.64 20.38 -16.02
C3 DTT I . 12.65 19.31 -15.23
O3 DTT I . 12.85 20.59 -14.64
C4 DTT I . 13.29 18.26 -14.27
S4 DTT I . 15.08 18.52 -14.00
N1A COA J . 3.89 -22.93 29.88
C2A COA J . 2.92 -22.07 30.05
N3A COA J . 2.98 -20.86 30.55
C4A COA J . 4.31 -20.41 30.97
C5A COA J . 5.42 -21.35 30.81
C6A COA J . 5.13 -22.64 30.23
N6A COA J . 6.09 -23.55 30.06
N7A COA J . 6.61 -20.82 31.25
C8A COA J . 6.16 -19.59 31.65
N9A COA J . 4.82 -19.25 31.53
C1B COA J . 4.11 -17.98 31.88
C2B COA J . 3.25 -18.06 33.10
O2B COA J . 1.90 -17.71 32.79
C3B COA J . 3.84 -17.04 34.08
O3B COA J . 4.22 -17.61 35.33
P3B COA J . 3.13 -18.10 36.42
O7A COA J . 3.55 -19.55 36.92
O8A COA J . 3.03 -17.06 37.64
O9A COA J . 1.68 -18.17 35.71
C4B COA J . 4.93 -16.27 33.30
O4B COA J . 5.10 -16.96 32.07
C5B COA J . 6.35 -16.11 33.88
O5B COA J . 7.02 -17.36 34.09
P1A COA J . 8.63 -17.40 34.25
O1A COA J . 9.06 -16.16 35.18
O2A COA J . 9.06 -18.78 34.90
O3A COA J . 9.41 -17.27 32.84
P2A COA J . 9.50 -15.98 31.88
O4A COA J . 8.84 -14.66 32.49
O5A COA J . 11.04 -15.72 31.54
O6A COA J . 8.73 -16.33 30.52
CBP COA J . 8.44 -17.44 28.35
CCP COA J . 8.99 -17.55 29.78
CDP COA J . 8.92 -18.69 27.55
CEP COA J . 6.89 -17.47 28.44
CAP COA J . 8.95 -16.09 27.71
OAP COA J . 10.36 -16.16 27.55
C9P COA J . 8.30 -15.71 26.38
O9P COA J . 7.07 -15.51 26.33
N8P COA J . 9.07 -15.60 25.30
C7P COA J . 8.54 -14.97 24.09
C6P COA J . 8.02 -16.05 23.14
C5P COA J . 7.38 -15.44 21.90
O5P COA J . 6.46 -14.62 22.06
N4P COA J . 7.86 -15.83 20.71
C3P COA J . 7.03 -15.76 19.49
C2P COA J . 5.87 -16.76 19.53
S1P COA J . 6.53 -18.40 19.91
S1 DTT K . -14.73 -22.77 5.06
C1 DTT K . -13.76 -23.82 6.21
C2 DTT K . -13.81 -23.30 7.66
O2 DTT K . -13.29 -24.33 8.50
C3 DTT K . -15.22 -22.94 8.21
O3 DTT K . -15.32 -23.33 9.57
C4 DTT K . -15.60 -21.43 8.14
S4 DTT K . -16.64 -20.92 9.54
N1A COA L . -13.34 -35.00 -5.25
C2A COA L . -12.21 -34.82 -5.90
N3A COA L . -12.03 -34.33 -7.10
C4A COA L . -13.24 -33.93 -7.81
C5A COA L . -14.52 -34.12 -7.14
C6A COA L . -14.50 -34.68 -5.81
N6A COA L . -15.61 -34.89 -5.10
N7A COA L . -15.58 -33.70 -7.93
C8A COA L . -14.88 -33.28 -9.03
N9A COA L . -13.49 -33.37 -9.07
C1B COA L . -12.50 -32.99 -10.12
C2B COA L . -11.88 -34.17 -10.86
O2B COA L . -10.46 -34.23 -10.66
C3B COA L . -12.21 -33.95 -12.34
O3B COA L . -12.91 -35.06 -12.91
P3B COA L . -12.18 -36.49 -13.20
O7A COA L . -13.07 -37.67 -12.60
O8A COA L . -12.01 -36.65 -14.79
O9A COA L . -10.73 -36.53 -12.50
C4B COA L . -12.92 -32.57 -12.43
O4B COA L . -13.17 -32.16 -11.08
C5B COA L . -14.28 -32.48 -13.17
O5B COA L . -15.29 -33.30 -12.57
P1A COA L . -16.87 -32.98 -12.75
O1A COA L . -17.19 -32.78 -14.32
O2A COA L . -17.71 -34.23 -12.17
O3A COA L . -17.36 -31.67 -11.94
P2A COA L . -16.94 -30.13 -12.25
O4A COA L . -15.90 -30.00 -13.47
O5A COA L . -18.25 -29.27 -12.59
O6A COA L . -16.27 -29.57 -10.91
CBP COA L . -16.22 -28.84 -8.55
CCP COA L . -16.83 -29.81 -9.60
CDP COA L . -17.11 -28.90 -7.28
CEP COA L . -14.81 -29.40 -8.18
CAP COA L . -16.15 -27.37 -9.16
OAP COA L . -17.48 -26.88 -9.30
C9P COA L . -15.28 -26.36 -8.38
O9P COA L . -14.06 -26.55 -8.33
N8P COA L . -15.88 -25.28 -7.80
C7P COA L . -15.05 -24.17 -7.27
C6P COA L . -14.58 -24.49 -5.83
C5P COA L . -13.66 -23.39 -5.26
O5P COA L . -12.52 -23.27 -5.75
N4P COA L . -14.16 -22.62 -4.27
C3P COA L . -13.31 -21.90 -3.29
C2P COA L . -12.28 -22.86 -2.65
S1P COA L . -13.17 -24.07 -1.61
C1 MAH M . 7.36 -15.80 15.65
C2 MAH M . 6.90 -14.40 15.31
C3 MAH M . 7.96 -13.28 15.30
C4 MAH M . 7.27 -11.96 14.91
C5 MAH M . 8.09 -10.68 14.99
C6 MAH M . 8.72 -13.16 16.65
O1 MAH M . 6.52 -16.70 15.71
O2 MAH M . 8.57 -16.06 15.84
O3 MAH M . 8.12 -10.06 16.10
O4 MAH M . 8.70 -10.31 13.97
O7 MAH M . 8.93 -13.54 14.30
C1 MAH N . -13.08 -19.15 -0.69
C2 MAH N . -12.20 -18.19 -1.46
C3 MAH N . -12.91 -17.15 -2.35
C4 MAH N . -11.82 -16.27 -3.02
C5 MAH N . -12.28 -15.22 -4.01
C6 MAH N . -13.87 -17.78 -3.38
O1 MAH N . -12.56 -20.00 0.00
O2 MAH N . -14.32 -19.07 -0.75
O3 MAH N . -12.34 -15.54 -5.21
O4 MAH N . -12.57 -14.07 -3.57
O7 MAH N . -13.68 -16.29 -1.52
#